data_6BQW
#
_entry.id   6BQW
#
loop_
_entity.id
_entity.type
_entity.pdbx_description
1 polymer 'Bacterial actin AlfA'
2 non-polymer 'PHOSPHOAMINOPHOSPHONIC ACID-ADENYLATE ESTER'
#
_entity_poly.entity_id   1
_entity_poly.type   'polypeptide(L)'
_entity_poly.pdbx_seq_one_letter_code
;MTLTTVIDIGNFSTKYAYKDKKQIKVGSFPSILHSYKPLEDYEGMERVEYNGLDYYVGETVKNFYFGREEQMYFGNTRKG
HMEGQIRLVYALYTIFKETGKKEFNLILTCPYESMVTDKKYFVQHFEGEREVIVEGKSFKFTVHNIVMAAEGLGALNFSD
SLNCVIVDAGSKTLNVLYLINGSISKMDSHTINGGTIDNSIMDLAKTFAKTCSNIDYDYPIVCTGGKAEEMKECLENVGY
STVSSAELGEDKPSYYVNSVGLLLKYGRKFEEMFA
;
_entity_poly.pdbx_strand_id   A,B,C,D,E,F,G,H,I
#
# COMPACT_ATOMS: atom_id res chain seq x y z
N MET A 1 -3.14 -41.14 2.04
CA MET A 1 -2.72 -39.77 2.33
C MET A 1 -3.48 -38.78 1.49
N THR A 2 -2.97 -38.52 0.29
CA THR A 2 -3.57 -37.54 -0.60
C THR A 2 -3.91 -36.27 0.16
N LEU A 3 -5.15 -36.17 0.61
CA LEU A 3 -5.56 -35.09 1.46
C LEU A 3 -5.50 -33.76 0.76
N THR A 4 -6.62 -33.36 0.17
CA THR A 4 -6.72 -32.05 -0.43
C THR A 4 -6.38 -31.00 0.61
N THR A 5 -5.36 -30.22 0.34
CA THR A 5 -4.97 -29.18 1.26
C THR A 5 -4.96 -27.81 0.64
N VAL A 6 -6.10 -27.15 0.67
CA VAL A 6 -6.16 -25.77 0.25
C VAL A 6 -5.80 -24.89 1.40
N ILE A 7 -4.64 -24.29 1.34
CA ILE A 7 -4.12 -23.52 2.46
C ILE A 7 -3.87 -22.08 2.11
N ASP A 8 -4.36 -21.21 2.96
CA ASP A 8 -4.21 -19.78 2.80
C ASP A 8 -3.11 -19.27 3.71
N ILE A 9 -2.12 -18.62 3.13
CA ILE A 9 -0.97 -18.12 3.89
C ILE A 9 -1.19 -16.69 4.40
N GLY A 10 -2.46 -16.30 4.53
CA GLY A 10 -2.87 -14.96 4.97
C GLY A 10 -1.88 -14.22 5.87
N ASN A 11 -1.64 -12.96 5.51
CA ASN A 11 -0.68 -12.13 6.20
C ASN A 11 -1.12 -11.79 7.61
N PHE A 12 -2.41 -11.83 7.86
CA PHE A 12 -2.89 -11.69 9.22
C PHE A 12 -2.92 -13.04 9.88
N SER A 13 -3.49 -14.00 9.20
CA SER A 13 -3.57 -15.35 9.72
C SER A 13 -3.75 -16.34 8.61
N THR A 14 -3.35 -17.57 8.85
CA THR A 14 -3.46 -18.61 7.86
C THR A 14 -4.67 -19.45 8.12
N LYS A 15 -5.01 -20.29 7.16
CA LYS A 15 -6.10 -21.21 7.35
C LYS A 15 -6.08 -22.36 6.37
N TYR A 16 -6.77 -23.43 6.74
CA TYR A 16 -6.76 -24.65 5.95
C TYR A 16 -8.15 -25.21 5.75
N ALA A 17 -8.55 -25.34 4.49
CA ALA A 17 -9.83 -25.94 4.18
C ALA A 17 -9.81 -27.43 4.47
N TYR A 18 -10.11 -27.79 5.70
CA TYR A 18 -10.06 -29.17 6.13
C TYR A 18 -11.29 -29.94 5.74
N LYS A 19 -11.34 -30.36 4.49
CA LYS A 19 -12.49 -31.08 3.95
C LYS A 19 -13.06 -32.10 4.91
N ASP A 20 -12.17 -32.84 5.58
CA ASP A 20 -12.57 -33.84 6.57
C ASP A 20 -13.76 -34.64 6.11
N LYS A 21 -13.69 -35.17 4.90
CA LYS A 21 -14.76 -35.97 4.36
C LYS A 21 -16.09 -35.21 4.38
N LYS A 22 -16.81 -35.34 5.48
CA LYS A 22 -18.19 -34.90 5.56
C LYS A 22 -18.33 -33.39 5.66
N GLN A 23 -17.34 -32.72 6.22
CA GLN A 23 -17.49 -31.28 6.45
C GLN A 23 -16.16 -30.55 6.51
N ILE A 24 -16.10 -29.43 5.80
CA ILE A 24 -14.87 -28.67 5.75
C ILE A 24 -14.66 -27.91 7.06
N LYS A 25 -13.62 -28.28 7.80
CA LYS A 25 -13.22 -27.54 9.00
C LYS A 25 -12.13 -26.57 8.61
N VAL A 26 -11.73 -25.68 9.51
CA VAL A 26 -10.69 -24.74 9.15
C VAL A 26 -9.49 -24.79 10.06
N GLY A 27 -8.35 -25.24 9.53
CA GLY A 27 -7.11 -25.25 10.29
C GLY A 27 -6.46 -23.89 10.23
N SER A 28 -6.85 -23.00 11.13
CA SER A 28 -6.35 -21.63 11.12
C SER A 28 -5.48 -21.30 12.31
N PHE A 29 -4.66 -20.27 12.16
CA PHE A 29 -3.86 -19.72 13.25
C PHE A 29 -3.21 -18.42 12.82
N PRO A 30 -2.88 -17.54 13.77
CA PRO A 30 -2.19 -16.27 13.62
C PRO A 30 -0.91 -16.45 12.85
N SER A 31 -0.73 -15.66 11.81
CA SER A 31 0.41 -15.84 10.93
C SER A 31 1.58 -14.95 11.34
N ILE A 32 1.43 -14.29 12.47
CA ILE A 32 2.50 -13.50 13.03
C ILE A 32 3.59 -14.42 13.52
N LEU A 33 4.83 -14.09 13.23
CA LEU A 33 5.94 -14.97 13.60
C LEU A 33 7.18 -14.18 13.95
N HIS A 34 8.14 -14.84 14.57
CA HIS A 34 9.36 -14.19 14.99
C HIS A 34 10.53 -15.14 14.94
N SER A 35 11.68 -14.63 14.55
CA SER A 35 12.87 -15.45 14.38
C SER A 35 13.48 -15.88 15.72
N TYR A 36 14.57 -16.62 15.62
CA TYR A 36 15.33 -17.17 16.75
C TYR A 36 14.60 -18.21 17.56
N LYS A 37 15.21 -19.40 17.60
CA LYS A 37 14.75 -20.53 18.37
C LYS A 37 14.94 -20.35 19.87
N PRO A 38 16.18 -20.07 20.33
CA PRO A 38 16.69 -20.26 21.67
C PRO A 38 16.23 -19.19 22.63
N LEU A 39 14.97 -19.30 23.05
CA LEU A 39 14.47 -18.40 24.06
C LEU A 39 14.71 -18.95 25.45
N GLU A 40 13.97 -20.02 25.82
CA GLU A 40 14.12 -20.72 27.12
C GLU A 40 12.76 -20.99 27.76
N ASP A 41 12.59 -22.22 28.30
CA ASP A 41 11.36 -22.63 29.02
C ASP A 41 10.16 -21.81 28.67
N TYR A 42 9.62 -22.05 27.49
CA TYR A 42 8.74 -21.10 26.88
C TYR A 42 7.28 -21.56 26.79
N GLU A 43 6.97 -22.38 25.77
CA GLU A 43 5.58 -22.79 25.50
C GLU A 43 4.78 -21.64 24.85
N GLY A 44 3.63 -21.97 24.24
CA GLY A 44 2.82 -21.00 23.49
C GLY A 44 3.14 -21.05 22.00
N MET A 45 4.08 -20.23 21.53
CA MET A 45 4.55 -20.40 20.17
C MET A 45 5.37 -21.65 20.07
N GLU A 46 5.58 -22.11 18.86
CA GLU A 46 6.41 -23.28 18.68
C GLU A 46 7.58 -22.99 17.78
N ARG A 47 8.71 -23.63 18.10
CA ARG A 47 9.93 -23.45 17.36
C ARG A 47 9.87 -24.18 16.06
N VAL A 48 9.91 -23.46 14.96
CA VAL A 48 9.89 -24.09 13.66
C VAL A 48 11.22 -23.96 12.97
N GLU A 49 11.78 -25.10 12.60
CA GLU A 49 13.05 -25.13 11.91
C GLU A 49 12.92 -25.82 10.56
N TYR A 50 13.12 -25.05 9.49
CA TYR A 50 12.86 -25.55 8.15
C TYR A 50 13.62 -24.76 7.10
N ASN A 51 14.24 -25.48 6.16
CA ASN A 51 15.02 -24.84 5.10
C ASN A 51 16.05 -23.87 5.63
N GLY A 52 16.62 -24.16 6.79
CA GLY A 52 17.62 -23.29 7.39
C GLY A 52 16.99 -22.02 7.96
N LEU A 53 15.68 -22.04 8.13
CA LEU A 53 14.97 -20.90 8.69
C LEU A 53 14.51 -21.22 10.10
N ASP A 54 14.50 -20.20 10.94
CA ASP A 54 14.31 -20.38 12.36
C ASP A 54 13.32 -19.38 12.93
N TYR A 55 12.08 -19.82 13.12
CA TYR A 55 11.05 -18.91 13.60
C TYR A 55 10.15 -19.54 14.66
N TYR A 56 9.69 -18.70 15.56
CA TYR A 56 8.58 -19.03 16.43
C TYR A 56 7.28 -18.68 15.74
N VAL A 57 6.26 -19.51 15.94
CA VAL A 57 4.91 -19.19 15.46
C VAL A 57 3.86 -19.55 16.48
N GLY A 58 2.77 -18.80 16.51
CA GLY A 58 1.66 -19.08 17.43
C GLY A 58 1.22 -17.83 18.18
N GLU A 59 0.03 -17.88 18.75
CA GLU A 59 -0.64 -16.74 19.39
C GLU A 59 0.31 -15.87 20.23
N THR A 60 1.12 -16.51 21.05
CA THR A 60 1.94 -15.80 22.02
C THR A 60 2.93 -14.85 21.37
N VAL A 61 3.20 -15.06 20.09
CA VAL A 61 4.09 -14.19 19.35
C VAL A 61 3.77 -12.72 19.54
N LYS A 62 2.51 -12.40 19.76
CA LYS A 62 2.11 -11.04 19.98
C LYS A 62 2.84 -10.49 21.18
N ASN A 63 2.99 -11.33 22.19
CA ASN A 63 3.73 -10.95 23.37
C ASN A 63 5.17 -10.74 23.02
N PHE A 64 5.66 -11.51 22.07
CA PHE A 64 7.04 -11.38 21.66
C PHE A 64 7.29 -10.04 20.98
N TYR A 65 6.26 -9.47 20.38
CA TYR A 65 6.37 -8.16 19.77
C TYR A 65 5.86 -7.04 20.64
N PHE A 66 5.63 -7.32 21.91
CA PHE A 66 4.96 -6.33 22.74
C PHE A 66 5.65 -5.00 22.68
N GLY A 67 4.93 -4.00 22.21
CA GLY A 67 5.47 -2.65 22.07
C GLY A 67 5.85 -2.40 20.63
N ARG A 68 6.37 -3.42 19.96
CA ARG A 68 6.66 -3.34 18.55
C ARG A 68 5.40 -3.64 17.75
N GLU A 69 4.38 -2.82 17.95
CA GLU A 69 3.06 -3.09 17.39
C GLU A 69 3.00 -2.70 15.94
N GLU A 70 3.80 -3.34 15.13
CA GLU A 70 3.96 -3.00 13.75
C GLU A 70 4.63 -4.12 13.03
N GLN A 71 5.82 -4.46 13.49
CA GLN A 71 6.53 -5.61 13.00
C GLN A 71 5.68 -6.87 13.04
N MET A 72 4.67 -6.88 13.91
CA MET A 72 3.78 -8.01 14.03
C MET A 72 3.34 -8.57 12.68
N TYR A 73 3.09 -7.72 11.71
CA TYR A 73 2.60 -8.22 10.45
C TYR A 73 3.60 -8.05 9.36
N PHE A 74 3.67 -9.05 8.51
CA PHE A 74 4.44 -9.00 7.29
C PHE A 74 3.52 -9.02 6.10
N GLY A 75 2.95 -7.86 5.78
CA GLY A 75 1.85 -7.78 4.81
C GLY A 75 2.31 -7.28 3.45
N ASN A 76 1.33 -6.93 2.62
CA ASN A 76 1.59 -6.46 1.25
C ASN A 76 2.56 -7.35 0.51
N THR A 77 2.44 -8.62 0.76
CA THR A 77 3.28 -9.58 0.12
C THR A 77 2.74 -9.86 -1.23
N ARG A 78 3.11 -9.04 -2.20
CA ARG A 78 2.75 -9.29 -3.58
C ARG A 78 3.59 -10.43 -4.11
N LYS A 79 3.44 -11.60 -3.50
CA LYS A 79 4.29 -12.77 -3.67
C LYS A 79 4.33 -13.56 -2.38
N GLY A 80 4.79 -14.80 -2.46
CA GLY A 80 5.02 -15.60 -1.26
C GLY A 80 6.37 -15.25 -0.71
N HIS A 81 6.78 -15.93 0.35
CA HIS A 81 8.10 -15.73 0.93
C HIS A 81 8.19 -14.41 1.69
N MET A 82 9.07 -14.36 2.68
CA MET A 82 9.93 -15.47 3.04
C MET A 82 9.35 -16.16 4.22
N GLU A 83 8.83 -15.36 5.13
CA GLU A 83 8.15 -15.84 6.31
C GLU A 83 6.94 -16.66 5.93
N GLY A 84 6.40 -16.40 4.74
CA GLY A 84 5.32 -17.19 4.23
C GLY A 84 5.66 -18.67 4.25
N GLN A 85 6.91 -19.00 3.97
CA GLN A 85 7.33 -20.39 3.98
C GLN A 85 6.99 -20.99 5.30
N ILE A 86 7.39 -20.30 6.35
CA ILE A 86 7.16 -20.76 7.69
C ILE A 86 5.68 -20.92 7.94
N ARG A 87 4.90 -19.96 7.48
CA ARG A 87 3.48 -20.02 7.67
C ARG A 87 2.94 -21.31 7.13
N LEU A 88 3.34 -21.62 5.90
CA LEU A 88 2.92 -22.83 5.26
C LEU A 88 3.39 -24.02 6.03
N VAL A 89 4.65 -24.02 6.41
CA VAL A 89 5.19 -25.13 7.15
C VAL A 89 4.35 -25.44 8.35
N TYR A 90 4.15 -24.44 9.19
CA TYR A 90 3.48 -24.67 10.42
C TYR A 90 2.08 -25.13 10.19
N ALA A 91 1.47 -24.61 9.14
CA ALA A 91 0.15 -25.08 8.77
C ALA A 91 0.21 -26.55 8.48
N LEU A 92 1.14 -26.95 7.64
CA LEU A 92 1.21 -28.33 7.27
C LEU A 92 1.41 -29.17 8.50
N TYR A 93 2.23 -28.69 9.41
CA TYR A 93 2.43 -29.35 10.66
C TYR A 93 1.15 -29.42 11.45
N THR A 94 0.45 -28.31 11.51
CA THR A 94 -0.78 -28.24 12.25
C THR A 94 -1.75 -29.26 11.76
N ILE A 95 -1.96 -29.28 10.47
CA ILE A 95 -2.96 -30.14 9.92
C ILE A 95 -2.47 -31.55 9.93
N PHE A 96 -1.16 -31.73 9.86
CA PHE A 96 -0.57 -33.02 10.09
C PHE A 96 -1.00 -33.54 11.41
N LYS A 97 -0.85 -32.73 12.43
CA LYS A 97 -1.29 -33.13 13.74
C LYS A 97 -2.76 -33.45 13.73
N GLU A 98 -3.53 -32.62 13.04
CA GLU A 98 -4.97 -32.78 13.02
C GLU A 98 -5.39 -34.07 12.37
N THR A 99 -4.70 -34.44 11.32
CA THR A 99 -5.05 -35.63 10.60
C THR A 99 -4.22 -36.80 11.03
N GLY A 100 -2.99 -36.51 11.42
CA GLY A 100 -2.01 -37.54 11.66
C GLY A 100 -1.44 -38.04 10.34
N LYS A 101 -1.45 -37.19 9.31
CA LYS A 101 -1.07 -37.61 7.96
C LYS A 101 0.04 -36.78 7.33
N LYS A 102 0.68 -37.33 6.31
CA LYS A 102 1.81 -36.69 5.64
C LYS A 102 1.43 -36.16 4.27
N GLU A 103 1.93 -36.81 3.22
CA GLU A 103 1.78 -36.32 1.86
C GLU A 103 0.54 -35.50 1.69
N PHE A 104 0.72 -34.25 1.32
CA PHE A 104 -0.38 -33.32 1.21
C PHE A 104 -0.69 -33.02 -0.23
N ASN A 105 -1.97 -32.80 -0.53
CA ASN A 105 -2.32 -32.30 -1.84
C ASN A 105 -2.39 -30.78 -1.83
N LEU A 106 -1.22 -30.15 -1.89
CA LEU A 106 -1.12 -28.74 -1.59
C LEU A 106 -1.71 -27.86 -2.66
N ILE A 107 -2.64 -27.01 -2.23
CA ILE A 107 -3.22 -25.99 -3.07
C ILE A 107 -3.05 -24.63 -2.39
N LEU A 108 -2.31 -23.74 -3.02
CA LEU A 108 -2.01 -22.46 -2.42
C LEU A 108 -2.66 -21.33 -3.16
N THR A 109 -2.86 -20.23 -2.46
CA THR A 109 -3.46 -19.06 -3.07
C THR A 109 -2.58 -17.85 -2.88
N CYS A 110 -2.65 -16.92 -3.81
CA CYS A 110 -1.84 -15.71 -3.74
C CYS A 110 -2.37 -14.68 -4.73
N PRO A 111 -1.97 -13.42 -4.60
CA PRO A 111 -2.26 -12.32 -5.48
C PRO A 111 -2.03 -12.75 -6.90
N TYR A 112 -3.05 -12.60 -7.73
CA TYR A 112 -3.06 -13.24 -9.03
C TYR A 112 -1.79 -13.01 -9.81
N GLU A 113 -1.34 -11.77 -9.87
CA GLU A 113 -0.20 -11.44 -10.70
C GLU A 113 1.10 -12.07 -10.21
N SER A 114 1.11 -12.55 -8.98
CA SER A 114 2.32 -13.15 -8.44
C SER A 114 2.34 -14.65 -8.59
N MET A 115 1.25 -15.23 -9.07
CA MET A 115 1.07 -16.67 -9.06
C MET A 115 2.23 -17.43 -9.67
N VAL A 116 2.75 -16.92 -10.78
CA VAL A 116 3.87 -17.58 -11.42
C VAL A 116 5.08 -17.56 -10.52
N THR A 117 5.38 -16.40 -9.98
CA THR A 117 6.51 -16.25 -9.08
C THR A 117 6.34 -17.14 -7.88
N ASP A 118 5.15 -17.17 -7.35
CA ASP A 118 4.86 -17.93 -6.18
C ASP A 118 4.94 -19.40 -6.44
N LYS A 119 4.53 -19.82 -7.62
CA LYS A 119 4.72 -21.19 -7.99
C LYS A 119 6.19 -21.53 -7.92
N LYS A 120 7.02 -20.69 -8.51
CA LYS A 120 8.46 -20.89 -8.45
C LYS A 120 8.91 -20.98 -7.01
N TYR A 121 8.44 -20.04 -6.21
CA TYR A 121 8.82 -19.92 -4.82
C TYR A 121 8.58 -21.19 -4.06
N PHE A 122 7.33 -21.61 -4.03
CA PHE A 122 6.96 -22.70 -3.18
C PHE A 122 7.36 -24.03 -3.77
N VAL A 123 7.36 -24.13 -5.09
CA VAL A 123 7.85 -25.33 -5.70
C VAL A 123 9.27 -25.58 -5.30
N GLN A 124 10.10 -24.56 -5.41
CA GLN A 124 11.47 -24.71 -4.98
C GLN A 124 11.56 -25.14 -3.53
N HIS A 125 10.77 -24.52 -2.68
CA HIS A 125 10.96 -24.72 -1.26
C HIS A 125 10.03 -25.74 -0.64
N PHE A 126 9.12 -26.32 -1.43
CA PHE A 126 8.18 -27.29 -0.87
C PHE A 126 7.84 -28.45 -1.78
N GLU A 127 7.99 -28.29 -3.07
CA GLU A 127 7.63 -29.37 -3.98
C GLU A 127 8.49 -30.59 -3.71
N GLY A 128 7.84 -31.71 -3.45
CA GLY A 128 8.55 -32.97 -3.24
C GLY A 128 8.77 -33.25 -1.77
N GLU A 129 9.70 -34.15 -1.49
CA GLU A 129 9.99 -34.56 -0.12
C GLU A 129 10.60 -33.43 0.67
N ARG A 130 10.06 -33.20 1.86
CA ARG A 130 10.58 -32.18 2.77
C ARG A 130 10.44 -32.65 4.21
N GLU A 131 11.16 -32.02 5.12
CA GLU A 131 11.02 -32.36 6.52
C GLU A 131 11.28 -31.18 7.41
N VAL A 132 10.59 -31.13 8.53
CA VAL A 132 10.66 -30.00 9.43
C VAL A 132 10.79 -30.45 10.86
N ILE A 133 11.52 -29.69 11.64
CA ILE A 133 11.58 -29.94 13.05
C ILE A 133 10.82 -28.88 13.80
N VAL A 134 9.82 -29.31 14.54
CA VAL A 134 9.04 -28.39 15.33
C VAL A 134 9.17 -28.72 16.79
N GLU A 135 9.64 -27.77 17.56
CA GLU A 135 9.85 -27.98 18.99
C GLU A 135 10.69 -29.22 19.28
N GLY A 136 11.65 -29.51 18.41
CA GLY A 136 12.51 -30.66 18.61
C GLY A 136 11.94 -31.93 18.01
N LYS A 137 10.72 -31.88 17.52
CA LYS A 137 10.10 -33.03 16.91
C LYS A 137 10.18 -32.97 15.41
N SER A 138 10.86 -33.95 14.82
CA SER A 138 11.01 -33.99 13.39
C SER A 138 9.72 -34.37 12.70
N PHE A 139 9.69 -34.20 11.40
CA PHE A 139 8.50 -34.53 10.63
C PHE A 139 8.78 -34.51 9.15
N LYS A 140 8.76 -35.69 8.54
CA LYS A 140 8.96 -35.82 7.12
C LYS A 140 7.64 -35.80 6.40
N PHE A 141 7.64 -35.27 5.20
CA PHE A 141 6.41 -35.13 4.44
C PHE A 141 6.71 -34.81 2.99
N THR A 142 5.68 -34.73 2.18
CA THR A 142 5.90 -34.43 0.77
C THR A 142 4.69 -33.83 0.08
N VAL A 143 4.95 -33.11 -1.01
CA VAL A 143 3.91 -32.63 -1.89
C VAL A 143 4.26 -32.92 -3.33
N HIS A 144 3.33 -33.52 -4.05
CA HIS A 144 3.57 -33.81 -5.45
C HIS A 144 2.53 -33.19 -6.34
N ASN A 145 2.76 -31.90 -6.66
CA ASN A 145 1.91 -31.05 -7.52
C ASN A 145 1.30 -29.91 -6.73
N ILE A 146 2.11 -28.92 -6.38
CA ILE A 146 1.56 -27.74 -5.72
C ILE A 146 0.68 -26.97 -6.68
N VAL A 147 -0.60 -26.86 -6.35
CA VAL A 147 -1.53 -26.14 -7.21
C VAL A 147 -1.69 -24.72 -6.73
N MET A 148 -1.43 -23.77 -7.61
CA MET A 148 -1.57 -22.37 -7.26
C MET A 148 -2.90 -21.82 -7.74
N ALA A 149 -3.46 -20.89 -6.98
CA ALA A 149 -4.71 -20.24 -7.36
C ALA A 149 -4.73 -18.80 -6.92
N ALA A 150 -5.72 -18.05 -7.37
CA ALA A 150 -5.81 -16.64 -7.06
C ALA A 150 -6.42 -16.42 -5.67
N GLU A 151 -5.76 -15.61 -4.87
CA GLU A 151 -6.23 -15.31 -3.53
C GLU A 151 -7.59 -14.67 -3.56
N GLY A 152 -8.54 -15.27 -2.85
CA GLY A 152 -9.90 -14.76 -2.79
C GLY A 152 -10.81 -15.45 -3.79
N LEU A 153 -10.23 -16.21 -4.71
CA LEU A 153 -10.98 -16.84 -5.78
C LEU A 153 -12.15 -17.65 -5.24
N GLY A 154 -11.93 -18.30 -4.10
CA GLY A 154 -12.92 -19.20 -3.54
C GLY A 154 -14.28 -18.56 -3.31
N ALA A 155 -14.31 -17.24 -3.15
CA ALA A 155 -15.56 -16.53 -2.90
C ALA A 155 -16.57 -16.76 -4.01
N LEU A 156 -16.08 -17.16 -5.18
CA LEU A 156 -16.91 -17.41 -6.33
C LEU A 156 -18.08 -18.35 -6.01
N ASN A 157 -17.90 -19.26 -5.06
CA ASN A 157 -18.94 -20.21 -4.72
C ASN A 157 -20.18 -19.52 -4.15
N PHE A 158 -20.02 -18.32 -3.62
CA PHE A 158 -21.15 -17.55 -3.14
C PHE A 158 -21.50 -16.46 -4.11
N SER A 159 -20.60 -16.22 -5.05
CA SER A 159 -20.77 -15.16 -6.01
C SER A 159 -21.72 -15.57 -7.13
N ASP A 160 -23.01 -15.40 -6.89
CA ASP A 160 -24.05 -15.84 -7.81
C ASP A 160 -23.76 -15.44 -9.24
N SER A 161 -23.47 -16.44 -10.08
CA SER A 161 -23.31 -16.24 -11.52
C SER A 161 -22.37 -15.10 -11.85
N LEU A 162 -21.36 -14.93 -11.03
CA LEU A 162 -20.48 -13.80 -11.18
C LEU A 162 -19.80 -13.79 -12.53
N ASN A 163 -20.01 -12.71 -13.26
CA ASN A 163 -19.20 -12.42 -14.42
C ASN A 163 -18.41 -11.16 -14.18
N CYS A 164 -18.25 -10.80 -12.91
CA CYS A 164 -17.51 -9.60 -12.55
C CYS A 164 -16.52 -9.82 -11.38
N VAL A 165 -16.60 -8.97 -10.37
CA VAL A 165 -15.45 -8.75 -9.51
C VAL A 165 -15.61 -9.22 -8.07
N ILE A 166 -14.54 -9.87 -7.57
CA ILE A 166 -14.39 -10.18 -6.16
C ILE A 166 -13.42 -9.21 -5.50
N VAL A 167 -13.82 -8.62 -4.39
CA VAL A 167 -12.96 -7.72 -3.64
C VAL A 167 -12.49 -8.36 -2.35
N ASP A 168 -11.18 -8.53 -2.21
CA ASP A 168 -10.62 -9.22 -1.06
C ASP A 168 -9.96 -8.28 -0.06
N ALA A 169 -10.69 -7.94 0.98
CA ALA A 169 -10.22 -6.98 1.97
C ALA A 169 -9.40 -7.65 3.06
N GLY A 170 -8.13 -7.92 2.78
CA GLY A 170 -7.29 -8.63 3.75
C GLY A 170 -6.28 -7.72 4.47
N SER A 171 -5.74 -8.22 5.60
CA SER A 171 -4.64 -7.62 6.35
C SER A 171 -4.17 -6.34 5.75
N LYS A 172 -3.03 -6.41 5.09
CA LYS A 172 -2.53 -5.30 4.34
C LYS A 172 -2.44 -5.67 2.88
N THR A 173 -3.46 -6.34 2.35
CA THR A 173 -3.52 -6.65 0.92
C THR A 173 -4.94 -6.59 0.41
N LEU A 174 -5.13 -5.94 -0.72
CA LEU A 174 -6.43 -5.86 -1.35
C LEU A 174 -6.42 -6.50 -2.72
N ASN A 175 -7.13 -7.62 -2.88
CA ASN A 175 -7.17 -8.27 -4.19
C ASN A 175 -8.42 -7.93 -4.95
N VAL A 176 -8.26 -7.64 -6.24
CA VAL A 176 -9.40 -7.45 -7.12
C VAL A 176 -9.41 -8.49 -8.21
N LEU A 177 -10.34 -9.43 -8.11
CA LEU A 177 -10.46 -10.47 -9.11
C LEU A 177 -11.62 -10.21 -10.02
N TYR A 178 -11.32 -9.71 -11.20
CA TYR A 178 -12.32 -9.51 -12.19
C TYR A 178 -12.51 -10.80 -12.93
N LEU A 179 -13.40 -11.62 -12.41
CA LEU A 179 -13.70 -12.88 -13.02
C LEU A 179 -14.74 -12.71 -14.09
N ILE A 180 -14.62 -13.44 -15.16
CA ILE A 180 -15.64 -13.41 -16.19
C ILE A 180 -16.02 -14.79 -16.58
N ASN A 181 -17.31 -15.08 -16.54
CA ASN A 181 -17.85 -16.40 -16.81
C ASN A 181 -17.41 -17.41 -15.74
N GLY A 182 -16.12 -17.67 -15.68
CA GLY A 182 -15.55 -18.50 -14.62
C GLY A 182 -14.04 -18.53 -14.72
N SER A 183 -13.46 -17.44 -15.21
CA SER A 183 -12.01 -17.35 -15.31
C SER A 183 -11.53 -16.00 -14.88
N ILE A 184 -10.23 -15.80 -14.91
CA ILE A 184 -9.62 -14.59 -14.39
C ILE A 184 -9.16 -13.67 -15.50
N SER A 185 -9.69 -12.46 -15.51
CA SER A 185 -9.25 -11.51 -16.52
C SER A 185 -7.92 -10.92 -16.15
N LYS A 186 -6.85 -11.62 -16.50
CA LYS A 186 -5.50 -11.18 -16.21
C LYS A 186 -5.26 -9.74 -16.60
N MET A 187 -5.74 -9.37 -17.76
CA MET A 187 -5.48 -8.05 -18.31
C MET A 187 -6.23 -6.95 -17.57
N ASP A 188 -7.15 -7.31 -16.69
CA ASP A 188 -7.87 -6.31 -15.92
C ASP A 188 -7.65 -6.43 -14.42
N SER A 189 -7.60 -7.68 -13.93
CA SER A 189 -7.49 -7.94 -12.50
C SER A 189 -6.14 -7.54 -11.97
N HIS A 190 -6.10 -7.17 -10.69
CA HIS A 190 -4.83 -6.76 -10.08
C HIS A 190 -4.95 -6.66 -8.58
N THR A 191 -3.81 -6.58 -7.91
CA THR A 191 -3.79 -6.47 -6.47
C THR A 191 -3.33 -5.09 -6.02
N ILE A 192 -3.90 -4.61 -4.93
CA ILE A 192 -3.73 -3.25 -4.48
C ILE A 192 -3.14 -3.18 -3.08
N ASN A 193 -2.23 -2.24 -2.86
CA ASN A 193 -1.71 -1.97 -1.52
C ASN A 193 -2.43 -0.76 -0.92
N GLY A 194 -2.63 -0.72 0.40
CA GLY A 194 -2.28 -1.79 1.33
C GLY A 194 -3.48 -2.66 1.61
N GLY A 195 -4.05 -2.51 2.81
CA GLY A 195 -5.22 -3.28 3.17
C GLY A 195 -5.83 -2.85 4.49
N THR A 196 -6.53 -3.77 5.12
CA THR A 196 -7.36 -3.50 6.28
C THR A 196 -6.62 -2.82 7.41
N ILE A 197 -5.41 -3.28 7.68
CA ILE A 197 -4.72 -2.84 8.88
C ILE A 197 -4.22 -1.42 8.77
N ASP A 198 -3.61 -1.08 7.63
CA ASP A 198 -2.90 0.19 7.51
C ASP A 198 -3.80 1.40 7.31
N ASN A 199 -5.05 1.20 6.92
CA ASN A 199 -5.96 2.33 6.76
C ASN A 199 -7.42 1.91 6.83
N SER A 200 -8.31 2.88 6.68
CA SER A 200 -9.73 2.64 6.90
C SER A 200 -10.38 1.88 5.78
N ILE A 201 -11.46 1.22 6.11
CA ILE A 201 -12.26 0.56 5.11
C ILE A 201 -12.68 1.52 4.04
N MET A 202 -13.03 2.74 4.44
CA MET A 202 -13.42 3.74 3.48
C MET A 202 -12.25 4.11 2.60
N ASP A 203 -11.07 4.16 3.19
CA ASP A 203 -9.88 4.48 2.42
C ASP A 203 -9.67 3.44 1.36
N LEU A 204 -9.82 2.19 1.75
CA LEU A 204 -9.71 1.10 0.82
C LEU A 204 -10.77 1.18 -0.23
N ALA A 205 -11.98 1.44 0.19
CA ALA A 205 -13.10 1.47 -0.72
C ALA A 205 -12.87 2.50 -1.79
N LYS A 206 -12.42 3.67 -1.38
CA LYS A 206 -12.16 4.72 -2.32
C LYS A 206 -10.97 4.39 -3.18
N THR A 207 -9.96 3.76 -2.59
CA THR A 207 -8.81 3.31 -3.34
C THR A 207 -9.23 2.34 -4.42
N PHE A 208 -10.04 1.38 -4.03
CA PHE A 208 -10.58 0.41 -4.95
C PHE A 208 -11.27 1.09 -6.10
N ALA A 209 -12.14 2.04 -5.78
CA ALA A 209 -12.89 2.74 -6.79
C ALA A 209 -11.97 3.40 -7.79
N LYS A 210 -10.92 4.04 -7.29
CA LYS A 210 -9.97 4.68 -8.16
C LYS A 210 -9.30 3.68 -9.07
N THR A 211 -8.94 2.52 -8.52
CA THR A 211 -8.22 1.52 -9.26
C THR A 211 -9.10 0.79 -10.24
N CYS A 212 -10.39 0.80 -10.00
CA CYS A 212 -11.29 0.09 -10.88
C CYS A 212 -12.49 0.92 -11.25
N SER A 213 -12.24 2.09 -11.81
CA SER A 213 -13.30 2.96 -12.27
C SER A 213 -14.02 2.35 -13.46
N ASN A 214 -13.38 1.38 -14.10
CA ASN A 214 -13.97 0.66 -15.21
C ASN A 214 -15.10 -0.26 -14.77
N ILE A 215 -15.26 -0.45 -13.47
CA ILE A 215 -16.36 -1.23 -12.96
C ILE A 215 -17.65 -0.44 -12.96
N ASP A 216 -18.65 -0.99 -13.60
CA ASP A 216 -19.97 -0.39 -13.57
C ASP A 216 -20.56 -0.51 -12.19
N TYR A 217 -21.25 0.52 -11.74
CA TYR A 217 -21.80 0.53 -10.39
C TYR A 217 -22.78 -0.61 -10.16
N ASP A 218 -23.34 -1.15 -11.24
CA ASP A 218 -24.28 -2.24 -11.12
C ASP A 218 -23.62 -3.59 -11.31
N TYR A 219 -22.30 -3.63 -11.39
CA TYR A 219 -21.63 -4.91 -11.40
C TYR A 219 -21.94 -5.64 -10.12
N PRO A 220 -22.01 -6.95 -10.17
CA PRO A 220 -22.03 -7.86 -9.05
C PRO A 220 -20.68 -7.87 -8.38
N ILE A 221 -20.60 -7.15 -7.27
CA ILE A 221 -19.37 -7.07 -6.51
C ILE A 221 -19.47 -7.92 -5.29
N VAL A 222 -18.58 -8.88 -5.18
CA VAL A 222 -18.61 -9.75 -4.03
C VAL A 222 -17.41 -9.52 -3.17
N CYS A 223 -17.67 -9.18 -1.93
CA CYS A 223 -16.62 -8.82 -1.01
C CYS A 223 -16.31 -9.96 -0.05
N THR A 224 -15.02 -10.26 0.09
CA THR A 224 -14.57 -11.33 0.95
C THR A 224 -13.36 -10.92 1.73
N GLY A 225 -13.07 -11.67 2.79
CA GLY A 225 -11.88 -11.44 3.59
C GLY A 225 -12.13 -10.44 4.69
N GLY A 226 -11.46 -10.63 5.82
CA GLY A 226 -11.45 -9.68 6.91
C GLY A 226 -12.79 -9.01 7.12
N LYS A 227 -12.81 -7.70 6.95
CA LYS A 227 -14.01 -6.91 7.16
C LYS A 227 -14.89 -6.92 5.93
N ALA A 228 -15.25 -8.11 5.46
CA ALA A 228 -15.96 -8.26 4.22
C ALA A 228 -17.29 -7.56 4.30
N GLU A 229 -17.99 -7.74 5.40
CA GLU A 229 -19.32 -7.20 5.55
C GLU A 229 -19.27 -5.68 5.60
N GLU A 230 -18.38 -5.17 6.40
CA GLU A 230 -18.26 -3.74 6.57
C GLU A 230 -17.81 -3.10 5.29
N MET A 231 -16.91 -3.77 4.60
CA MET A 231 -16.45 -3.31 3.31
C MET A 231 -17.58 -3.23 2.34
N LYS A 232 -18.37 -4.28 2.27
CA LYS A 232 -19.54 -4.28 1.41
C LYS A 232 -20.43 -3.11 1.73
N GLU A 233 -20.67 -2.91 3.02
CA GLU A 233 -21.50 -1.81 3.47
C GLU A 233 -20.96 -0.47 3.00
N CYS A 234 -19.65 -0.28 3.15
CA CYS A 234 -19.03 0.96 2.73
C CYS A 234 -19.10 1.14 1.23
N LEU A 235 -18.92 0.06 0.49
CA LEU A 235 -18.97 0.14 -0.95
C LEU A 235 -20.32 0.59 -1.43
N GLU A 236 -21.37 0.15 -0.73
CA GLU A 236 -22.70 0.64 -1.03
C GLU A 236 -22.76 2.12 -0.79
N ASN A 237 -22.15 2.58 0.27
CA ASN A 237 -22.12 3.99 0.57
C ASN A 237 -21.29 4.74 -0.45
N VAL A 238 -20.27 4.09 -1.00
CA VAL A 238 -19.52 4.67 -2.09
C VAL A 238 -20.42 4.87 -3.30
N GLY A 239 -21.24 3.87 -3.58
CA GLY A 239 -22.26 4.02 -4.60
C GLY A 239 -22.39 2.79 -5.49
N TYR A 240 -21.91 1.66 -5.02
CA TYR A 240 -22.08 0.44 -5.78
C TYR A 240 -23.32 -0.26 -5.32
N SER A 241 -24.11 -0.74 -6.26
CA SER A 241 -25.42 -1.26 -5.94
C SER A 241 -25.37 -2.72 -5.55
N THR A 242 -25.21 -3.58 -6.54
CA THR A 242 -25.23 -5.02 -6.32
C THR A 242 -23.95 -5.52 -5.68
N VAL A 243 -23.77 -5.19 -4.41
CA VAL A 243 -22.59 -5.63 -3.68
C VAL A 243 -22.99 -6.58 -2.58
N SER A 244 -22.27 -7.68 -2.45
CA SER A 244 -22.62 -8.67 -1.44
C SER A 244 -21.41 -9.25 -0.76
N SER A 245 -21.57 -9.61 0.49
CA SER A 245 -20.50 -10.25 1.24
C SER A 245 -20.62 -11.76 1.12
N ALA A 246 -19.49 -12.42 1.01
CA ALA A 246 -19.48 -13.87 0.83
C ALA A 246 -19.69 -14.62 2.13
N GLU A 247 -20.92 -14.61 2.62
CA GLU A 247 -21.22 -15.32 3.85
C GLU A 247 -20.86 -16.79 3.76
N LEU A 248 -20.00 -17.25 4.66
CA LEU A 248 -19.50 -18.61 4.60
C LEU A 248 -20.40 -19.59 5.30
N GLY A 249 -21.58 -19.82 4.71
CA GLY A 249 -22.52 -20.81 5.19
C GLY A 249 -22.62 -20.86 6.72
N GLU A 250 -21.85 -21.76 7.33
CA GLU A 250 -21.85 -21.96 8.78
C GLU A 250 -21.27 -20.78 9.52
N ASP A 251 -21.20 -20.89 10.84
CA ASP A 251 -20.62 -19.83 11.64
C ASP A 251 -19.11 -19.78 11.45
N LYS A 252 -18.72 -19.27 10.29
CA LYS A 252 -17.34 -19.24 9.88
C LYS A 252 -17.00 -17.90 9.28
N PRO A 253 -16.77 -16.91 10.12
CA PRO A 253 -16.70 -15.49 9.84
C PRO A 253 -15.87 -15.16 8.63
N SER A 254 -16.45 -14.30 7.78
CA SER A 254 -15.79 -13.63 6.65
C SER A 254 -14.46 -14.22 6.29
N TYR A 255 -13.43 -13.75 6.98
CA TYR A 255 -12.04 -14.02 6.60
C TYR A 255 -11.74 -15.49 6.31
N TYR A 256 -12.58 -16.39 6.77
CA TYR A 256 -12.37 -17.79 6.53
C TYR A 256 -12.55 -18.18 5.07
N VAL A 257 -13.44 -17.51 4.34
CA VAL A 257 -13.87 -17.97 3.02
C VAL A 257 -12.72 -18.42 2.15
N ASN A 258 -12.09 -17.47 1.46
CA ASN A 258 -10.94 -17.74 0.59
C ASN A 258 -10.78 -19.22 0.27
N SER A 259 -9.93 -19.88 1.04
CA SER A 259 -9.57 -21.26 0.79
C SER A 259 -10.74 -22.20 0.93
N VAL A 260 -11.59 -21.94 1.90
CA VAL A 260 -12.73 -22.80 2.17
C VAL A 260 -13.61 -22.83 0.97
N GLY A 261 -13.91 -21.65 0.45
CA GLY A 261 -14.74 -21.52 -0.71
C GLY A 261 -14.09 -22.18 -1.90
N LEU A 262 -12.79 -21.99 -2.05
CA LEU A 262 -12.10 -22.54 -3.19
C LEU A 262 -12.26 -24.04 -3.23
N LEU A 263 -12.07 -24.67 -2.09
CA LEU A 263 -12.33 -26.09 -1.97
C LEU A 263 -13.76 -26.40 -2.28
N LEU A 264 -14.66 -25.67 -1.63
CA LEU A 264 -16.07 -25.92 -1.76
C LEU A 264 -16.54 -25.90 -3.20
N LYS A 265 -16.02 -24.97 -4.00
CA LYS A 265 -16.44 -24.88 -5.38
C LYS A 265 -15.65 -25.77 -6.30
N TYR A 266 -14.35 -25.64 -6.27
CA TYR A 266 -13.53 -26.28 -7.27
C TYR A 266 -13.19 -27.69 -6.90
N GLY A 267 -13.09 -27.96 -5.60
CA GLY A 267 -12.77 -29.29 -5.05
C GLY A 267 -12.45 -30.32 -6.15
N ARG A 268 -13.47 -31.05 -6.58
CA ARG A 268 -13.32 -32.07 -7.63
C ARG A 268 -12.29 -31.71 -8.69
N LYS A 269 -12.32 -30.48 -9.18
CA LYS A 269 -11.34 -30.00 -10.15
C LYS A 269 -9.93 -30.31 -9.72
N PHE A 270 -9.66 -30.04 -8.46
CA PHE A 270 -8.33 -30.22 -7.93
C PHE A 270 -8.08 -31.66 -7.58
N GLU A 271 -9.14 -32.40 -7.32
CA GLU A 271 -9.02 -33.84 -7.15
C GLU A 271 -8.50 -34.44 -8.43
N GLU A 272 -8.91 -33.85 -9.56
CA GLU A 272 -8.38 -34.21 -10.86
C GLU A 272 -7.04 -33.55 -11.13
N MET A 273 -6.91 -32.29 -10.75
CA MET A 273 -5.70 -31.52 -11.03
C MET A 273 -4.48 -32.12 -10.37
N PHE A 274 -4.57 -32.33 -9.06
CA PHE A 274 -3.44 -32.83 -8.31
C PHE A 274 -3.13 -34.26 -8.66
N ALA A 275 -4.17 -35.07 -8.76
CA ALA A 275 -4.00 -36.47 -9.07
C ALA A 275 -3.48 -36.65 -10.47
N MET B 1 -31.61 2.66 -98.58
CA MET B 1 -32.41 2.78 -97.37
C MET B 1 -33.88 2.87 -97.68
N THR B 2 -34.35 4.10 -97.94
CA THR B 2 -35.75 4.33 -98.20
C THR B 2 -36.61 3.59 -97.21
N LEU B 3 -37.06 2.40 -97.58
CA LEU B 3 -37.78 1.54 -96.68
C LEU B 3 -39.10 2.12 -96.26
N THR B 4 -40.14 1.77 -96.99
CA THR B 4 -41.48 2.16 -96.62
C THR B 4 -41.77 1.70 -95.21
N THR B 5 -42.06 2.63 -94.32
CA THR B 5 -42.35 2.27 -92.95
C THR B 5 -43.69 2.76 -92.50
N VAL B 6 -44.71 1.96 -92.72
CA VAL B 6 -46.01 2.26 -92.19
C VAL B 6 -46.10 1.71 -90.81
N ILE B 7 -46.10 2.60 -89.82
CA ILE B 7 -46.04 2.19 -88.44
C ILE B 7 -47.23 2.65 -87.64
N ASP B 8 -47.81 1.73 -86.91
CA ASP B 8 -48.95 2.00 -86.07
C ASP B 8 -48.52 2.14 -84.63
N ILE B 9 -48.84 3.27 -84.02
CA ILE B 9 -48.44 3.54 -82.64
C ILE B 9 -49.48 3.07 -81.62
N GLY B 10 -50.29 2.10 -82.01
CA GLY B 10 -51.37 1.55 -81.20
C GLY B 10 -51.18 1.62 -79.69
N ASN B 11 -52.22 2.09 -79.01
CA ASN B 11 -52.21 2.30 -77.58
C ASN B 11 -52.09 1.00 -76.81
N PHE B 12 -52.54 -0.10 -77.42
CA PHE B 12 -52.32 -1.40 -76.81
C PHE B 12 -50.98 -1.93 -77.24
N SER B 13 -50.72 -1.87 -78.53
CA SER B 13 -49.47 -2.33 -79.08
C SER B 13 -49.20 -1.70 -80.41
N THR B 14 -47.94 -1.64 -80.78
CA THR B 14 -47.55 -1.03 -82.03
C THR B 14 -47.29 -2.09 -83.04
N LYS B 15 -47.14 -1.67 -84.29
CA LYS B 15 -46.82 -2.61 -85.34
C LYS B 15 -46.27 -1.94 -86.58
N TYR B 16 -45.56 -2.71 -87.39
CA TYR B 16 -44.90 -2.18 -88.55
C TYR B 16 -45.13 -3.03 -89.78
N ALA B 17 -45.71 -2.43 -90.81
CA ALA B 17 -45.91 -3.12 -92.07
C ALA B 17 -44.58 -3.36 -92.78
N TYR B 18 -43.94 -4.46 -92.44
CA TYR B 18 -42.63 -4.77 -92.98
C TYR B 18 -42.70 -5.38 -94.35
N LYS B 19 -42.90 -4.54 -95.35
CA LYS B 19 -43.04 -4.98 -96.73
C LYS B 19 -42.07 -6.09 -97.10
N ASP B 20 -40.83 -5.97 -96.66
CA ASP B 20 -39.80 -6.98 -96.90
C ASP B 20 -39.87 -7.51 -98.30
N LYS B 21 -39.89 -6.62 -99.28
CA LYS B 21 -39.94 -7.02 -100.67
C LYS B 21 -41.11 -7.94 -100.95
N LYS B 22 -40.88 -9.24 -100.80
CA LYS B 22 -41.82 -10.25 -101.25
C LYS B 22 -43.05 -10.37 -100.38
N GLN B 23 -42.94 -10.05 -99.10
CA GLN B 23 -44.05 -10.28 -98.21
C GLN B 23 -44.05 -9.37 -96.99
N ILE B 24 -45.20 -8.77 -96.71
CA ILE B 24 -45.30 -7.87 -95.59
C ILE B 24 -45.29 -8.62 -94.27
N LYS B 25 -44.23 -8.43 -93.48
CA LYS B 25 -44.18 -8.97 -92.12
C LYS B 25 -44.64 -7.90 -91.15
N VAL B 26 -44.81 -8.23 -89.89
CA VAL B 26 -45.26 -7.21 -88.95
C VAL B 26 -44.32 -7.03 -87.78
N GLY B 27 -43.67 -5.86 -87.73
CA GLY B 27 -42.82 -5.53 -86.60
C GLY B 27 -43.66 -4.98 -85.45
N SER B 28 -44.18 -5.87 -84.63
CA SER B 28 -45.07 -5.48 -83.54
C SER B 28 -44.47 -5.71 -82.17
N PHE B 29 -45.01 -4.98 -81.19
CA PHE B 29 -44.66 -5.19 -79.78
C PHE B 29 -45.59 -4.37 -78.90
N PRO B 30 -45.78 -4.79 -77.64
CA PRO B 30 -46.55 -4.16 -76.59
C PRO B 30 -46.15 -2.72 -76.43
N SER B 31 -47.14 -1.83 -76.46
CA SER B 31 -46.84 -0.40 -76.44
C SER B 31 -46.88 0.14 -75.03
N ILE B 32 -47.02 -0.75 -74.05
CA ILE B 32 -46.96 -0.37 -72.66
C ILE B 32 -45.54 0.03 -72.32
N LEU B 33 -45.38 1.13 -71.60
CA LEU B 33 -44.04 1.61 -71.29
C LEU B 33 -44.00 2.26 -69.92
N HIS B 34 -42.79 2.48 -69.42
CA HIS B 34 -42.62 3.06 -68.09
C HIS B 34 -41.36 3.89 -68.05
N SER B 35 -41.42 4.99 -67.33
CA SER B 35 -40.30 5.92 -67.24
C SER B 35 -39.17 5.38 -66.38
N TYR B 36 -38.12 6.21 -66.26
CA TYR B 36 -36.89 5.92 -65.51
C TYR B 36 -36.05 4.80 -66.06
N LYS B 37 -34.83 5.17 -66.42
CA LYS B 37 -33.80 4.25 -66.89
C LYS B 37 -33.26 3.34 -65.80
N PRO B 38 -32.75 3.89 -64.69
CA PRO B 38 -31.83 3.30 -63.74
C PRO B 38 -32.52 2.31 -62.81
N LEU B 39 -32.80 1.14 -63.32
CA LEU B 39 -33.36 0.09 -62.49
C LEU B 39 -32.25 -0.74 -61.87
N GLU B 40 -31.57 -1.56 -62.71
CA GLU B 40 -30.41 -2.39 -62.30
C GLU B 40 -30.53 -3.82 -62.84
N ASP B 41 -29.41 -4.36 -63.35
CA ASP B 41 -29.32 -5.75 -63.87
C ASP B 41 -30.66 -6.31 -64.26
N TYR B 42 -31.17 -5.87 -65.37
CA TYR B 42 -32.56 -6.03 -65.66
C TYR B 42 -32.86 -7.00 -66.81
N GLU B 43 -32.75 -6.53 -68.05
CA GLU B 43 -33.15 -7.31 -69.23
C GLU B 43 -34.67 -7.38 -69.38
N GLY B 44 -35.16 -7.78 -70.56
CA GLY B 44 -36.59 -7.78 -70.88
C GLY B 44 -37.01 -6.50 -71.59
N MET B 45 -37.45 -5.48 -70.85
CA MET B 45 -37.65 -4.18 -71.47
C MET B 45 -36.33 -3.59 -71.82
N GLU B 46 -36.34 -2.59 -72.68
CA GLU B 46 -35.12 -1.91 -73.02
C GLU B 46 -35.19 -0.44 -72.70
N ARG B 47 -34.07 0.11 -72.28
CA ARG B 47 -33.97 1.50 -71.91
C ARG B 47 -33.93 2.37 -73.13
N VAL B 48 -34.93 3.19 -73.31
CA VAL B 48 -34.96 4.08 -74.44
C VAL B 48 -34.75 5.51 -74.03
N GLU B 49 -33.74 6.14 -74.61
CA GLU B 49 -33.43 7.52 -74.31
C GLU B 49 -33.48 8.36 -75.58
N TYR B 50 -34.44 9.28 -75.63
CA TYR B 50 -34.70 10.03 -76.84
C TYR B 50 -35.41 11.34 -76.56
N ASN B 51 -34.94 12.42 -77.18
CA ASN B 51 -35.53 13.75 -76.98
C ASN B 51 -35.65 14.11 -75.52
N GLY B 52 -34.70 13.69 -74.72
CA GLY B 52 -34.73 14.00 -73.29
C GLY B 52 -35.80 13.18 -72.56
N LEU B 53 -36.28 12.13 -73.20
CA LEU B 53 -37.29 11.27 -72.60
C LEU B 53 -36.67 9.95 -72.22
N ASP B 54 -37.16 9.38 -71.13
CA ASP B 54 -36.52 8.22 -70.53
C ASP B 54 -37.52 7.16 -70.16
N TYR B 55 -37.64 6.13 -71.00
CA TYR B 55 -38.63 5.10 -70.76
C TYR B 55 -38.10 3.69 -71.03
N TYR B 56 -38.60 2.75 -70.26
CA TYR B 56 -38.50 1.34 -70.58
C TYR B 56 -39.62 0.92 -71.50
N VAL B 57 -39.32 0.05 -72.44
CA VAL B 57 -40.36 -0.56 -73.29
C VAL B 57 -40.11 -2.03 -73.50
N GLY B 58 -41.19 -2.80 -73.64
CA GLY B 58 -41.08 -4.23 -73.90
C GLY B 58 -41.98 -5.04 -72.97
N GLU B 59 -42.22 -6.29 -73.34
CA GLU B 59 -43.18 -7.18 -72.64
C GLU B 59 -43.13 -7.09 -71.13
N THR B 60 -41.93 -7.11 -70.58
CA THR B 60 -41.74 -7.20 -69.13
C THR B 60 -42.35 -6.01 -68.40
N VAL B 61 -42.58 -4.93 -69.10
CA VAL B 61 -43.18 -3.74 -68.52
C VAL B 61 -44.42 -4.07 -67.71
N LYS B 62 -45.13 -5.10 -68.11
CA LYS B 62 -46.33 -5.49 -67.40
C LYS B 62 -45.97 -5.82 -65.97
N ASN B 63 -44.82 -6.46 -65.79
CA ASN B 63 -44.33 -6.76 -64.48
C ASN B 63 -44.00 -5.49 -63.74
N PHE B 64 -43.55 -4.49 -64.48
CA PHE B 64 -43.22 -3.22 -63.87
C PHE B 64 -44.46 -2.53 -63.33
N TYR B 65 -45.60 -2.82 -63.91
CA TYR B 65 -46.87 -2.26 -63.43
C TYR B 65 -47.63 -3.20 -62.54
N PHE B 66 -47.00 -4.28 -62.10
CA PHE B 66 -47.76 -5.31 -61.41
C PHE B 66 -48.56 -4.75 -60.27
N GLY B 67 -49.87 -4.89 -60.35
CA GLY B 67 -50.76 -4.37 -59.33
C GLY B 67 -51.38 -3.07 -59.80
N ARG B 68 -50.60 -2.27 -60.50
CA ARG B 68 -51.10 -1.05 -61.12
C ARG B 68 -51.74 -1.37 -62.46
N GLU B 69 -52.76 -2.21 -62.44
CA GLU B 69 -53.34 -2.76 -63.66
C GLU B 69 -54.27 -1.75 -64.30
N GLU B 70 -53.71 -0.63 -64.69
CA GLU B 70 -54.49 0.47 -65.20
C GLU B 70 -53.59 1.42 -65.91
N GLN B 71 -52.59 1.92 -65.18
CA GLN B 71 -51.54 2.73 -65.75
C GLN B 71 -50.90 2.06 -66.96
N MET B 72 -50.98 0.74 -67.01
CA MET B 72 -50.42 -0.02 -68.12
C MET B 72 -50.70 0.64 -69.47
N TYR B 73 -51.88 1.17 -69.66
CA TYR B 73 -52.20 1.70 -70.96
C TYR B 73 -52.34 3.18 -70.95
N PHE B 74 -51.85 3.80 -72.00
CA PHE B 74 -52.04 5.22 -72.23
C PHE B 74 -52.90 5.40 -73.47
N GLY B 75 -54.22 5.28 -73.27
CA GLY B 75 -55.15 5.19 -74.38
C GLY B 75 -55.89 6.49 -74.63
N ASN B 76 -56.94 6.41 -75.46
CA ASN B 76 -57.75 7.57 -75.82
C ASN B 76 -56.91 8.74 -76.23
N THR B 77 -55.83 8.45 -76.91
CA THR B 77 -54.96 9.47 -77.38
C THR B 77 -55.50 10.04 -78.63
N ARG B 78 -56.38 11.02 -78.49
CA ARG B 78 -56.89 11.72 -79.65
C ARG B 78 -55.83 12.67 -80.16
N LYS B 79 -54.71 12.09 -80.59
CA LYS B 79 -53.47 12.78 -80.90
C LYS B 79 -52.29 11.86 -80.60
N GLY B 80 -51.13 12.21 -81.12
CA GLY B 80 -49.91 11.50 -80.78
C GLY B 80 -49.37 12.08 -79.50
N HIS B 81 -48.22 11.59 -79.06
CA HIS B 81 -47.57 12.10 -77.86
C HIS B 81 -48.28 11.67 -76.59
N MET B 82 -47.55 11.59 -75.49
CA MET B 82 -46.12 11.91 -75.46
C MET B 82 -45.36 10.63 -75.52
N GLU B 83 -45.87 9.65 -74.80
CA GLU B 83 -45.31 8.32 -74.79
C GLU B 83 -45.32 7.71 -76.17
N GLY B 84 -46.24 8.18 -77.00
CA GLY B 84 -46.29 7.76 -78.38
C GLY B 84 -44.94 7.94 -79.05
N GLN B 85 -44.24 9.02 -78.71
CA GLN B 85 -42.93 9.25 -79.29
C GLN B 85 -42.08 8.07 -79.07
N ILE B 86 -42.03 7.62 -77.83
CA ILE B 86 -41.23 6.50 -77.46
C ILE B 86 -41.64 5.28 -78.23
N ARG B 87 -42.94 5.08 -78.36
CA ARG B 87 -43.44 3.94 -79.09
C ARG B 87 -42.86 3.91 -80.47
N LEU B 88 -42.92 5.06 -81.13
CA LEU B 88 -42.39 5.18 -82.47
C LEU B 88 -40.91 4.92 -82.47
N VAL B 89 -40.21 5.54 -81.54
CA VAL B 89 -38.78 5.36 -81.46
C VAL B 89 -38.43 3.92 -81.43
N TYR B 90 -38.98 3.21 -80.46
CA TYR B 90 -38.59 1.84 -80.26
C TYR B 90 -38.95 1.02 -81.45
N ALA B 91 -40.04 1.35 -82.10
CA ALA B 91 -40.39 0.68 -83.31
C ALA B 91 -39.30 0.87 -84.32
N LEU B 92 -38.91 2.11 -84.53
CA LEU B 92 -37.90 2.38 -85.53
C LEU B 92 -36.66 1.63 -85.20
N TYR B 93 -36.32 1.58 -83.92
CA TYR B 93 -35.19 0.80 -83.48
C TYR B 93 -35.38 -0.65 -83.78
N THR B 94 -36.55 -1.16 -83.47
CA THR B 94 -36.86 -2.55 -83.69
C THR B 94 -36.66 -2.92 -85.13
N ILE B 95 -37.25 -2.15 -86.01
CA ILE B 95 -37.22 -2.48 -87.40
C ILE B 95 -35.86 -2.20 -87.95
N PHE B 96 -35.18 -1.23 -87.37
CA PHE B 96 -33.80 -1.01 -87.66
C PHE B 96 -33.02 -2.26 -87.45
N LYS B 97 -33.21 -2.86 -86.30
CA LYS B 97 -32.55 -4.11 -86.02
C LYS B 97 -32.95 -5.14 -87.04
N GLU B 98 -34.22 -5.18 -87.37
CA GLU B 98 -34.73 -6.18 -88.28
C GLU B 98 -34.14 -6.06 -89.67
N THR B 99 -33.96 -4.83 -90.11
CA THR B 99 -33.44 -4.60 -91.43
C THR B 99 -31.97 -4.36 -91.40
N GLY B 100 -31.51 -3.76 -90.32
CA GLY B 100 -30.15 -3.27 -90.25
C GLY B 100 -30.03 -1.94 -90.99
N LYS B 101 -31.13 -1.20 -91.08
CA LYS B 101 -31.16 0.01 -91.91
C LYS B 101 -31.61 1.27 -91.15
N LYS B 102 -31.29 2.43 -91.72
CA LYS B 102 -31.58 3.71 -91.09
C LYS B 102 -32.72 4.43 -91.78
N GLU B 103 -32.39 5.52 -92.50
CA GLU B 103 -33.41 6.39 -93.07
C GLU B 103 -34.67 5.66 -93.38
N PHE B 104 -35.75 6.09 -92.75
CA PHE B 104 -37.02 5.42 -92.88
C PHE B 104 -37.98 6.23 -93.70
N ASN B 105 -38.83 5.56 -94.47
CA ASN B 105 -39.92 6.25 -95.12
C ASN B 105 -41.16 6.23 -94.26
N LEU B 106 -41.18 7.12 -93.27
CA LEU B 106 -42.16 7.02 -92.20
C LEU B 106 -43.55 7.39 -92.62
N ILE B 107 -44.47 6.46 -92.40
CA ILE B 107 -45.88 6.68 -92.59
C ILE B 107 -46.62 6.35 -91.31
N LEU B 108 -47.27 7.35 -90.73
CA LEU B 108 -47.93 7.17 -89.44
C LEU B 108 -49.42 7.27 -89.56
N THR B 109 -50.12 6.66 -88.63
CA THR B 109 -51.56 6.72 -88.61
C THR B 109 -52.06 7.23 -87.30
N CYS B 110 -53.23 7.86 -87.33
CA CYS B 110 -53.81 8.43 -86.12
C CYS B 110 -55.27 8.78 -86.37
N PRO B 111 -56.06 9.01 -85.33
CA PRO B 111 -57.43 9.47 -85.34
C PRO B 111 -57.55 10.62 -86.29
N TYR B 112 -58.45 10.50 -87.25
CA TYR B 112 -58.46 11.39 -88.40
C TYR B 112 -58.40 12.85 -88.01
N GLU B 113 -59.22 13.25 -87.05
CA GLU B 113 -59.33 14.65 -86.70
C GLU B 113 -58.05 15.20 -86.05
N SER B 114 -57.16 14.32 -85.62
CA SER B 114 -55.94 14.76 -84.99
C SER B 114 -54.78 14.85 -85.97
N MET B 115 -54.99 14.40 -87.19
CA MET B 115 -53.89 14.21 -88.14
C MET B 115 -53.02 15.45 -88.29
N VAL B 116 -53.64 16.61 -88.35
CA VAL B 116 -52.89 17.83 -88.48
C VAL B 116 -52.01 18.06 -87.28
N THR B 117 -52.59 17.93 -86.10
CA THR B 117 -51.86 18.08 -84.86
C THR B 117 -50.74 17.09 -84.78
N ASP B 118 -51.03 15.87 -85.17
CA ASP B 118 -50.06 14.81 -85.10
C ASP B 118 -48.95 15.00 -86.07
N LYS B 119 -49.27 15.54 -87.24
CA LYS B 119 -48.23 15.90 -88.16
C LYS B 119 -47.29 16.86 -87.50
N LYS B 120 -47.84 17.90 -86.88
CA LYS B 120 -47.02 18.86 -86.16
C LYS B 120 -46.19 18.16 -85.12
N TYR B 121 -46.82 17.28 -84.36
CA TYR B 121 -46.18 16.57 -83.28
C TYR B 121 -44.97 15.82 -83.73
N PHE B 122 -45.16 14.92 -84.66
CA PHE B 122 -44.11 14.02 -85.02
C PHE B 122 -43.10 14.68 -85.91
N VAL B 123 -43.55 15.61 -86.74
CA VAL B 123 -42.61 16.35 -87.53
C VAL B 123 -41.63 17.07 -86.66
N GLN B 124 -42.13 17.75 -85.65
CA GLN B 124 -41.24 18.41 -84.73
C GLN B 124 -40.27 17.43 -84.09
N HIS B 125 -40.77 16.28 -83.68
CA HIS B 125 -39.96 15.40 -82.87
C HIS B 125 -39.30 14.28 -83.64
N PHE B 126 -39.55 14.18 -84.95
CA PHE B 126 -38.95 13.10 -85.72
C PHE B 126 -38.54 13.46 -87.12
N GLU B 127 -39.12 14.51 -87.69
CA GLU B 127 -38.77 14.85 -89.06
C GLU B 127 -37.31 15.24 -89.15
N GLY B 128 -36.57 14.56 -90.03
CA GLY B 128 -35.18 14.87 -90.26
C GLY B 128 -34.27 13.97 -89.44
N GLU B 129 -33.02 14.40 -89.30
CA GLU B 129 -32.03 13.62 -88.59
C GLU B 129 -32.34 13.52 -87.11
N ARG B 130 -32.29 12.31 -86.59
CA ARG B 130 -32.50 12.05 -85.18
C ARG B 130 -31.62 10.92 -84.70
N GLU B 131 -31.44 10.81 -83.39
CA GLU B 131 -30.67 9.70 -82.87
C GLU B 131 -31.15 9.29 -81.50
N VAL B 132 -31.04 8.01 -81.21
CA VAL B 132 -31.56 7.44 -79.97
C VAL B 132 -30.57 6.51 -79.34
N ILE B 133 -30.55 6.49 -78.03
CA ILE B 133 -29.75 5.53 -77.33
C ILE B 133 -30.63 4.49 -76.70
N VAL B 134 -30.44 3.25 -77.08
CA VAL B 134 -31.20 2.17 -76.51
C VAL B 134 -30.29 1.21 -75.79
N GLU B 135 -30.53 1.02 -74.51
CA GLU B 135 -29.70 0.15 -73.69
C GLU B 135 -28.23 0.50 -73.80
N GLY B 136 -27.92 1.79 -73.94
CA GLY B 136 -26.54 2.22 -74.01
C GLY B 136 -26.00 2.20 -75.44
N LYS B 137 -26.79 1.70 -76.38
CA LYS B 137 -26.36 1.66 -77.75
C LYS B 137 -26.98 2.78 -78.55
N SER B 138 -26.14 3.65 -79.08
CA SER B 138 -26.60 4.77 -79.86
C SER B 138 -27.15 4.33 -81.20
N PHE B 139 -27.82 5.24 -81.87
CA PHE B 139 -28.39 4.94 -83.18
C PHE B 139 -28.87 6.20 -83.87
N LYS B 140 -28.17 6.57 -84.93
CA LYS B 140 -28.55 7.73 -85.72
C LYS B 140 -29.43 7.30 -86.87
N PHE B 141 -30.34 8.18 -87.25
CA PHE B 141 -31.29 7.85 -88.29
C PHE B 141 -32.00 9.09 -88.77
N THR B 142 -32.85 8.95 -89.78
CA THR B 142 -33.55 10.11 -90.29
C THR B 142 -34.85 9.77 -91.01
N VAL B 143 -35.74 10.75 -91.06
CA VAL B 143 -36.94 10.65 -91.87
C VAL B 143 -37.14 11.92 -92.68
N HIS B 144 -37.35 11.76 -93.97
CA HIS B 144 -37.57 12.91 -94.83
C HIS B 144 -38.89 12.83 -95.55
N ASN B 145 -39.94 13.25 -94.85
CA ASN B 145 -41.35 13.29 -95.31
C ASN B 145 -42.21 12.34 -94.51
N ILE B 146 -42.52 12.69 -93.28
CA ILE B 146 -43.44 11.86 -92.51
C ILE B 146 -44.83 11.95 -93.09
N VAL B 147 -45.35 10.83 -93.55
CA VAL B 147 -46.68 10.80 -94.13
C VAL B 147 -47.70 10.39 -93.12
N MET B 148 -48.71 11.22 -92.91
CA MET B 148 -49.74 10.91 -91.95
C MET B 148 -50.97 10.33 -92.65
N ALA B 149 -51.66 9.43 -91.97
CA ALA B 149 -52.88 8.85 -92.51
C ALA B 149 -53.87 8.57 -91.39
N ALA B 150 -55.09 8.21 -91.77
CA ALA B 150 -56.13 7.95 -90.80
C ALA B 150 -56.02 6.56 -90.22
N GLU B 151 -56.07 6.47 -88.90
CA GLU B 151 -55.97 5.21 -88.21
C GLU B 151 -57.11 4.28 -88.61
N GLY B 152 -56.75 3.09 -89.08
CA GLY B 152 -57.73 2.11 -89.50
C GLY B 152 -57.98 2.15 -91.01
N LEU B 153 -57.48 3.20 -91.66
CA LEU B 153 -57.73 3.40 -93.08
C LEU B 153 -57.37 2.18 -93.90
N GLY B 154 -56.30 1.50 -93.51
CA GLY B 154 -55.79 0.38 -94.26
C GLY B 154 -56.80 -0.72 -94.51
N ALA B 155 -57.81 -0.82 -93.65
CA ALA B 155 -58.83 -1.86 -93.79
C ALA B 155 -59.53 -1.79 -95.14
N LEU B 156 -59.47 -0.62 -95.77
CA LEU B 156 -60.09 -0.39 -97.06
C LEU B 156 -59.71 -1.47 -98.08
N ASN B 157 -58.52 -2.04 -97.96
CA ASN B 157 -58.09 -3.04 -98.92
C ASN B 157 -58.95 -4.30 -98.87
N PHE B 158 -59.63 -4.53 -97.76
CA PHE B 158 -60.55 -5.64 -97.66
C PHE B 158 -61.98 -5.17 -97.77
N SER B 159 -62.15 -3.87 -97.66
CA SER B 159 -63.47 -3.27 -97.69
C SER B 159 -64.00 -3.15 -99.11
N ASP B 160 -64.60 -4.23 -99.59
CA ASP B 160 -65.08 -4.32 -100.96
C ASP B 160 -65.85 -3.08 -101.39
N SER B 161 -65.25 -2.32 -102.31
CA SER B 161 -65.91 -1.17 -102.94
C SER B 161 -66.56 -0.25 -101.93
N LEU B 162 -65.93 -0.11 -100.79
CA LEU B 162 -66.51 0.65 -99.71
C LEU B 162 -66.76 2.09 -100.11
N ASN B 163 -68.01 2.48 -100.01
CA ASN B 163 -68.35 3.88 -100.05
C ASN B 163 -68.93 4.31 -98.73
N CYS B 164 -68.64 3.54 -97.68
CA CYS B 164 -69.13 3.83 -96.36
C CYS B 164 -68.05 3.69 -95.26
N VAL B 165 -68.36 2.94 -94.21
CA VAL B 165 -67.69 3.14 -92.94
C VAL B 165 -66.80 2.01 -92.47
N ILE B 166 -65.62 2.38 -91.97
CA ILE B 166 -64.74 1.47 -91.24
C ILE B 166 -64.84 1.72 -89.75
N VAL B 167 -65.02 0.67 -88.98
CA VAL B 167 -65.08 0.77 -87.53
C VAL B 167 -63.84 0.17 -86.90
N ASP B 168 -63.07 0.98 -86.19
CA ASP B 168 -61.80 0.54 -85.63
C ASP B 168 -61.87 0.32 -84.12
N ALA B 169 -62.05 -0.92 -83.72
CA ALA B 169 -62.22 -1.26 -82.31
C ALA B 169 -60.88 -1.49 -81.63
N GLY B 170 -60.22 -0.40 -81.23
CA GLY B 170 -58.90 -0.52 -80.63
C GLY B 170 -58.89 -0.29 -79.10
N SER B 171 -57.81 -0.73 -78.44
CA SER B 171 -57.50 -0.47 -77.04
C SER B 171 -58.57 0.33 -76.37
N LYS B 172 -58.27 1.59 -76.15
CA LYS B 172 -59.26 2.50 -75.65
C LYS B 172 -59.49 3.61 -76.66
N THR B 173 -59.62 3.24 -77.93
CA THR B 173 -59.96 4.20 -78.97
C THR B 173 -60.84 3.57 -80.04
N LEU B 174 -61.91 4.26 -80.40
CA LEU B 174 -62.79 3.79 -81.45
C LEU B 174 -62.83 4.75 -82.63
N ASN B 175 -62.30 4.34 -83.77
CA ASN B 175 -62.31 5.22 -84.93
C ASN B 175 -63.44 4.89 -85.89
N VAL B 176 -64.12 5.91 -86.36
CA VAL B 176 -65.13 5.75 -87.39
C VAL B 176 -64.73 6.48 -88.65
N LEU B 177 -64.34 5.73 -89.66
CA LEU B 177 -63.96 6.32 -90.93
C LEU B 177 -65.04 6.17 -91.95
N TYR B 178 -65.79 7.22 -92.17
CA TYR B 178 -66.79 7.23 -93.20
C TYR B 178 -66.13 7.59 -94.50
N LEU B 179 -65.65 6.57 -95.18
CA LEU B 179 -65.01 6.76 -96.45
C LEU B 179 -66.03 6.78 -97.54
N ILE B 180 -65.82 7.62 -98.52
CA ILE B 180 -66.71 7.62 -99.67
C ILE B 180 -65.92 7.59 -100.93
N ASN B 181 -66.23 6.64 -101.80
CA ASN B 181 -65.51 6.42 -103.04
C ASN B 181 -64.09 5.94 -102.78
N GLY B 182 -63.27 6.79 -102.17
CA GLY B 182 -61.95 6.42 -101.74
C GLY B 182 -61.29 7.55 -100.97
N SER B 183 -62.11 8.33 -100.27
CA SER B 183 -61.60 9.43 -99.47
C SER B 183 -62.30 9.51 -98.14
N ILE B 184 -61.89 10.46 -97.32
CA ILE B 184 -62.40 10.54 -95.97
C ILE B 184 -63.37 11.67 -95.81
N SER B 185 -64.59 11.36 -95.39
CA SER B 185 -65.56 12.41 -95.16
C SER B 185 -65.31 13.10 -93.86
N LYS B 186 -64.42 14.08 -93.88
CA LYS B 186 -64.06 14.84 -92.69
C LYS B 186 -65.27 15.32 -91.93
N MET B 187 -66.25 15.82 -92.65
CA MET B 187 -67.41 16.43 -92.05
C MET B 187 -68.34 15.41 -91.38
N ASP B 188 -68.10 14.12 -91.60
CA ASP B 188 -68.91 13.10 -90.97
C ASP B 188 -68.10 12.20 -90.04
N SER B 189 -66.89 11.84 -90.47
CA SER B 189 -66.06 10.90 -89.74
C SER B 189 -65.58 11.48 -88.43
N HIS B 190 -65.34 10.62 -87.45
CA HIS B 190 -64.87 11.09 -86.16
C HIS B 190 -64.40 9.94 -85.29
N THR B 191 -63.70 10.26 -84.22
CA THR B 191 -63.19 9.26 -83.29
C THR B 191 -63.92 9.31 -81.97
N ILE B 192 -64.11 8.16 -81.37
CA ILE B 192 -64.96 7.99 -80.20
C ILE B 192 -64.20 7.41 -79.02
N ASN B 193 -64.46 7.92 -77.83
CA ASN B 193 -63.92 7.34 -76.60
C ASN B 193 -64.97 6.45 -75.94
N GLY B 194 -64.56 5.37 -75.27
CA GLY B 194 -63.18 4.93 -75.16
C GLY B 194 -62.89 3.86 -76.18
N GLY B 195 -62.78 2.62 -75.73
CA GLY B 195 -62.52 1.51 -76.62
C GLY B 195 -62.61 0.16 -75.95
N THR B 196 -61.92 -0.81 -76.52
CA THR B 196 -62.04 -2.21 -76.15
C THR B 196 -61.81 -2.47 -74.69
N ILE B 197 -60.80 -1.83 -74.12
CA ILE B 197 -60.37 -2.17 -72.78
C ILE B 197 -61.34 -1.70 -71.71
N ASP B 198 -61.81 -0.46 -71.84
CA ASP B 198 -62.55 0.16 -70.76
C ASP B 198 -64.01 -0.29 -70.65
N ASN B 199 -64.55 -0.90 -71.71
CA ASN B 199 -65.92 -1.39 -71.64
C ASN B 199 -66.20 -2.48 -72.66
N SER B 200 -67.43 -2.97 -72.67
CA SER B 200 -67.77 -4.13 -73.48
C SER B 200 -67.89 -3.81 -74.93
N ILE B 201 -67.71 -4.84 -75.74
CA ILE B 201 -67.92 -4.72 -77.16
C ILE B 201 -69.31 -4.23 -77.44
N MET B 202 -70.28 -4.71 -76.69
CA MET B 202 -71.64 -4.28 -76.87
C MET B 202 -71.78 -2.82 -76.51
N ASP B 203 -71.07 -2.40 -75.47
CA ASP B 203 -71.11 -1.01 -75.06
C ASP B 203 -70.61 -0.14 -76.18
N LEU B 204 -69.51 -0.55 -76.78
CA LEU B 204 -68.95 0.15 -77.90
C LEU B 204 -69.90 0.15 -79.05
N ALA B 205 -70.48 -1.00 -79.33
CA ALA B 205 -71.36 -1.13 -80.47
C ALA B 205 -72.51 -0.18 -80.34
N LYS B 206 -73.09 -0.12 -79.16
CA LYS B 206 -74.21 0.76 -78.93
C LYS B 206 -73.76 2.21 -78.96
N THR B 207 -72.58 2.47 -78.43
CA THR B 207 -72.00 3.80 -78.50
C THR B 207 -71.84 4.23 -79.93
N PHE B 208 -71.28 3.37 -80.73
CA PHE B 208 -71.11 3.60 -82.14
C PHE B 208 -72.41 3.96 -82.79
N ALA B 209 -73.42 3.14 -82.53
CA ALA B 209 -74.73 3.37 -83.12
C ALA B 209 -75.24 4.75 -82.78
N LYS B 210 -75.10 5.14 -81.53
CA LYS B 210 -75.55 6.45 -81.11
C LYS B 210 -74.81 7.54 -81.87
N THR B 211 -73.51 7.35 -82.03
CA THR B 211 -72.68 8.37 -82.66
C THR B 211 -72.86 8.41 -84.15
N CYS B 212 -73.35 7.35 -84.73
CA CYS B 212 -73.53 7.31 -86.16
C CYS B 212 -74.87 6.76 -86.55
N SER B 213 -75.93 7.36 -86.04
CA SER B 213 -77.28 6.97 -86.39
C SER B 213 -77.58 7.29 -87.84
N ASN B 214 -76.78 8.16 -88.43
CA ASN B 214 -76.90 8.52 -89.82
C ASN B 214 -76.47 7.38 -90.75
N ILE B 215 -75.87 6.34 -90.20
CA ILE B 215 -75.52 5.18 -90.98
C ILE B 215 -76.72 4.30 -91.23
N ASP B 216 -76.98 4.03 -92.49
CA ASP B 216 -78.03 3.10 -92.86
C ASP B 216 -77.63 1.70 -92.46
N TYR B 217 -78.59 0.93 -91.97
CA TYR B 217 -78.29 -0.42 -91.49
C TYR B 217 -77.71 -1.31 -92.58
N ASP B 218 -77.96 -0.96 -93.83
CA ASP B 218 -77.45 -1.72 -94.94
C ASP B 218 -76.15 -1.17 -95.49
N TYR B 219 -75.57 -0.18 -94.82
CA TYR B 219 -74.24 0.25 -95.20
C TYR B 219 -73.29 -0.89 -95.07
N PRO B 220 -72.27 -0.94 -95.91
CA PRO B 220 -71.11 -1.78 -95.82
C PRO B 220 -70.25 -1.31 -94.68
N ILE B 221 -70.33 -2.01 -93.57
CA ILE B 221 -69.56 -1.69 -92.39
C ILE B 221 -68.42 -2.65 -92.25
N VAL B 222 -67.21 -2.13 -92.26
CA VAL B 222 -66.08 -2.99 -92.12
C VAL B 222 -65.38 -2.75 -90.82
N CYS B 223 -65.28 -3.80 -90.03
CA CYS B 223 -64.73 -3.71 -88.70
C CYS B 223 -63.30 -4.20 -88.65
N THR B 224 -62.44 -3.40 -88.04
CA THR B 224 -61.03 -3.73 -87.92
C THR B 224 -60.52 -3.42 -86.54
N GLY B 225 -59.38 -3.99 -86.21
CA GLY B 225 -58.72 -3.71 -84.95
C GLY B 225 -59.19 -4.65 -83.85
N GLY B 226 -58.28 -4.98 -82.95
CA GLY B 226 -58.61 -5.73 -81.75
C GLY B 226 -59.64 -6.79 -81.98
N LYS B 227 -60.78 -6.66 -81.30
CA LYS B 227 -61.86 -7.62 -81.39
C LYS B 227 -62.73 -7.36 -82.60
N ALA B 228 -62.11 -7.32 -83.76
CA ALA B 228 -62.81 -6.95 -84.98
C ALA B 228 -63.92 -7.92 -85.26
N GLU B 229 -63.64 -9.20 -85.12
CA GLU B 229 -64.60 -10.21 -85.46
C GLU B 229 -65.78 -10.17 -84.52
N GLU B 230 -65.48 -10.10 -83.23
CA GLU B 230 -66.51 -10.10 -82.22
C GLU B 230 -67.33 -8.85 -82.33
N MET B 231 -66.68 -7.74 -82.63
CA MET B 231 -67.35 -6.50 -82.84
C MET B 231 -68.31 -6.60 -83.98
N LYS B 232 -67.85 -7.13 -85.10
CA LYS B 232 -68.70 -7.35 -86.25
C LYS B 232 -69.90 -8.17 -85.85
N GLU B 233 -69.66 -9.25 -85.13
CA GLU B 233 -70.72 -10.12 -84.69
C GLU B 233 -71.75 -9.36 -83.87
N CYS B 234 -71.27 -8.54 -82.93
CA CYS B 234 -72.16 -7.77 -82.10
C CYS B 234 -72.94 -6.75 -82.88
N LEU B 235 -72.29 -6.12 -83.85
CA LEU B 235 -72.96 -5.13 -84.67
C LEU B 235 -74.10 -5.74 -85.44
N GLU B 236 -73.93 -6.98 -85.88
CA GLU B 236 -75.01 -7.69 -86.51
C GLU B 236 -76.15 -7.86 -85.53
N ASN B 237 -75.81 -8.17 -84.29
CA ASN B 237 -76.83 -8.32 -83.27
C ASN B 237 -77.47 -6.99 -82.95
N VAL B 238 -76.73 -5.91 -83.09
CA VAL B 238 -77.30 -4.59 -82.96
C VAL B 238 -78.33 -4.36 -84.04
N GLY B 239 -78.00 -4.76 -85.25
CA GLY B 239 -78.98 -4.76 -86.33
C GLY B 239 -78.40 -4.25 -87.65
N TYR B 240 -77.10 -4.27 -87.77
CA TYR B 240 -76.50 -3.89 -89.03
C TYR B 240 -76.29 -5.11 -89.88
N SER B 241 -76.62 -5.01 -91.14
CA SER B 241 -76.66 -6.18 -92.00
C SER B 241 -75.31 -6.46 -92.61
N THR B 242 -74.94 -5.67 -93.61
CA THR B 242 -73.70 -5.88 -94.34
C THR B 242 -72.48 -5.46 -93.55
N VAL B 243 -72.14 -6.22 -92.52
CA VAL B 243 -71.00 -5.93 -91.70
C VAL B 243 -69.97 -7.02 -91.84
N SER B 244 -68.72 -6.63 -92.02
CA SER B 244 -67.67 -7.62 -92.22
C SER B 244 -66.39 -7.26 -91.50
N SER B 245 -65.67 -8.28 -91.07
CA SER B 245 -64.39 -8.08 -90.43
C SER B 245 -63.28 -8.12 -91.46
N ALA B 246 -62.28 -7.27 -91.28
CA ALA B 246 -61.19 -7.17 -92.24
C ALA B 246 -60.17 -8.27 -92.04
N GLU B 247 -60.51 -9.48 -92.45
CA GLU B 247 -59.58 -10.59 -92.32
C GLU B 247 -58.28 -10.32 -93.04
N LEU B 248 -57.17 -10.37 -92.32
CA LEU B 248 -55.88 -10.01 -92.88
C LEU B 248 -55.21 -11.17 -93.57
N GLY B 249 -55.78 -11.58 -94.70
CA GLY B 249 -55.19 -12.62 -95.54
C GLY B 249 -54.59 -13.77 -94.73
N GLU B 250 -53.28 -13.69 -94.47
CA GLU B 250 -52.54 -14.72 -93.76
C GLU B 250 -52.94 -14.82 -92.30
N ASP B 251 -52.28 -15.70 -91.57
CA ASP B 251 -52.56 -15.83 -90.15
C ASP B 251 -52.03 -14.63 -89.40
N LYS B 252 -52.73 -13.52 -89.54
CA LYS B 252 -52.31 -12.25 -88.99
C LYS B 252 -53.48 -11.55 -88.35
N PRO B 253 -53.84 -11.96 -87.15
CA PRO B 253 -55.06 -11.67 -86.42
C PRO B 253 -55.45 -10.21 -86.46
N SER B 254 -56.74 -9.99 -86.77
CA SER B 254 -57.43 -8.70 -86.67
C SER B 254 -56.52 -7.53 -86.48
N TYR B 255 -56.17 -7.28 -85.23
CA TYR B 255 -55.50 -6.04 -84.83
C TYR B 255 -54.30 -5.67 -85.71
N TYR B 256 -53.76 -6.62 -86.43
CA TYR B 256 -52.65 -6.33 -87.28
C TYR B 256 -52.99 -5.43 -88.47
N VAL B 257 -54.21 -5.53 -88.99
CA VAL B 257 -54.56 -4.91 -90.27
C VAL B 257 -54.04 -3.49 -90.40
N ASN B 258 -54.80 -2.53 -89.88
CA ASN B 258 -54.44 -1.12 -89.91
C ASN B 258 -53.30 -0.81 -90.87
N SER B 259 -52.09 -0.78 -90.34
CA SER B 259 -50.92 -0.39 -91.11
C SER B 259 -50.63 -1.35 -92.24
N VAL B 260 -50.82 -2.63 -91.99
CA VAL B 260 -50.51 -3.63 -92.99
C VAL B 260 -51.36 -3.42 -94.20
N GLY B 261 -52.64 -3.22 -93.96
CA GLY B 261 -53.58 -2.97 -95.02
C GLY B 261 -53.24 -1.69 -95.75
N LEU B 262 -52.88 -0.66 -94.99
CA LEU B 262 -52.59 0.62 -95.58
C LEU B 262 -51.48 0.49 -96.59
N LEU B 263 -50.42 -0.21 -96.20
CA LEU B 263 -49.35 -0.52 -97.11
C LEU B 263 -49.86 -1.32 -98.26
N LEU B 264 -50.58 -2.39 -97.97
CA LEU B 264 -51.05 -3.30 -98.99
C LEU B 264 -51.84 -2.60 -100.07
N LYS B 265 -52.68 -1.65 -99.69
CA LYS B 265 -53.50 -0.96 -100.67
C LYS B 265 -52.81 0.23 -101.29
N TYR B 266 -52.31 1.12 -100.47
CA TYR B 266 -51.84 2.38 -100.97
C TYR B 266 -50.42 2.33 -101.41
N GLY B 267 -49.64 1.46 -100.74
CA GLY B 267 -48.21 1.26 -101.05
C GLY B 267 -47.68 2.23 -102.10
N ARG B 268 -47.71 1.80 -103.36
CA ARG B 268 -47.25 2.62 -104.49
C ARG B 268 -47.50 4.11 -104.32
N LYS B 269 -48.71 4.47 -103.89
CA LYS B 269 -49.06 5.86 -103.62
C LYS B 269 -48.01 6.54 -102.76
N PHE B 270 -47.60 5.85 -101.72
CA PHE B 270 -46.67 6.41 -100.79
C PHE B 270 -45.26 6.29 -101.29
N GLU B 271 -45.02 5.33 -102.17
CA GLU B 271 -43.74 5.26 -102.87
C GLU B 271 -43.55 6.51 -103.68
N GLU B 272 -44.64 7.04 -104.20
CA GLU B 272 -44.64 8.33 -104.88
C GLU B 272 -44.70 9.49 -103.89
N MET B 273 -45.51 9.35 -102.84
CA MET B 273 -45.71 10.42 -101.88
C MET B 273 -44.43 10.79 -101.16
N PHE B 274 -43.77 9.79 -100.59
CA PHE B 274 -42.58 10.04 -99.81
C PHE B 274 -41.44 10.46 -100.69
N ALA B 275 -41.27 9.78 -101.82
CA ALA B 275 -40.19 10.07 -102.73
C ALA B 275 -40.39 11.42 -103.36
N MET C 1 -72.33 24.78 -28.63
CA MET C 1 -71.17 24.08 -29.18
C MET C 1 -71.34 23.83 -30.66
N THR C 2 -71.99 22.72 -31.00
CA THR C 2 -72.18 22.33 -32.39
C THR C 2 -70.88 22.50 -33.16
N LEU C 3 -70.72 23.64 -33.82
CA LEU C 3 -69.48 23.97 -34.48
C LEU C 3 -69.18 23.04 -35.61
N THR C 4 -69.61 23.43 -36.80
CA THR C 4 -69.27 22.69 -38.00
C THR C 4 -67.77 22.55 -38.10
N THR C 5 -67.28 21.33 -38.11
CA THR C 5 -65.86 21.11 -38.21
C THR C 5 -65.49 20.24 -39.37
N VAL C 6 -65.28 20.88 -40.52
CA VAL C 6 -64.76 20.17 -41.66
C VAL C 6 -63.26 20.14 -41.59
N ILE C 7 -62.71 18.98 -41.30
CA ILE C 7 -61.29 18.87 -41.06
C ILE C 7 -60.61 17.93 -42.02
N ASP C 8 -59.52 18.41 -42.59
CA ASP C 8 -58.72 17.65 -43.53
C ASP C 8 -57.50 17.09 -42.84
N ILE C 9 -57.34 15.77 -42.90
CA ILE C 9 -56.23 15.09 -42.24
C ILE C 9 -55.00 14.96 -43.14
N GLY C 10 -54.89 15.84 -44.14
CA GLY C 10 -53.83 15.86 -45.13
C GLY C 10 -52.49 15.28 -44.67
N ASN C 11 -51.94 14.42 -45.51
CA ASN C 11 -50.71 13.71 -45.22
C ASN C 11 -49.52 14.64 -45.15
N PHE C 12 -49.60 15.77 -45.83
CA PHE C 12 -48.57 16.79 -45.69
C PHE C 12 -48.90 17.68 -44.53
N SER C 13 -50.14 18.14 -44.48
CA SER C 13 -50.59 18.98 -43.41
C SER C 13 -52.09 18.94 -43.29
N THR C 14 -52.58 19.24 -42.11
CA THR C 14 -54.00 19.22 -41.87
C THR C 14 -54.56 20.61 -41.93
N LYS C 15 -55.88 20.70 -41.95
CA LYS C 15 -56.52 21.99 -41.92
C LYS C 15 -57.97 21.92 -41.51
N TYR C 16 -58.49 23.05 -41.05
CA TYR C 16 -59.84 23.12 -40.53
C TYR C 16 -60.60 24.29 -41.08
N ALA C 17 -61.72 24.01 -41.74
CA ALA C 17 -62.59 25.05 -42.25
C ALA C 17 -63.29 25.78 -41.10
N TYR C 18 -62.64 26.78 -40.56
CA TYR C 18 -63.15 27.50 -39.42
C TYR C 18 -64.15 28.54 -39.79
N LYS C 19 -65.38 28.09 -40.05
CA LYS C 19 -66.46 28.97 -40.47
C LYS C 19 -66.47 30.30 -39.75
N ASP C 20 -66.26 30.26 -38.43
CA ASP C 20 -66.20 31.46 -37.61
C ASP C 20 -67.28 32.44 -37.98
N LYS C 21 -68.51 31.97 -38.05
CA LYS C 21 -69.62 32.83 -38.38
C LYS C 21 -69.41 33.56 -39.70
N LYS C 22 -68.79 34.73 -39.61
CA LYS C 22 -68.72 35.65 -40.74
C LYS C 22 -67.73 35.22 -41.81
N GLN C 23 -66.70 34.48 -41.44
CA GLN C 23 -65.67 34.16 -42.42
C GLN C 23 -64.91 32.90 -42.08
N ILE C 24 -64.75 32.03 -43.07
CA ILE C 24 -64.07 30.77 -42.86
C ILE C 24 -62.56 30.99 -42.73
N LYS C 25 -62.03 30.73 -41.54
CA LYS C 25 -60.58 30.74 -41.32
C LYS C 25 -60.06 29.33 -41.47
N VAL C 26 -58.74 29.15 -41.48
CA VAL C 26 -58.24 27.79 -41.62
C VAL C 26 -57.33 27.37 -40.48
N GLY C 27 -57.80 26.42 -39.69
CA GLY C 27 -56.99 25.86 -38.62
C GLY C 27 -56.06 24.79 -39.17
N SER C 28 -54.90 25.20 -39.66
CA SER C 28 -53.96 24.28 -40.29
C SER C 28 -52.68 24.11 -39.50
N PHE C 29 -52.00 23.00 -39.76
CA PHE C 29 -50.67 22.73 -39.20
C PHE C 29 -50.06 21.51 -39.86
N PRO C 30 -48.74 21.40 -39.88
CA PRO C 30 -47.94 20.30 -40.39
C PRO C 30 -48.38 19.00 -39.78
N SER C 31 -48.64 18.03 -40.62
CA SER C 31 -49.19 16.76 -40.15
C SER C 31 -48.11 15.74 -39.88
N ILE C 32 -46.87 16.18 -39.96
CA ILE C 32 -45.74 15.34 -39.62
C ILE C 32 -45.72 15.12 -38.12
N LEU C 33 -45.50 13.89 -37.70
CA LEU C 33 -45.55 13.57 -36.27
C LEU C 33 -44.55 12.50 -35.92
N HIS C 34 -44.29 12.35 -34.62
CA HIS C 34 -43.33 11.37 -34.15
C HIS C 34 -43.74 10.83 -32.81
N SER C 35 -43.50 9.54 -32.60
CA SER C 35 -43.90 8.88 -31.38
C SER C 35 -43.02 9.25 -30.19
N TYR C 36 -43.34 8.66 -29.04
CA TYR C 36 -42.68 8.89 -27.75
C TYR C 36 -42.85 10.26 -27.16
N LYS C 37 -43.44 10.28 -25.98
CA LYS C 37 -43.64 11.47 -25.18
C LYS C 37 -42.34 12.03 -24.58
N PRO C 38 -41.59 11.21 -23.84
CA PRO C 38 -40.59 11.58 -22.85
C PRO C 38 -39.29 12.01 -23.49
N LEU C 39 -39.28 13.22 -24.02
CA LEU C 39 -38.05 13.78 -24.56
C LEU C 39 -37.29 14.51 -23.47
N GLU C 40 -37.81 15.69 -23.04
CA GLU C 40 -37.24 16.53 -21.96
C GLU C 40 -37.18 17.99 -22.36
N ASP C 41 -37.56 18.88 -21.42
CA ASP C 41 -37.51 20.35 -21.61
C ASP C 41 -37.51 20.77 -23.05
N TYR C 42 -38.65 20.66 -23.68
CA TYR C 42 -38.70 20.66 -25.11
C TYR C 42 -39.34 21.91 -25.72
N GLU C 43 -40.68 21.94 -25.77
CA GLU C 43 -41.42 23.01 -26.45
C GLU C 43 -41.37 22.84 -27.98
N GLY C 44 -42.24 23.55 -28.71
CA GLY C 44 -42.38 23.39 -30.16
C GLY C 44 -43.48 22.40 -30.53
N MET C 45 -43.14 21.13 -30.69
CA MET C 45 -44.19 20.13 -30.83
C MET C 45 -44.88 19.94 -29.51
N GLU C 46 -46.04 19.34 -29.55
CA GLU C 46 -46.76 19.07 -28.31
C GLU C 46 -47.01 17.59 -28.14
N ARG C 47 -46.96 17.16 -26.89
CA ARG C 47 -47.17 15.77 -26.55
C ARG C 47 -48.63 15.43 -26.60
N VAL C 48 -49.00 14.56 -27.51
CA VAL C 48 -50.38 14.15 -27.61
C VAL C 48 -50.56 12.72 -27.15
N GLU C 49 -51.44 12.54 -26.18
CA GLU C 49 -51.74 11.24 -25.64
C GLU C 49 -53.21 10.91 -25.80
N TYR C 50 -53.51 9.91 -26.62
CA TYR C 50 -54.89 9.61 -26.99
C TYR C 50 -55.06 8.19 -27.46
N ASN C 51 -56.08 7.51 -26.97
CA ASN C 51 -56.34 6.12 -27.34
C ASN C 51 -55.14 5.23 -27.16
N GLY C 52 -54.33 5.50 -26.15
CA GLY C 52 -53.15 4.71 -25.90
C GLY C 52 -52.05 4.99 -26.92
N LEU C 53 -52.18 6.09 -27.65
CA LEU C 53 -51.19 6.47 -28.63
C LEU C 53 -50.40 7.66 -28.14
N ASP C 54 -49.14 7.70 -28.50
CA ASP C 54 -48.21 8.66 -27.93
C ASP C 54 -47.35 9.32 -28.99
N TYR C 55 -47.71 10.53 -29.39
CA TYR C 55 -46.99 11.21 -30.44
C TYR C 55 -46.76 12.68 -30.16
N TYR C 56 -45.63 13.17 -30.64
CA TYR C 56 -45.40 14.59 -30.77
C TYR C 56 -45.95 15.11 -32.08
N VAL C 57 -46.52 16.30 -32.06
CA VAL C 57 -46.95 16.96 -33.29
C VAL C 57 -46.60 18.44 -33.29
N GLY C 58 -46.33 18.98 -34.47
CA GLY C 58 -46.02 20.41 -34.59
C GLY C 58 -44.76 20.65 -35.42
N GLU C 59 -44.59 21.88 -35.89
CA GLU C 59 -43.52 22.26 -36.81
C GLU C 59 -42.16 21.64 -36.50
N THR C 60 -41.78 21.69 -35.23
CA THR C 60 -40.44 21.28 -34.83
C THR C 60 -40.15 19.81 -35.13
N VAL C 61 -41.19 19.04 -35.34
CA VAL C 61 -41.05 17.64 -35.67
C VAL C 61 -40.06 17.41 -36.78
N LYS C 62 -39.94 18.36 -37.68
CA LYS C 62 -39.01 18.24 -38.78
C LYS C 62 -37.61 18.09 -38.22
N ASN C 63 -37.33 18.82 -37.16
CA ASN C 63 -36.07 18.72 -36.50
C ASN C 63 -35.91 17.35 -35.89
N PHE C 64 -37.01 16.79 -35.44
CA PHE C 64 -36.99 15.47 -34.85
C PHE C 64 -36.62 14.41 -35.87
N TYR C 65 -36.92 14.67 -37.14
CA TYR C 65 -36.55 13.76 -38.20
C TYR C 65 -35.30 14.16 -38.92
N PHE C 66 -34.55 15.10 -38.38
CA PHE C 66 -33.44 15.65 -39.14
C PHE C 66 -32.52 14.57 -39.64
N GLY C 67 -32.40 14.49 -40.96
CA GLY C 67 -31.57 13.48 -41.60
C GLY C 67 -32.43 12.35 -42.12
N ARG C 68 -33.47 12.02 -41.36
CA ARG C 68 -34.45 11.04 -41.80
C ARG C 68 -35.48 11.69 -42.68
N GLU C 69 -35.02 12.26 -43.78
CA GLU C 69 -35.87 13.10 -44.63
C GLU C 69 -36.75 12.23 -45.52
N GLU C 70 -37.60 11.46 -44.90
CA GLU C 70 -38.40 10.48 -45.60
C GLU C 70 -39.52 10.05 -44.70
N GLN C 71 -39.14 9.51 -43.56
CA GLN C 71 -40.10 9.16 -42.52
C GLN C 71 -41.01 10.33 -42.18
N MET C 72 -40.55 11.54 -42.44
CA MET C 72 -41.33 12.74 -42.18
C MET C 72 -42.79 12.59 -42.60
N TYR C 73 -43.04 11.94 -43.72
CA TYR C 73 -44.41 11.87 -44.18
C TYR C 73 -44.95 10.48 -44.12
N PHE C 74 -46.20 10.38 -43.73
CA PHE C 74 -46.93 9.14 -43.77
C PHE C 74 -48.04 9.25 -44.80
N GLY C 75 -47.68 9.05 -46.06
CA GLY C 75 -48.56 9.37 -47.18
C GLY C 75 -49.21 8.14 -47.78
N ASN C 76 -49.81 8.30 -48.95
CA ASN C 76 -50.51 7.23 -49.66
C ASN C 76 -51.43 6.46 -48.75
N THR C 77 -52.07 7.17 -47.85
CA THR C 77 -52.98 6.57 -46.94
C THR C 77 -54.29 6.40 -47.62
N ARG C 78 -54.43 5.30 -48.32
CA ARG C 78 -55.71 4.97 -48.92
C ARG C 78 -56.65 4.49 -47.84
N LYS C 79 -56.95 5.38 -46.90
CA LYS C 79 -57.64 5.09 -45.65
C LYS C 79 -57.13 6.05 -44.58
N GLY C 80 -57.86 6.13 -43.48
CA GLY C 80 -57.42 6.88 -42.32
C GLY C 80 -56.52 5.99 -41.51
N HIS C 81 -56.05 6.49 -40.37
CA HIS C 81 -55.23 5.70 -39.46
C HIS C 81 -53.81 5.51 -40.00
N MET C 82 -52.86 5.32 -39.11
CA MET C 82 -53.10 5.28 -37.67
C MET C 82 -52.75 6.61 -37.09
N GLU C 83 -51.66 7.16 -37.60
CA GLU C 83 -51.20 8.47 -37.23
C GLU C 83 -52.23 9.52 -37.55
N GLY C 84 -53.08 9.23 -38.54
CA GLY C 84 -54.16 10.10 -38.87
C GLY C 84 -55.00 10.43 -37.64
N GLN C 85 -55.18 9.45 -36.75
CA GLN C 85 -55.95 9.68 -35.55
C GLN C 85 -55.38 10.85 -34.83
N ILE C 86 -54.08 10.82 -34.63
CA ILE C 86 -53.40 11.86 -33.93
C ILE C 86 -53.59 13.18 -34.62
N ARG C 87 -53.49 13.16 -35.94
CA ARG C 87 -53.66 14.38 -36.70
C ARG C 87 -54.99 15.00 -36.38
N LEU C 88 -56.02 14.19 -36.40
CA LEU C 88 -57.34 14.67 -36.09
C LEU C 88 -57.41 15.16 -34.68
N VAL C 89 -56.87 14.39 -33.76
CA VAL C 89 -56.89 14.80 -32.38
C VAL C 89 -56.33 16.17 -32.21
N TYR C 90 -55.12 16.37 -32.68
CA TYR C 90 -54.46 17.62 -32.44
C TYR C 90 -55.19 18.73 -33.09
N ALA C 91 -55.79 18.45 -34.24
CA ALA C 91 -56.62 19.45 -34.87
C ALA C 91 -57.72 19.84 -33.95
N LEU C 92 -58.44 18.85 -33.44
CA LEU C 92 -59.56 19.14 -32.60
C LEU C 92 -59.11 19.95 -31.42
N TYR C 93 -57.95 19.59 -30.88
CA TYR C 93 -57.37 20.35 -29.80
C TYR C 93 -57.08 21.76 -30.23
N THR C 94 -56.47 21.89 -31.39
CA THR C 94 -56.11 23.19 -31.91
C THR C 94 -57.30 24.07 -32.00
N ILE C 95 -58.34 23.58 -32.63
CA ILE C 95 -59.49 24.40 -32.88
C ILE C 95 -60.25 24.59 -31.61
N PHE C 96 -60.17 23.62 -30.72
CA PHE C 96 -60.67 23.78 -29.38
C PHE C 96 -60.07 24.98 -28.76
N LYS C 97 -58.77 25.09 -28.83
CA LYS C 97 -58.11 26.26 -28.30
C LYS C 97 -58.60 27.49 -28.99
N GLU C 98 -58.76 27.40 -30.30
CA GLU C 98 -59.15 28.56 -31.08
C GLU C 98 -60.53 29.05 -30.73
N THR C 99 -61.42 28.13 -30.47
CA THR C 99 -62.78 28.48 -30.15
C THR C 99 -63.01 28.53 -28.68
N GLY C 100 -62.30 27.68 -27.96
CA GLY C 100 -62.56 27.46 -26.56
C GLY C 100 -63.76 26.53 -26.39
N LYS C 101 -64.01 25.68 -27.40
CA LYS C 101 -65.24 24.87 -27.41
C LYS C 101 -64.97 23.37 -27.54
N LYS C 102 -65.98 22.56 -27.18
CA LYS C 102 -65.86 21.10 -27.18
C LYS C 102 -66.65 20.48 -28.32
N GLU C 103 -67.76 19.81 -27.98
CA GLU C 103 -68.51 19.04 -28.96
C GLU C 103 -68.38 19.57 -30.34
N PHE C 104 -67.84 18.76 -31.23
CA PHE C 104 -67.56 19.19 -32.58
C PHE C 104 -68.54 18.57 -33.55
N ASN C 105 -68.88 19.31 -34.60
CA ASN C 105 -69.63 18.71 -35.69
C ASN C 105 -68.70 18.17 -36.75
N LEU C 106 -68.13 17.01 -36.49
CA LEU C 106 -67.00 16.53 -37.27
C LEU C 106 -67.39 16.09 -38.66
N ILE C 107 -66.73 16.69 -39.64
CA ILE C 107 -66.83 16.29 -41.02
C ILE C 107 -65.45 15.99 -41.57
N LEU C 108 -65.23 14.75 -41.98
CA LEU C 108 -63.92 14.32 -42.43
C LEU C 108 -63.91 14.00 -43.89
N THR C 109 -62.74 14.09 -44.49
CA THR C 109 -62.59 13.78 -45.89
C THR C 109 -61.53 12.73 -46.09
N CYS C 110 -61.67 11.95 -47.15
CA CYS C 110 -60.72 10.89 -47.44
C CYS C 110 -60.93 10.38 -48.86
N PRO C 111 -59.97 9.65 -49.43
CA PRO C 111 -60.01 8.99 -50.71
C PRO C 111 -61.31 8.25 -50.84
N TYR C 112 -62.05 8.54 -51.89
CA TYR C 112 -63.44 8.14 -51.98
C TYR C 112 -63.65 6.68 -51.65
N GLU C 113 -62.84 5.82 -52.25
CA GLU C 113 -63.04 4.39 -52.11
C GLU C 113 -62.80 3.89 -50.69
N SER C 114 -62.17 4.70 -49.85
CA SER C 114 -61.87 4.30 -48.50
C SER C 114 -62.93 4.79 -47.53
N MET C 115 -63.87 5.61 -48.00
CA MET C 115 -64.78 6.31 -47.10
C MET C 115 -65.48 5.41 -46.13
N VAL C 116 -65.92 4.24 -46.59
CA VAL C 116 -66.60 3.31 -45.71
C VAL C 116 -65.67 2.84 -44.61
N THR C 117 -64.48 2.43 -45.01
CA THR C 117 -63.47 1.97 -44.06
C THR C 117 -63.14 3.06 -43.08
N ASP C 118 -63.00 4.26 -43.58
CA ASP C 118 -62.63 5.39 -42.77
C ASP C 118 -63.73 5.76 -41.82
N LYS C 119 -64.96 5.63 -42.27
CA LYS C 119 -66.05 5.84 -41.35
C LYS C 119 -65.93 4.89 -40.20
N LYS C 120 -65.69 3.61 -40.49
CA LYS C 120 -65.49 2.63 -39.44
C LYS C 120 -64.36 3.05 -38.55
N TYR C 121 -63.26 3.45 -39.15
CA TYR C 121 -62.06 3.84 -38.45
C TYR C 121 -62.31 4.91 -37.44
N PHE C 122 -62.80 6.03 -37.89
CA PHE C 122 -62.90 7.18 -37.05
C PHE C 122 -64.09 7.09 -36.13
N VAL C 123 -65.14 6.46 -36.59
CA VAL C 123 -66.26 6.23 -35.70
C VAL C 123 -65.84 5.44 -34.51
N GLN C 124 -65.12 4.36 -34.72
CA GLN C 124 -64.63 3.59 -33.61
C GLN C 124 -63.78 4.43 -32.69
N HIS C 125 -62.90 5.24 -33.26
CA HIS C 125 -61.91 5.91 -32.46
C HIS C 125 -62.25 7.33 -32.08
N PHE C 126 -63.38 7.84 -32.55
CA PHE C 126 -63.74 9.22 -32.25
C PHE C 126 -65.22 9.48 -32.03
N GLU C 127 -66.06 8.63 -32.56
CA GLU C 127 -67.49 8.86 -32.41
C GLU C 127 -67.89 8.82 -30.94
N GLY C 128 -68.51 9.89 -30.47
CA GLY C 128 -69.00 9.95 -29.10
C GLY C 128 -68.00 10.64 -28.19
N GLU C 129 -68.17 10.43 -26.89
CA GLU C 129 -67.32 11.07 -25.90
C GLU C 129 -65.90 10.57 -25.97
N ARG C 130 -64.97 11.50 -25.99
CA ARG C 130 -63.54 11.18 -25.99
C ARG C 130 -62.76 12.21 -25.20
N GLU C 131 -61.55 11.87 -24.82
CA GLU C 131 -60.72 12.84 -24.12
C GLU C 131 -59.25 12.63 -24.41
N VAL C 132 -58.50 13.73 -24.42
CA VAL C 132 -57.11 13.69 -24.79
C VAL C 132 -56.27 14.50 -23.84
N ILE C 133 -55.06 14.05 -23.60
CA ILE C 133 -54.13 14.82 -22.83
C ILE C 133 -53.06 15.38 -23.72
N VAL C 134 -52.96 16.69 -23.75
CA VAL C 134 -51.95 17.33 -24.54
C VAL C 134 -51.02 18.12 -23.66
N GLU C 135 -49.74 17.78 -23.70
CA GLU C 135 -48.75 18.43 -22.87
C GLU C 135 -49.13 18.43 -21.40
N GLY C 136 -49.78 17.36 -20.95
CA GLY C 136 -50.17 17.25 -19.56
C GLY C 136 -51.54 17.87 -19.28
N LYS C 137 -52.11 18.54 -20.27
CA LYS C 137 -53.40 19.15 -20.10
C LYS C 137 -54.50 18.29 -20.69
N SER C 138 -55.42 17.85 -19.84
CA SER C 138 -56.51 17.01 -20.28
C SER C 138 -57.51 17.79 -21.09
N PHE C 139 -58.40 17.09 -21.76
CA PHE C 139 -59.42 17.72 -22.56
C PHE C 139 -60.48 16.74 -22.99
N LYS C 140 -61.67 16.91 -22.44
CA LYS C 140 -62.80 16.07 -22.78
C LYS C 140 -63.60 16.70 -23.90
N PHE C 141 -64.19 15.88 -24.73
CA PHE C 141 -64.92 16.37 -25.90
C PHE C 141 -65.76 15.28 -26.50
N THR C 142 -66.53 15.61 -27.51
CA THR C 142 -67.37 14.61 -28.14
C THR C 142 -67.76 14.94 -29.57
N VAL C 143 -68.08 13.89 -30.32
CA VAL C 143 -68.67 14.05 -31.65
C VAL C 143 -69.87 13.16 -31.81
N HIS C 144 -70.97 13.73 -32.25
CA HIS C 144 -72.17 12.94 -32.46
C HIS C 144 -72.66 13.03 -33.88
N ASN C 145 -72.07 12.20 -34.75
CA ASN C 145 -72.35 12.07 -36.19
C ASN C 145 -71.16 12.49 -37.02
N ILE C 146 -70.13 11.67 -37.07
CA ILE C 146 -69.01 11.97 -37.94
C ILE C 146 -69.43 11.85 -39.39
N VAL C 147 -69.36 12.95 -40.12
CA VAL C 147 -69.75 12.94 -41.52
C VAL C 147 -68.54 12.75 -42.41
N MET C 148 -68.57 11.73 -43.25
CA MET C 148 -67.46 11.47 -44.14
C MET C 148 -67.74 12.03 -45.52
N ALA C 149 -66.70 12.47 -46.20
CA ALA C 149 -66.83 12.99 -47.55
C ALA C 149 -65.60 12.66 -48.37
N ALA C 150 -65.68 12.89 -49.67
CA ALA C 150 -64.58 12.57 -50.56
C ALA C 150 -63.52 13.67 -50.54
N GLU C 151 -62.27 13.26 -50.38
CA GLU C 151 -61.16 14.20 -50.32
C GLU C 151 -61.05 14.96 -51.62
N GLY C 152 -61.07 16.29 -51.51
CA GLY C 152 -60.97 17.16 -52.66
C GLY C 152 -62.34 17.62 -53.16
N LEU C 153 -63.39 16.99 -52.65
CA LEU C 153 -64.75 17.27 -53.10
C LEU C 153 -65.07 18.75 -53.06
N GLY C 154 -64.57 19.42 -52.03
CA GLY C 154 -64.88 20.82 -51.80
C GLY C 154 -64.58 21.72 -52.99
N ALA C 155 -63.64 21.31 -53.84
CA ALA C 155 -63.25 22.12 -55.00
C ALA C 155 -64.45 22.41 -55.90
N LEU C 156 -65.48 21.60 -55.79
CA LEU C 156 -66.67 21.74 -56.58
C LEU C 156 -67.25 23.15 -56.53
N ASN C 157 -67.05 23.86 -55.43
CA ASN C 157 -67.58 25.20 -55.29
C ASN C 157 -66.97 26.17 -56.29
N PHE C 158 -65.79 25.85 -56.80
CA PHE C 158 -65.17 26.66 -57.83
C PHE C 158 -65.29 26.01 -59.17
N SER C 159 -65.68 24.75 -59.16
CA SER C 159 -65.79 23.97 -60.37
C SER C 159 -67.08 24.27 -61.11
N ASP C 160 -67.04 25.32 -61.92
CA ASP C 160 -68.22 25.81 -62.63
C ASP C 160 -69.00 24.69 -63.29
N SER C 161 -70.20 24.44 -62.77
CA SER C 161 -71.15 23.50 -63.37
C SER C 161 -70.51 22.16 -63.71
N LEU C 162 -69.58 21.74 -62.88
CA LEU C 162 -68.82 20.55 -63.16
C LEU C 162 -69.71 19.34 -63.29
N ASN C 163 -69.63 18.70 -64.44
CA ASN C 163 -70.18 17.37 -64.60
C ASN C 163 -69.06 16.40 -64.88
N CYS C 164 -67.84 16.78 -64.52
CA CYS C 164 -66.68 15.94 -64.74
C CYS C 164 -65.75 15.88 -63.52
N VAL C 165 -64.46 16.13 -63.74
CA VAL C 165 -63.45 15.60 -62.84
C VAL C 165 -62.67 16.64 -62.05
N ILE C 166 -62.49 16.34 -60.76
CA ILE C 166 -61.57 17.08 -59.90
C ILE C 166 -60.28 16.28 -59.70
N VAL C 167 -59.15 16.94 -59.89
CA VAL C 167 -57.86 16.31 -59.69
C VAL C 167 -57.18 16.87 -58.46
N ASP C 168 -56.92 16.01 -57.47
CA ASP C 168 -56.37 16.43 -56.20
C ASP C 168 -54.90 16.08 -56.05
N ALA C 169 -54.04 17.04 -56.30
CA ALA C 169 -52.60 16.82 -56.27
C ALA C 169 -52.03 17.01 -54.89
N GLY C 170 -52.15 16.00 -54.02
CA GLY C 170 -51.69 16.14 -52.65
C GLY C 170 -50.39 15.39 -52.37
N SER C 171 -49.73 15.75 -51.25
CA SER C 171 -48.56 15.06 -50.67
C SER C 171 -48.15 13.90 -51.49
N LYS C 172 -48.47 12.71 -51.00
CA LYS C 172 -48.25 11.51 -51.77
C LYS C 172 -49.58 10.83 -52.02
N THR C 173 -50.58 11.60 -52.41
CA THR C 173 -51.87 11.04 -52.79
C THR C 173 -52.51 11.83 -53.91
N LEU C 174 -53.01 11.13 -54.92
CA LEU C 174 -53.68 11.78 -56.03
C LEU C 174 -55.13 11.32 -56.13
N ASN C 175 -56.07 12.21 -55.87
CA ASN C 175 -57.48 11.81 -55.96
C ASN C 175 -58.10 12.25 -57.27
N VAL C 176 -58.86 11.36 -57.89
CA VAL C 176 -59.64 11.70 -59.06
C VAL C 176 -61.12 11.56 -58.79
N LEU C 177 -61.80 12.69 -58.68
CA LEU C 177 -63.22 12.66 -58.45
C LEU C 177 -63.99 12.98 -59.70
N TYR C 178 -64.51 11.95 -60.32
CA TYR C 178 -65.35 12.14 -61.47
C TYR C 178 -66.74 12.40 -61.01
N LEU C 179 -67.03 13.67 -60.78
CA LEU C 179 -68.33 14.07 -60.35
C LEU C 179 -69.23 14.26 -61.53
N ILE C 180 -70.49 13.88 -61.38
CA ILE C 180 -71.44 14.12 -62.44
C ILE C 180 -72.67 14.76 -61.89
N ASN C 181 -73.07 15.88 -62.47
CA ASN C 181 -74.21 16.67 -61.99
C ASN C 181 -73.93 17.27 -60.63
N GLY C 182 -73.78 16.43 -59.63
CA GLY C 182 -73.39 16.85 -58.30
C GLY C 182 -73.19 15.66 -57.39
N SER C 183 -72.76 14.55 -57.96
CA SER C 183 -72.51 13.35 -57.18
C SER C 183 -71.24 12.67 -57.64
N ILE C 184 -70.90 11.58 -56.98
CA ILE C 184 -69.63 10.92 -57.23
C ILE C 184 -69.82 9.64 -58.01
N SER C 185 -69.18 9.56 -59.16
CA SER C 185 -69.27 8.33 -59.94
C SER C 185 -68.37 7.28 -59.37
N LYS C 186 -68.86 6.56 -58.37
CA LYS C 186 -68.10 5.50 -57.73
C LYS C 186 -67.46 4.57 -58.72
N MET C 187 -68.20 4.19 -59.73
CA MET C 187 -67.75 3.19 -60.68
C MET C 187 -66.65 3.71 -61.61
N ASP C 188 -66.39 5.01 -61.58
CA ASP C 188 -65.33 5.57 -62.40
C ASP C 188 -64.22 6.21 -61.57
N SER C 189 -64.59 6.92 -60.51
CA SER C 189 -63.65 7.66 -59.69
C SER C 189 -62.74 6.76 -58.92
N HIS C 190 -61.53 7.23 -58.63
CA HIS C 190 -60.57 6.42 -57.91
C HIS C 190 -59.40 7.24 -57.44
N THR C 191 -58.61 6.69 -56.54
CA THR C 191 -57.44 7.37 -56.02
C THR C 191 -56.16 6.71 -56.49
N ILE C 192 -55.14 7.52 -56.74
CA ILE C 192 -53.92 7.09 -57.39
C ILE C 192 -52.70 7.34 -56.52
N ASN C 193 -51.77 6.38 -56.51
CA ASN C 193 -50.48 6.57 -55.84
C ASN C 193 -49.42 6.96 -56.87
N GLY C 194 -48.43 7.78 -56.50
CA GLY C 194 -48.32 8.39 -55.19
C GLY C 194 -48.87 9.81 -55.22
N GLY C 195 -47.98 10.78 -55.20
CA GLY C 195 -48.41 12.18 -55.24
C GLY C 195 -47.25 13.15 -55.40
N THR C 196 -47.49 14.37 -54.94
CA THR C 196 -46.60 15.50 -55.18
C THR C 196 -45.18 15.24 -54.74
N ILE C 197 -45.02 14.64 -53.57
CA ILE C 197 -43.70 14.55 -52.97
C ILE C 197 -42.80 13.55 -53.68
N ASP C 198 -43.34 12.39 -54.00
CA ASP C 198 -42.52 11.28 -54.46
C ASP C 198 -42.09 11.39 -55.92
N ASN C 199 -42.76 12.22 -56.71
CA ASN C 199 -42.35 12.39 -58.10
C ASN C 199 -42.84 13.71 -58.69
N SER C 200 -42.53 13.94 -59.95
CA SER C 200 -42.80 15.22 -60.58
C SER C 200 -44.24 15.43 -60.90
N ILE C 201 -44.61 16.69 -60.99
CA ILE C 201 -45.93 17.06 -61.41
C ILE C 201 -46.24 16.45 -62.76
N MET C 202 -45.25 16.45 -63.65
CA MET C 202 -45.44 15.86 -64.96
C MET C 202 -45.65 14.37 -64.84
N ASP C 203 -44.93 13.75 -63.91
CA ASP C 203 -45.09 12.33 -63.69
C ASP C 203 -46.50 12.03 -63.28
N LEU C 204 -47.01 12.83 -62.37
CA LEU C 204 -48.37 12.68 -61.92
C LEU C 204 -49.32 12.92 -63.04
N ALA C 205 -49.07 13.97 -63.81
CA ALA C 205 -49.97 14.33 -64.87
C ALA C 205 -50.09 13.21 -65.85
N LYS C 206 -48.97 12.62 -66.22
CA LYS C 206 -48.98 11.52 -67.15
C LYS C 206 -49.62 10.30 -66.53
N THR C 207 -49.36 10.08 -65.24
CA THR C 207 -49.98 9.00 -64.52
C THR C 207 -51.48 9.14 -64.56
N PHE C 208 -51.95 10.34 -64.25
CA PHE C 208 -53.35 10.66 -64.29
C PHE C 208 -53.94 10.32 -65.63
N ALA C 209 -53.28 10.79 -66.68
CA ALA C 209 -53.77 10.56 -68.02
C ALA C 209 -53.92 9.08 -68.29
N LYS C 210 -52.95 8.30 -67.89
CA LYS C 210 -53.02 6.86 -68.08
C LYS C 210 -54.21 6.28 -67.35
N THR C 211 -54.42 6.75 -66.13
CA THR C 211 -55.48 6.20 -65.29
C THR C 211 -56.85 6.65 -65.73
N CYS C 212 -56.91 7.76 -66.44
CA CYS C 212 -58.19 8.26 -66.85
C CYS C 212 -58.20 8.67 -68.30
N SER C 213 -57.85 7.74 -69.16
CA SER C 213 -57.88 7.96 -70.60
C SER C 213 -59.29 8.15 -71.10
N ASN C 214 -60.25 7.71 -70.30
CA ASN C 214 -61.66 7.87 -70.61
C ASN C 214 -62.12 9.32 -70.50
N ILE C 215 -61.27 10.17 -69.95
CA ILE C 215 -61.58 11.59 -69.90
C ILE C 215 -61.35 12.26 -71.22
N ASP C 216 -62.38 12.91 -71.73
CA ASP C 216 -62.24 13.70 -72.93
C ASP C 216 -61.37 14.91 -72.67
N TYR C 217 -60.52 15.27 -73.61
CA TYR C 217 -59.61 16.38 -73.42
C TYR C 217 -60.34 17.69 -73.16
N ASP C 218 -61.59 17.77 -73.57
CA ASP C 218 -62.36 18.97 -73.35
C ASP C 218 -63.22 18.91 -72.10
N TYR C 219 -63.05 17.86 -71.30
CA TYR C 219 -63.71 17.86 -70.01
C TYR C 219 -63.25 19.03 -69.20
N PRO C 220 -64.11 19.57 -68.36
CA PRO C 220 -63.84 20.51 -67.32
C PRO C 220 -63.06 19.83 -66.22
N ILE C 221 -61.76 20.05 -66.22
CA ILE C 221 -60.89 19.48 -65.21
C ILE C 221 -60.50 20.52 -64.20
N VAL C 222 -60.84 20.27 -62.96
CA VAL C 222 -60.52 21.22 -61.93
C VAL C 222 -59.48 20.67 -61.01
N CYS C 223 -58.37 21.36 -60.91
CA CYS C 223 -57.25 20.89 -60.14
C CYS C 223 -57.17 21.59 -58.80
N THR C 224 -57.00 20.80 -57.75
CA THR C 224 -56.92 21.31 -56.39
C THR C 224 -55.83 20.63 -55.61
N GLY C 225 -55.43 21.24 -54.52
CA GLY C 225 -54.45 20.65 -53.62
C GLY C 225 -53.04 21.02 -54.02
N GLY C 226 -52.18 21.18 -53.03
CA GLY C 226 -50.75 21.36 -53.23
C GLY C 226 -50.45 22.22 -54.43
N LYS C 227 -49.75 21.64 -55.40
CA LYS C 227 -49.35 22.36 -56.60
C LYS C 227 -50.47 22.39 -57.62
N ALA C 228 -51.62 22.90 -57.21
CA ALA C 228 -52.80 22.87 -58.05
C ALA C 228 -52.56 23.64 -59.31
N GLU C 229 -51.98 24.82 -59.17
CA GLU C 229 -51.79 25.69 -60.31
C GLU C 229 -50.81 25.10 -61.29
N GLU C 230 -49.70 24.62 -60.78
CA GLU C 230 -48.66 24.06 -61.61
C GLU C 230 -49.16 22.81 -62.27
N MET C 231 -49.92 22.03 -61.53
CA MET C 231 -50.52 20.84 -62.07
C MET C 231 -51.42 21.16 -63.21
N LYS C 232 -52.29 22.14 -63.01
CA LYS C 232 -53.17 22.59 -64.07
C LYS C 232 -52.36 22.98 -65.29
N GLU C 233 -51.31 23.75 -65.07
CA GLU C 233 -50.46 24.19 -66.14
C GLU C 233 -49.88 23.01 -66.91
N CYS C 234 -49.39 22.02 -66.18
CA CYS C 234 -48.83 20.85 -66.81
C CYS C 234 -49.86 20.05 -67.57
N LEU C 235 -51.06 19.95 -67.01
CA LEU C 235 -52.12 19.21 -67.67
C LEU C 235 -52.47 19.83 -69.00
N GLU C 236 -52.41 21.16 -69.06
CA GLU C 236 -52.60 21.82 -70.33
C GLU C 236 -51.52 21.42 -71.30
N ASN C 237 -50.29 21.33 -70.80
CA ASN C 237 -49.19 20.90 -71.63
C ASN C 237 -49.34 19.46 -72.04
N VAL C 238 -49.97 18.65 -71.18
CA VAL C 238 -50.29 17.29 -71.55
C VAL C 238 -51.25 17.28 -72.71
N GLY C 239 -52.25 18.15 -72.65
CA GLY C 239 -53.13 18.35 -73.79
C GLY C 239 -54.60 18.47 -73.38
N TYR C 240 -54.85 18.78 -72.13
CA TYR C 240 -56.21 19.00 -71.70
C TYR C 240 -56.54 20.46 -71.81
N SER C 241 -57.71 20.76 -72.33
CA SER C 241 -58.04 22.13 -72.67
C SER C 241 -58.64 22.86 -71.49
N THR C 242 -59.89 22.56 -71.19
CA THR C 242 -60.62 23.25 -70.14
C THR C 242 -60.19 22.80 -68.76
N VAL C 243 -58.99 23.20 -68.36
CA VAL C 243 -58.47 22.83 -67.06
C VAL C 243 -58.30 24.08 -66.22
N SER C 244 -58.75 24.03 -64.97
CA SER C 244 -58.66 25.19 -64.12
C SER C 244 -58.27 24.84 -62.70
N SER C 245 -57.56 25.75 -62.05
CA SER C 245 -57.19 25.58 -60.67
C SER C 245 -58.23 26.19 -59.76
N ALA C 246 -58.51 25.53 -58.65
CA ALA C 246 -59.54 25.98 -57.73
C ALA C 246 -59.06 27.11 -56.84
N GLU C 247 -58.93 28.31 -57.40
CA GLU C 247 -58.48 29.45 -56.62
C GLU C 247 -59.40 29.70 -55.43
N LEU C 248 -58.83 29.68 -54.23
CA LEU C 248 -59.61 29.79 -53.02
C LEU C 248 -59.87 31.23 -52.64
N GLY C 249 -60.69 31.90 -53.44
CA GLY C 249 -61.12 33.28 -53.15
C GLY C 249 -60.00 34.14 -52.56
N GLU C 250 -59.95 34.22 -51.24
CA GLU C 250 -58.98 35.05 -50.53
C GLU C 250 -57.56 34.53 -50.68
N ASP C 251 -56.62 35.19 -50.03
CA ASP C 251 -55.23 34.75 -50.08
C ASP C 251 -55.06 33.48 -49.27
N LYS C 252 -55.54 32.38 -49.84
CA LYS C 252 -55.57 31.10 -49.17
C LYS C 252 -55.13 30.02 -50.11
N PRO C 253 -53.83 29.88 -50.30
CA PRO C 253 -53.15 29.15 -51.34
C PRO C 253 -53.70 27.74 -51.54
N SER C 254 -53.93 27.41 -52.81
CA SER C 254 -54.24 26.08 -53.31
C SER C 254 -54.63 25.11 -52.24
N TYR C 255 -53.62 24.48 -51.65
CA TYR C 255 -53.80 23.34 -50.76
C TYR C 255 -54.87 23.53 -49.70
N TYR C 256 -55.23 24.76 -49.41
CA TYR C 256 -56.25 25.01 -48.44
C TYR C 256 -57.64 24.56 -48.86
N VAL C 257 -57.94 24.60 -50.14
CA VAL C 257 -59.33 24.44 -50.62
C VAL C 257 -60.03 23.29 -49.95
N ASN C 258 -59.85 22.08 -50.48
CA ASN C 258 -60.46 20.86 -49.94
C ASN C 258 -61.58 21.15 -48.97
N SER C 259 -61.24 21.14 -47.69
CA SER C 259 -62.21 21.29 -46.62
C SER C 259 -62.92 22.62 -46.65
N VAL C 260 -62.18 23.67 -46.96
CA VAL C 260 -62.74 25.00 -46.96
C VAL C 260 -63.85 25.08 -47.97
N GLY C 261 -63.56 24.58 -49.16
CA GLY C 261 -64.53 24.56 -50.22
C GLY C 261 -65.72 23.72 -49.84
N LEU C 262 -65.46 22.58 -49.22
CA LEU C 262 -66.52 21.66 -48.88
C LEU C 262 -67.52 22.36 -47.97
N LEU C 263 -67.00 23.05 -46.98
CA LEU C 263 -67.84 23.86 -46.13
C LEU C 263 -68.55 24.92 -46.93
N LEU C 264 -67.78 25.64 -47.71
CA LEU C 264 -68.31 26.76 -48.46
C LEU C 264 -69.49 26.36 -49.33
N LYS C 265 -69.42 25.21 -49.96
CA LYS C 265 -70.49 24.79 -50.84
C LYS C 265 -71.58 24.05 -50.11
N TYR C 266 -71.22 23.01 -49.37
CA TYR C 266 -72.22 22.13 -48.83
C TYR C 266 -72.76 22.61 -47.52
N GLY C 267 -71.91 23.30 -46.75
CA GLY C 267 -72.26 23.86 -45.44
C GLY C 267 -73.66 23.45 -44.98
N ARG C 268 -74.64 24.29 -45.27
CA ARG C 268 -76.04 24.05 -44.91
C ARG C 268 -76.43 22.57 -44.93
N LYS C 269 -76.04 21.86 -45.99
CA LYS C 269 -76.29 20.43 -46.11
C LYS C 269 -75.89 19.70 -44.85
N PHE C 270 -74.71 20.02 -44.36
CA PHE C 270 -74.15 19.35 -43.21
C PHE C 270 -74.73 19.89 -41.94
N GLU C 271 -75.20 21.14 -41.98
CA GLU C 271 -75.95 21.69 -40.86
C GLU C 271 -77.19 20.87 -40.64
N GLU C 272 -77.75 20.37 -41.74
CA GLU C 272 -78.87 19.45 -41.69
C GLU C 272 -78.40 18.02 -41.42
N MET C 273 -77.29 17.63 -42.05
CA MET C 273 -76.80 16.26 -41.94
C MET C 273 -76.42 15.90 -40.53
N PHE C 274 -75.59 16.71 -39.91
CA PHE C 274 -75.10 16.43 -38.58
C PHE C 274 -76.20 16.58 -37.55
N ALA C 275 -76.98 17.64 -37.68
CA ALA C 275 -78.05 17.90 -36.74
C ALA C 275 -79.12 16.85 -36.87
N MET D 1 -12.27 -28.23 -53.63
CA MET D 1 -12.63 -27.17 -52.69
C MET D 1 -13.87 -26.45 -53.14
N THR D 2 -13.69 -25.43 -53.98
CA THR D 2 -14.81 -24.61 -54.44
C THR D 2 -15.71 -24.24 -53.28
N LEU D 3 -16.76 -25.02 -53.09
CA LEU D 3 -17.63 -24.86 -51.95
C LEU D 3 -18.35 -23.54 -51.97
N THR D 4 -19.55 -23.55 -52.53
CA THR D 4 -20.39 -22.37 -52.50
C THR D 4 -20.60 -21.94 -51.08
N THR D 5 -20.18 -20.72 -50.76
CA THR D 5 -20.35 -20.22 -49.42
C THR D 5 -21.12 -18.94 -49.37
N VAL D 6 -22.43 -19.06 -49.27
CA VAL D 6 -23.27 -17.91 -49.05
C VAL D 6 -23.35 -17.64 -47.59
N ILE D 7 -22.70 -16.58 -47.15
CA ILE D 7 -22.60 -16.30 -45.73
C ILE D 7 -23.20 -14.97 -45.35
N ASP D 8 -24.01 -15.00 -44.32
CA ASP D 8 -24.66 -13.81 -43.80
C ASP D 8 -23.95 -13.32 -42.56
N ILE D 9 -23.52 -12.06 -42.60
CA ILE D 9 -22.77 -11.49 -41.48
C ILE D 9 -23.69 -10.82 -40.45
N GLY D 10 -24.94 -11.24 -40.41
CA GLY D 10 -25.97 -10.70 -39.53
C GLY D 10 -25.48 -10.08 -38.22
N ASN D 11 -25.97 -8.89 -37.93
CA ASN D 11 -25.58 -8.12 -36.78
C ASN D 11 -26.00 -8.78 -35.48
N PHE D 12 -27.05 -9.58 -35.53
CA PHE D 12 -27.41 -10.38 -34.37
C PHE D 12 -26.66 -11.66 -34.38
N SER D 13 -26.66 -12.33 -35.52
CA SER D 13 -25.95 -13.58 -35.66
C SER D 13 -25.65 -13.85 -37.11
N THR D 14 -24.64 -14.65 -37.36
CA THR D 14 -24.25 -14.98 -38.70
C THR D 14 -24.78 -16.33 -39.08
N LYS D 15 -24.69 -16.64 -40.36
CA LYS D 15 -25.10 -17.96 -40.81
C LYS D 15 -24.53 -18.31 -42.16
N TYR D 16 -24.49 -19.61 -42.45
CA TYR D 16 -23.90 -20.10 -43.66
C TYR D 16 -24.77 -21.12 -44.36
N ALA D 17 -25.14 -20.83 -45.60
CA ALA D 17 -25.92 -21.77 -46.39
C ALA D 17 -25.06 -22.96 -46.79
N TYR D 18 -25.03 -23.95 -45.93
CA TYR D 18 -24.19 -25.12 -46.14
C TYR D 18 -24.83 -26.12 -47.05
N LYS D 19 -24.76 -25.85 -48.35
CA LYS D 19 -25.37 -26.70 -49.36
C LYS D 19 -25.22 -28.17 -49.08
N ASP D 20 -24.02 -28.57 -48.64
CA ASP D 20 -23.73 -29.96 -48.30
C ASP D 20 -24.32 -30.93 -49.28
N LYS D 21 -24.08 -30.70 -50.56
CA LYS D 21 -24.59 -31.57 -51.59
C LYS D 21 -26.11 -31.72 -51.51
N LYS D 22 -26.55 -32.70 -50.73
CA LYS D 22 -27.93 -33.13 -50.74
C LYS D 22 -28.86 -32.17 -50.02
N GLN D 23 -28.35 -31.44 -49.04
CA GLN D 23 -29.23 -30.59 -48.24
C GLN D 23 -28.52 -29.42 -47.60
N ILE D 24 -29.13 -28.25 -47.73
CA ILE D 24 -28.52 -27.05 -47.19
C ILE D 24 -28.64 -27.02 -45.67
N LYS D 25 -27.51 -27.10 -44.98
CA LYS D 25 -27.47 -26.92 -43.53
C LYS D 25 -27.12 -25.49 -43.23
N VAL D 26 -27.20 -25.08 -41.97
CA VAL D 26 -26.86 -23.69 -41.67
C VAL D 26 -25.75 -23.54 -40.65
N GLY D 27 -24.60 -23.04 -41.11
CA GLY D 27 -23.50 -22.77 -40.20
C GLY D 27 -23.69 -21.42 -39.53
N SER D 28 -24.44 -21.42 -38.42
CA SER D 28 -24.75 -20.17 -37.73
C SER D 28 -24.10 -20.05 -36.37
N PHE D 29 -23.99 -18.82 -35.90
CA PHE D 29 -23.53 -18.53 -34.53
C PHE D 29 -23.71 -17.06 -34.22
N PRO D 30 -23.84 -16.71 -32.94
CA PRO D 30 -23.96 -15.37 -32.38
C PRO D 30 -22.87 -14.49 -32.88
N SER D 31 -23.23 -13.34 -33.42
CA SER D 31 -22.25 -12.46 -34.05
C SER D 31 -21.72 -11.43 -33.07
N ILE D 32 -22.11 -11.56 -31.81
CA ILE D 32 -21.59 -10.71 -30.77
C ILE D 32 -20.14 -11.05 -30.53
N LEU D 33 -19.31 -10.04 -30.40
CA LEU D 33 -17.87 -10.27 -30.24
C LEU D 33 -17.24 -9.24 -29.35
N HIS D 34 -16.02 -9.50 -28.90
CA HIS D 34 -15.32 -8.61 -28.00
C HIS D 34 -13.83 -8.67 -28.25
N SER D 35 -13.18 -7.54 -28.14
CA SER D 35 -11.75 -7.43 -28.40
C SER D 35 -10.90 -8.06 -27.31
N TYR D 36 -9.59 -7.98 -27.49
CA TYR D 36 -8.56 -8.52 -26.60
C TYR D 36 -8.53 -10.03 -26.48
N LYS D 37 -7.39 -10.59 -26.87
CA LYS D 37 -7.09 -12.00 -26.77
C LYS D 37 -6.90 -12.48 -25.33
N PRO D 38 -5.98 -11.86 -24.58
CA PRO D 38 -5.32 -12.37 -23.38
C PRO D 38 -6.21 -12.30 -22.16
N LEU D 39 -7.16 -13.21 -22.08
CA LEU D 39 -8.00 -13.29 -20.90
C LEU D 39 -7.37 -14.23 -19.87
N GLU D 40 -7.38 -15.54 -20.16
CA GLU D 40 -6.77 -16.59 -19.31
C GLU D 40 -7.71 -17.78 -19.13
N ASP D 41 -7.14 -19.00 -19.22
CA ASP D 41 -7.88 -20.27 -19.02
C ASP D 41 -9.37 -20.13 -19.20
N TYR D 42 -9.78 -20.01 -20.44
CA TYR D 42 -11.08 -19.50 -20.73
C TYR D 42 -12.05 -20.54 -21.30
N GLU D 43 -11.97 -20.81 -22.60
CA GLU D 43 -12.93 -21.68 -23.30
C GLU D 43 -14.28 -20.96 -23.53
N GLY D 44 -15.11 -21.50 -24.41
CA GLY D 44 -16.37 -20.86 -24.81
C GLY D 44 -16.21 -20.03 -26.09
N MET D 45 -15.91 -18.73 -25.94
CA MET D 45 -15.54 -17.97 -27.13
C MET D 45 -14.19 -18.41 -27.60
N GLU D 46 -13.86 -18.06 -28.82
CA GLU D 46 -12.55 -18.39 -29.35
C GLU D 46 -11.79 -17.16 -29.77
N ARG D 47 -10.49 -17.19 -29.55
CA ARG D 47 -9.63 -16.08 -29.88
C ARG D 47 -9.38 -16.02 -31.36
N VAL D 48 -9.83 -14.96 -31.99
CA VAL D 48 -9.63 -14.81 -33.41
C VAL D 48 -8.64 -13.71 -33.70
N GLU D 49 -7.58 -14.06 -34.42
CA GLU D 49 -6.56 -13.12 -34.78
C GLU D 49 -6.42 -13.03 -36.29
N TYR D 50 -6.75 -11.88 -36.85
CA TYR D 50 -6.82 -11.73 -38.30
C TYR D 50 -6.70 -10.29 -38.73
N ASN D 51 -5.87 -10.03 -39.75
CA ASN D 51 -5.65 -8.68 -40.25
C ASN D 51 -5.27 -7.71 -39.15
N GLY D 52 -4.53 -8.18 -38.16
CA GLY D 52 -4.13 -7.32 -37.06
C GLY D 52 -5.30 -7.01 -36.13
N LEU D 53 -6.37 -7.77 -36.24
CA LEU D 53 -7.53 -7.58 -35.39
C LEU D 53 -7.62 -8.69 -34.38
N ASP D 54 -8.10 -8.37 -33.19
CA ASP D 54 -8.05 -9.28 -32.07
C ASP D 54 -9.36 -9.33 -31.32
N TYR D 55 -10.15 -10.37 -31.58
CA TYR D 55 -11.46 -10.48 -30.96
C TYR D 55 -11.78 -11.88 -30.50
N TYR D 56 -12.54 -11.96 -29.42
CA TYR D 56 -13.23 -13.16 -29.03
C TYR D 56 -14.57 -13.26 -29.72
N VAL D 57 -14.95 -14.47 -30.12
CA VAL D 57 -16.29 -14.71 -30.65
C VAL D 57 -16.89 -15.99 -30.12
N GLY D 58 -18.21 -16.01 -29.98
CA GLY D 58 -18.90 -17.22 -29.51
C GLY D 58 -19.89 -16.89 -28.40
N GLU D 59 -20.81 -17.83 -28.16
CA GLU D 59 -21.92 -17.64 -27.22
C GLU D 59 -21.54 -16.93 -25.92
N THR D 60 -20.44 -17.36 -25.31
CA THR D 60 -20.05 -16.90 -24.00
C THR D 60 -19.79 -15.39 -23.95
N VAL D 61 -19.57 -14.80 -25.12
CA VAL D 61 -19.36 -13.37 -25.21
C VAL D 61 -20.40 -12.57 -24.46
N LYS D 62 -21.61 -13.10 -24.38
CA LYS D 62 -22.66 -12.43 -23.66
C LYS D 62 -22.25 -12.22 -22.23
N ASN D 63 -21.58 -13.23 -21.68
CA ASN D 63 -21.07 -13.14 -20.34
C ASN D 63 -20.01 -12.07 -20.27
N PHE D 64 -19.27 -11.93 -21.34
CA PHE D 64 -18.21 -10.94 -21.38
C PHE D 64 -18.78 -9.52 -21.34
N TYR D 65 -20.01 -9.37 -21.81
CA TYR D 65 -20.68 -8.08 -21.75
C TYR D 65 -21.63 -7.95 -20.60
N PHE D 66 -21.57 -8.87 -19.65
CA PHE D 66 -22.60 -8.89 -18.63
C PHE D 66 -22.75 -7.55 -17.95
N GLY D 67 -23.93 -6.98 -18.07
CA GLY D 67 -24.22 -5.67 -17.49
C GLY D 67 -24.17 -4.61 -18.58
N ARG D 68 -23.23 -4.77 -19.51
CA ARG D 68 -23.15 -3.90 -20.66
C ARG D 68 -24.11 -4.37 -21.74
N GLU D 69 -25.39 -4.42 -21.40
CA GLU D 69 -26.39 -5.03 -22.27
C GLU D 69 -26.79 -4.09 -23.39
N GLU D 70 -25.82 -3.74 -24.22
CA GLU D 70 -26.01 -2.76 -25.25
C GLU D 70 -24.90 -2.89 -26.24
N GLN D 71 -23.68 -2.74 -25.75
CA GLN D 71 -22.49 -2.98 -26.55
C GLN D 71 -22.53 -4.33 -27.23
N MET D 72 -23.29 -5.27 -26.66
CA MET D 72 -23.42 -6.60 -27.24
C MET D 72 -23.59 -6.58 -28.74
N TYR D 73 -24.34 -5.64 -29.27
CA TYR D 73 -24.58 -5.65 -30.69
C TYR D 73 -23.94 -4.49 -31.39
N PHE D 74 -23.42 -4.78 -32.56
CA PHE D 74 -22.90 -3.77 -33.45
C PHE D 74 -23.76 -3.70 -34.69
N GLY D 75 -24.89 -3.00 -34.58
CA GLY D 75 -25.93 -3.05 -35.59
C GLY D 75 -25.93 -1.82 -36.48
N ASN D 76 -27.01 -1.67 -37.25
CA ASN D 76 -27.17 -0.56 -38.20
C ASN D 76 -25.94 -0.36 -39.03
N THR D 77 -25.33 -1.44 -39.41
CA THR D 77 -24.15 -1.40 -40.22
C THR D 77 -24.57 -1.24 -41.64
N ARG D 78 -24.78 -0.01 -42.05
CA ARG D 78 -25.07 0.28 -43.44
C ARG D 78 -23.79 0.15 -44.24
N LYS D 79 -23.24 -1.05 -44.25
CA LYS D 79 -21.91 -1.37 -44.74
C LYS D 79 -21.34 -2.54 -43.95
N GLY D 80 -20.29 -3.14 -44.47
CA GLY D 80 -19.57 -4.17 -43.74
C GLY D 80 -18.57 -3.48 -42.83
N HIS D 81 -17.77 -4.26 -42.12
CA HIS D 81 -16.73 -3.72 -41.26
C HIS D 81 -17.30 -3.09 -40.01
N MET D 82 -16.52 -3.06 -38.94
CA MET D 82 -15.15 -3.59 -38.94
C MET D 82 -15.18 -4.95 -38.32
N GLU D 83 -15.96 -5.06 -37.27
CA GLU D 83 -16.18 -6.31 -36.59
C GLU D 83 -16.77 -7.34 -37.51
N GLY D 84 -17.46 -6.88 -38.54
CA GLY D 84 -17.98 -7.76 -39.56
C GLY D 84 -16.90 -8.65 -40.11
N GLN D 85 -15.69 -8.10 -40.27
CA GLN D 85 -14.59 -8.90 -40.79
C GLN D 85 -14.45 -10.12 -39.95
N ILE D 86 -14.39 -9.92 -38.65
CA ILE D 86 -14.22 -11.01 -37.73
C ILE D 86 -15.34 -11.99 -37.86
N ARG D 87 -16.55 -11.48 -37.99
CA ARG D 87 -17.70 -12.35 -38.13
C ARG D 87 -17.49 -13.28 -39.28
N LEU D 88 -17.09 -12.72 -40.42
CA LEU D 88 -16.84 -13.51 -41.59
C LEU D 88 -15.74 -14.50 -41.35
N VAL D 89 -14.66 -14.03 -40.76
CA VAL D 89 -13.54 -14.89 -40.49
C VAL D 89 -13.98 -16.10 -39.75
N TYR D 90 -14.62 -15.89 -38.61
CA TYR D 90 -14.94 -16.99 -37.76
C TYR D 90 -15.90 -17.91 -38.44
N ALA D 91 -16.77 -17.36 -39.26
CA ALA D 91 -17.64 -18.20 -40.04
C ALA D 91 -16.82 -19.08 -40.92
N LEU D 92 -15.91 -18.50 -41.66
CA LEU D 92 -15.13 -19.28 -42.57
C LEU D 92 -14.40 -20.36 -41.83
N TYR D 93 -13.89 -20.02 -40.66
CA TYR D 93 -13.26 -20.98 -39.80
C TYR D 93 -14.23 -22.06 -39.40
N THR D 94 -15.41 -21.67 -38.99
CA THR D 94 -16.43 -22.58 -38.55
C THR D 94 -16.72 -23.58 -39.62
N ILE D 95 -16.99 -23.10 -40.81
CA ILE D 95 -17.41 -23.97 -41.86
C ILE D 95 -16.24 -24.74 -42.37
N PHE D 96 -15.06 -24.16 -42.26
CA PHE D 96 -13.85 -24.89 -42.50
C PHE D 96 -13.80 -26.10 -41.66
N LYS D 97 -14.03 -25.92 -40.38
CA LYS D 97 -14.07 -27.06 -39.49
C LYS D 97 -15.13 -28.03 -39.92
N GLU D 98 -16.28 -27.52 -40.32
CA GLU D 98 -17.40 -28.36 -40.68
C GLU D 98 -17.10 -29.20 -41.90
N THR D 99 -16.42 -28.60 -42.85
CA THR D 99 -16.13 -29.30 -44.08
C THR D 99 -14.76 -29.91 -44.05
N GLY D 100 -13.86 -29.27 -43.34
CA GLY D 100 -12.45 -29.61 -43.39
C GLY D 100 -11.82 -29.05 -44.66
N LYS D 101 -12.39 -27.96 -45.18
CA LYS D 101 -11.95 -27.44 -46.49
C LYS D 101 -11.53 -25.97 -46.45
N LYS D 102 -10.77 -25.55 -47.47
CA LYS D 102 -10.24 -24.20 -47.55
C LYS D 102 -10.95 -23.37 -48.59
N GLU D 103 -10.27 -23.08 -49.71
CA GLU D 103 -10.78 -22.15 -50.72
C GLU D 103 -12.27 -22.13 -50.74
N PHE D 104 -12.83 -20.96 -50.48
CA PHE D 104 -14.27 -20.81 -50.38
C PHE D 104 -14.81 -20.08 -51.58
N ASN D 105 -16.02 -20.44 -51.99
CA ASN D 105 -16.70 -19.64 -52.99
C ASN D 105 -17.57 -18.59 -52.33
N LEU D 106 -16.95 -17.51 -51.89
CA LEU D 106 -17.61 -16.59 -50.99
C LEU D 106 -18.67 -15.75 -51.64
N ILE D 107 -19.86 -15.82 -51.08
CA ILE D 107 -20.97 -14.98 -51.49
C ILE D 107 -21.51 -14.25 -50.26
N LEU D 108 -21.43 -12.94 -50.28
CA LEU D 108 -21.82 -12.14 -49.13
C LEU D 108 -23.03 -11.31 -49.41
N THR D 109 -23.75 -10.96 -48.35
CA THR D 109 -24.93 -10.14 -48.49
C THR D 109 -24.83 -8.92 -47.62
N CYS D 110 -25.48 -7.84 -48.04
CA CYS D 110 -25.44 -6.60 -47.30
C CYS D 110 -26.52 -5.66 -47.82
N PRO D 111 -26.87 -4.61 -47.06
CA PRO D 111 -27.78 -3.55 -47.41
C PRO D 111 -27.48 -3.08 -48.80
N TYR D 112 -28.48 -3.09 -49.66
CA TYR D 112 -28.25 -2.95 -51.09
C TYR D 112 -27.38 -1.77 -51.43
N GLU D 113 -27.68 -0.62 -50.85
CA GLU D 113 -26.97 0.59 -51.21
C GLU D 113 -25.51 0.58 -50.80
N SER D 114 -25.13 -0.34 -49.94
CA SER D 114 -23.76 -0.40 -49.48
C SER D 114 -22.94 -1.40 -50.28
N MET D 115 -23.58 -2.15 -51.17
CA MET D 115 -22.94 -3.28 -51.81
C MET D 115 -21.62 -2.93 -52.45
N VAL D 116 -21.55 -1.79 -53.11
CA VAL D 116 -20.31 -1.39 -53.73
C VAL D 116 -19.22 -1.17 -52.70
N THR D 117 -19.55 -0.43 -51.67
CA THR D 117 -18.62 -0.17 -50.59
C THR D 117 -18.17 -1.47 -49.96
N ASP D 118 -19.12 -2.36 -49.74
CA ASP D 118 -18.85 -3.61 -49.10
C ASP D 118 -18.00 -4.49 -49.96
N LYS D 119 -18.22 -4.45 -51.26
CA LYS D 119 -17.35 -5.16 -52.14
C LYS D 119 -15.94 -4.68 -51.95
N LYS D 120 -15.75 -3.37 -51.93
CA LYS D 120 -14.43 -2.81 -51.69
C LYS D 120 -13.89 -3.31 -50.38
N TYR D 121 -14.72 -3.26 -49.35
CA TYR D 121 -14.34 -3.64 -48.01
C TYR D 121 -13.80 -5.03 -47.94
N PHE D 122 -14.60 -5.99 -48.35
CA PHE D 122 -14.25 -7.37 -48.16
C PHE D 122 -13.24 -7.83 -49.17
N VAL D 123 -13.31 -7.27 -50.37
CA VAL D 123 -12.29 -7.60 -51.34
C VAL D 123 -10.94 -7.24 -50.83
N GLN D 124 -10.80 -6.04 -50.30
CA GLN D 124 -9.55 -5.64 -49.73
C GLN D 124 -9.11 -6.58 -48.62
N HIS D 125 -10.04 -6.95 -47.77
CA HIS D 125 -9.66 -7.67 -46.57
C HIS D 125 -9.83 -9.18 -46.66
N PHE D 126 -10.33 -9.68 -47.78
CA PHE D 126 -10.56 -11.12 -47.89
C PHE D 126 -10.29 -11.70 -49.27
N GLU D 127 -10.36 -10.88 -50.30
CA GLU D 127 -10.15 -11.42 -51.64
C GLU D 127 -8.74 -11.98 -51.78
N GLY D 128 -8.66 -13.24 -52.16
CA GLY D 128 -7.37 -13.89 -52.40
C GLY D 128 -6.91 -14.67 -51.18
N GLU D 129 -5.62 -14.98 -51.15
CA GLU D 129 -5.04 -15.76 -50.08
C GLU D 129 -5.07 -15.02 -48.77
N ARG D 130 -5.54 -15.68 -47.72
CA ARG D 130 -5.58 -15.12 -46.39
C ARG D 130 -5.33 -16.20 -45.35
N GLU D 131 -4.99 -15.81 -44.14
CA GLU D 131 -4.81 -16.80 -43.08
C GLU D 131 -5.15 -16.22 -41.73
N VAL D 132 -5.66 -17.08 -40.87
CA VAL D 132 -6.14 -16.67 -39.56
C VAL D 132 -5.67 -17.59 -38.49
N ILE D 133 -5.40 -17.04 -37.32
CA ILE D 133 -5.09 -17.85 -36.18
C ILE D 133 -6.24 -17.85 -35.21
N VAL D 134 -6.78 -19.01 -34.95
CA VAL D 134 -7.86 -19.12 -34.00
C VAL D 134 -7.45 -19.99 -32.84
N GLU D 135 -7.51 -19.43 -31.65
CA GLU D 135 -7.09 -20.14 -30.45
C GLU D 135 -5.71 -20.73 -30.58
N GLY D 136 -4.82 -20.05 -31.28
CA GLY D 136 -3.45 -20.52 -31.43
C GLY D 136 -3.29 -21.45 -32.64
N LYS D 137 -4.39 -21.80 -33.29
CA LYS D 137 -4.33 -22.65 -34.44
C LYS D 137 -4.42 -21.86 -35.72
N SER D 138 -3.38 -21.93 -36.53
CA SER D 138 -3.34 -21.21 -37.79
C SER D 138 -4.28 -21.82 -38.79
N PHE D 139 -4.52 -21.10 -39.87
CA PHE D 139 -5.39 -21.57 -40.92
C PHE D 139 -5.29 -20.72 -42.15
N LYS D 140 -4.72 -21.30 -43.20
CA LYS D 140 -4.59 -20.61 -44.47
C LYS D 140 -5.77 -20.94 -45.36
N PHE D 141 -6.17 -19.98 -46.19
CA PHE D 141 -7.33 -20.16 -47.03
C PHE D 141 -7.38 -19.09 -48.10
N THR D 142 -8.35 -19.18 -48.98
CA THR D 142 -8.45 -18.19 -50.04
C THR D 142 -9.85 -18.05 -50.62
N VAL D 143 -10.11 -16.89 -51.19
CA VAL D 143 -11.32 -16.65 -51.96
C VAL D 143 -10.99 -16.00 -53.29
N HIS D 144 -11.50 -16.57 -54.37
CA HIS D 144 -11.26 -16.00 -55.68
C HIS D 144 -12.54 -15.66 -56.39
N ASN D 145 -13.08 -14.47 -56.06
CA ASN D 145 -14.32 -13.89 -56.59
C ASN D 145 -15.38 -13.75 -55.53
N ILE D 146 -15.21 -12.80 -54.63
CA ILE D 146 -16.25 -12.55 -53.65
C ILE D 146 -17.49 -11.99 -54.32
N VAL D 147 -18.59 -12.72 -54.23
CA VAL D 147 -19.83 -12.28 -54.85
C VAL D 147 -20.70 -11.56 -53.84
N MET D 148 -21.07 -10.33 -54.15
CA MET D 148 -21.91 -9.57 -53.25
C MET D 148 -23.36 -9.63 -53.69
N ALA D 149 -24.27 -9.60 -52.73
CA ALA D 149 -25.69 -9.60 -53.03
C ALA D 149 -26.45 -8.78 -51.99
N ALA D 150 -27.73 -8.53 -52.27
CA ALA D 150 -28.54 -7.73 -51.38
C ALA D 150 -29.06 -8.54 -50.20
N GLU D 151 -28.88 -7.99 -49.01
CA GLU D 151 -29.31 -8.66 -47.79
C GLU D 151 -30.81 -8.88 -47.80
N GLY D 152 -31.21 -10.13 -47.63
CA GLY D 152 -32.62 -10.49 -47.61
C GLY D 152 -33.10 -10.98 -48.98
N LEU D 153 -32.28 -10.79 -50.00
CA LEU D 153 -32.66 -11.13 -51.36
C LEU D 153 -33.14 -12.56 -51.48
N GLY D 154 -32.51 -13.46 -50.72
CA GLY D 154 -32.80 -14.87 -50.81
C GLY D 154 -34.27 -15.21 -50.59
N ALA D 155 -35.00 -14.36 -49.87
CA ALA D 155 -36.41 -14.61 -49.59
C ALA D 155 -37.22 -14.77 -50.87
N LEU D 156 -36.69 -14.25 -51.97
CA LEU D 156 -37.36 -14.32 -53.26
C LEU D 156 -37.79 -15.73 -53.61
N ASN D 157 -37.07 -16.74 -53.14
CA ASN D 157 -37.40 -18.12 -53.47
C ASN D 157 -38.76 -18.53 -52.91
N PHE D 158 -39.22 -17.83 -51.88
CA PHE D 158 -40.55 -18.09 -51.35
C PHE D 158 -41.51 -17.03 -51.78
N SER D 159 -40.98 -15.96 -52.33
CA SER D 159 -41.78 -14.82 -52.74
C SER D 159 -42.43 -15.08 -54.09
N ASP D 160 -43.58 -15.73 -54.05
CA ASP D 160 -44.30 -16.14 -55.25
C ASP D 160 -44.39 -15.03 -56.27
N SER D 161 -43.68 -15.21 -57.39
CA SER D 161 -43.77 -14.30 -58.54
C SER D 161 -43.64 -12.85 -58.15
N LEU D 162 -42.81 -12.59 -57.15
CA LEU D 162 -42.70 -11.26 -56.62
C LEU D 162 -42.25 -10.27 -57.67
N ASN D 163 -43.07 -9.26 -57.87
CA ASN D 163 -42.65 -8.09 -58.60
C ASN D 163 -42.66 -6.88 -57.68
N CYS D 164 -42.61 -7.14 -56.39
CA CYS D 164 -42.60 -6.08 -55.40
C CYS D 164 -41.57 -6.28 -54.29
N VAL D 165 -42.00 -6.20 -53.04
CA VAL D 165 -41.09 -5.85 -51.97
C VAL D 165 -40.83 -6.95 -50.93
N ILE D 166 -39.55 -7.10 -50.58
CA ILE D 166 -39.14 -7.91 -49.43
C ILE D 166 -38.81 -7.02 -48.25
N VAL D 167 -39.36 -7.34 -47.09
CA VAL D 167 -39.06 -6.60 -45.88
C VAL D 167 -38.22 -7.43 -44.93
N ASP D 168 -37.02 -6.95 -44.62
CA ASP D 168 -36.06 -7.71 -43.81
C ASP D 168 -35.95 -7.16 -42.39
N ALA D 169 -36.66 -7.79 -41.47
CA ALA D 169 -36.69 -7.33 -40.09
C ALA D 169 -35.56 -7.90 -39.28
N GLY D 170 -34.38 -7.31 -39.38
CA GLY D 170 -33.20 -7.84 -38.68
C GLY D 170 -32.80 -7.02 -37.46
N SER D 171 -31.98 -7.63 -36.58
CA SER D 171 -31.32 -7.00 -35.43
C SER D 171 -31.67 -5.55 -35.32
N LYS D 172 -30.73 -4.71 -35.70
CA LYS D 172 -30.99 -3.30 -35.78
C LYS D 172 -30.82 -2.82 -37.20
N THR D 173 -31.36 -3.58 -38.15
CA THR D 173 -31.36 -3.16 -39.55
C THR D 173 -32.63 -3.61 -40.27
N LEU D 174 -33.23 -2.69 -41.00
CA LEU D 174 -34.42 -3.01 -41.77
C LEU D 174 -34.18 -2.82 -43.26
N ASN D 175 -34.18 -3.90 -44.02
CA ASN D 175 -33.96 -3.77 -45.47
C ASN D 175 -35.27 -3.81 -46.23
N VAL D 176 -35.40 -2.92 -47.20
CA VAL D 176 -36.53 -2.94 -48.11
C VAL D 176 -36.07 -3.18 -49.53
N LEU D 177 -36.32 -4.38 -50.03
CA LEU D 177 -35.95 -4.72 -51.39
C LEU D 177 -37.13 -4.69 -52.30
N TYR D 178 -37.25 -3.62 -53.06
CA TYR D 178 -38.29 -3.53 -54.04
C TYR D 178 -37.81 -4.20 -55.29
N LEU D 179 -38.06 -5.49 -55.37
CA LEU D 179 -37.68 -6.26 -56.52
C LEU D 179 -38.74 -6.16 -57.58
N ILE D 180 -38.33 -6.11 -58.82
CA ILE D 180 -39.30 -6.12 -59.90
C ILE D 180 -38.89 -7.13 -60.92
N ASN D 181 -39.81 -8.02 -61.26
CA ASN D 181 -39.55 -9.12 -62.19
C ASN D 181 -38.56 -10.12 -61.61
N GLY D 182 -37.33 -9.68 -61.41
CA GLY D 182 -36.33 -10.48 -60.74
C GLY D 182 -35.06 -9.67 -60.55
N SER D 183 -35.20 -8.37 -60.37
CA SER D 183 -34.05 -7.52 -60.15
C SER D 183 -34.34 -6.50 -59.08
N ILE D 184 -33.36 -5.68 -58.77
CA ILE D 184 -33.46 -4.74 -57.66
C ILE D 184 -33.67 -3.34 -58.14
N SER D 185 -34.77 -2.71 -57.73
CA SER D 185 -35.00 -1.34 -58.11
C SER D 185 -34.17 -0.41 -57.27
N LYS D 186 -32.93 -0.20 -57.67
CA LYS D 186 -32.01 0.67 -56.97
C LYS D 186 -32.63 2.01 -56.62
N MET D 187 -33.33 2.58 -57.57
CA MET D 187 -33.87 3.91 -57.43
C MET D 187 -35.04 3.98 -56.45
N ASP D 188 -35.54 2.82 -56.00
CA ASP D 188 -36.62 2.80 -55.04
C ASP D 188 -36.23 2.13 -53.73
N SER D 189 -35.48 1.03 -53.83
CA SER D 189 -35.12 0.22 -52.67
C SER D 189 -34.16 0.96 -51.77
N HIS D 190 -34.22 0.64 -50.48
CA HIS D 190 -33.34 1.29 -49.52
C HIS D 190 -33.36 0.59 -48.18
N THR D 191 -32.40 0.92 -47.33
CA THR D 191 -32.31 0.32 -46.01
C THR D 191 -32.63 1.34 -44.93
N ILE D 192 -33.28 0.88 -43.87
CA ILE D 192 -33.84 1.73 -42.85
C ILE D 192 -33.27 1.41 -41.47
N ASN D 193 -32.99 2.45 -40.69
CA ASN D 193 -32.59 2.27 -39.29
C ASN D 193 -33.80 2.49 -38.38
N GLY D 194 -33.88 1.79 -37.25
CA GLY D 194 -32.93 0.78 -36.83
C GLY D 194 -33.44 -0.60 -37.19
N GLY D 195 -33.89 -1.35 -36.19
CA GLY D 195 -34.42 -2.68 -36.44
C GLY D 195 -35.06 -3.29 -35.21
N THR D 196 -35.09 -4.62 -35.20
CA THR D 196 -35.83 -5.41 -34.23
C THR D 196 -35.48 -5.07 -32.79
N ILE D 197 -34.21 -4.90 -32.52
CA ILE D 197 -33.76 -4.79 -31.15
C ILE D 197 -34.12 -3.46 -30.51
N ASP D 198 -33.90 -2.38 -31.24
CA ASP D 198 -34.00 -1.05 -30.66
C ASP D 198 -35.42 -0.54 -30.48
N ASN D 199 -36.38 -1.15 -31.15
CA ASN D 199 -37.77 -0.73 -30.97
C ASN D 199 -38.76 -1.80 -31.38
N SER D 200 -40.05 -1.50 -31.27
CA SER D 200 -41.09 -2.50 -31.46
C SER D 200 -41.30 -2.84 -32.89
N ILE D 201 -41.84 -4.03 -33.11
CA ILE D 201 -42.22 -4.46 -34.42
C ILE D 201 -43.19 -3.47 -35.02
N MET D 202 -44.10 -2.96 -34.21
CA MET D 202 -45.06 -1.99 -34.70
C MET D 202 -44.36 -0.71 -35.08
N ASP D 203 -43.34 -0.34 -34.30
CA ASP D 203 -42.59 0.86 -34.60
C ASP D 203 -41.94 0.71 -35.95
N LEU D 204 -41.35 -0.45 -36.19
CA LEU D 204 -40.74 -0.72 -37.46
C LEU D 204 -41.76 -0.71 -38.55
N ALA D 205 -42.89 -1.35 -38.30
CA ALA D 205 -43.91 -1.46 -39.31
C ALA D 205 -44.36 -0.10 -39.75
N LYS D 206 -44.59 0.77 -38.79
CA LYS D 206 -45.03 2.11 -39.10
C LYS D 206 -43.91 2.88 -39.78
N THR D 207 -42.68 2.66 -39.33
CA THR D 207 -41.54 3.28 -39.97
C THR D 207 -41.46 2.89 -41.41
N PHE D 208 -41.58 1.60 -41.66
CA PHE D 208 -41.61 1.06 -42.99
C PHE D 208 -42.64 1.74 -43.84
N ALA D 209 -43.85 1.82 -43.32
CA ALA D 209 -44.94 2.42 -44.04
C ALA D 209 -44.60 3.84 -44.45
N LYS D 210 -44.03 4.59 -43.52
CA LYS D 210 -43.66 5.96 -43.81
C LYS D 210 -42.63 6.01 -44.93
N THR D 211 -41.67 5.10 -44.87
CA THR D 211 -40.58 5.10 -45.83
C THR D 211 -41.01 4.59 -47.18
N CYS D 212 -42.07 3.83 -47.22
CA CYS D 212 -42.51 3.27 -48.47
C CYS D 212 -44.00 3.42 -48.67
N SER D 213 -44.47 4.66 -48.60
CA SER D 213 -45.87 4.96 -48.83
C SER D 213 -46.24 4.71 -50.28
N ASN D 214 -45.24 4.64 -51.14
CA ASN D 214 -45.43 4.34 -52.55
C ASN D 214 -45.84 2.90 -52.79
N ILE D 215 -45.76 2.08 -51.76
CA ILE D 215 -46.21 0.71 -51.87
C ILE D 215 -47.71 0.61 -51.77
N ASP D 216 -48.32 0.01 -52.77
CA ASP D 216 -49.74 -0.25 -52.74
C ASP D 216 -50.05 -1.30 -51.69
N TYR D 217 -51.15 -1.11 -50.98
CA TYR D 217 -51.50 -2.03 -49.91
C TYR D 217 -51.69 -3.46 -50.40
N ASP D 218 -51.95 -3.62 -51.68
CA ASP D 218 -52.13 -4.94 -52.24
C ASP D 218 -50.87 -5.48 -52.87
N TYR D 219 -49.75 -4.79 -52.71
CA TYR D 219 -48.49 -5.37 -53.14
C TYR D 219 -48.25 -6.65 -52.40
N PRO D 220 -47.59 -7.61 -53.02
CA PRO D 220 -47.03 -8.79 -52.45
C PRO D 220 -45.85 -8.43 -51.61
N ILE D 221 -46.07 -8.40 -50.30
CA ILE D 221 -45.02 -8.08 -49.36
C ILE D 221 -44.54 -9.31 -48.68
N VAL D 222 -43.26 -9.59 -48.83
CA VAL D 222 -42.72 -10.77 -48.21
C VAL D 222 -41.77 -10.41 -47.12
N CYS D 223 -42.07 -10.87 -45.92
CA CYS D 223 -41.31 -10.51 -44.76
C CYS D 223 -40.35 -11.62 -44.36
N THR D 224 -39.10 -11.25 -44.12
CA THR D 224 -38.07 -12.19 -43.74
C THR D 224 -37.21 -11.64 -42.64
N GLY D 225 -36.48 -12.53 -41.99
CA GLY D 225 -35.54 -12.13 -40.95
C GLY D 225 -36.20 -12.07 -39.59
N GLY D 226 -35.44 -12.40 -38.56
CA GLY D 226 -35.85 -12.23 -37.18
C GLY D 226 -37.31 -12.53 -36.97
N LYS D 227 -38.06 -11.53 -36.54
CA LYS D 227 -39.47 -11.68 -36.25
C LYS D 227 -40.30 -11.54 -37.51
N ALA D 228 -40.00 -12.36 -38.51
CA ALA D 228 -40.63 -12.25 -39.79
C ALA D 228 -42.10 -12.46 -39.68
N GLU D 229 -42.50 -13.48 -38.93
CA GLU D 229 -43.89 -13.82 -38.83
C GLU D 229 -44.67 -12.75 -38.12
N GLU D 230 -44.13 -12.30 -37.00
CA GLU D 230 -44.79 -11.29 -36.21
C GLU D 230 -44.87 -10.00 -36.96
N MET D 231 -43.80 -9.70 -37.69
CA MET D 231 -43.78 -8.52 -38.51
C MET D 231 -44.86 -8.57 -39.56
N LYS D 232 -44.95 -9.70 -40.25
CA LYS D 232 -46.00 -9.89 -41.22
C LYS D 232 -47.35 -9.66 -40.59
N GLU D 233 -47.56 -10.25 -39.42
CA GLU D 233 -48.81 -10.11 -38.71
C GLU D 233 -49.12 -8.65 -38.44
N CYS D 234 -48.12 -7.91 -37.96
CA CYS D 234 -48.31 -6.51 -37.67
C CYS D 234 -48.59 -5.70 -38.91
N LEU D 235 -47.92 -6.03 -40.00
CA LEU D 235 -48.12 -5.31 -41.24
C LEU D 235 -49.54 -5.46 -41.73
N GLU D 236 -50.12 -6.64 -41.51
CA GLU D 236 -51.51 -6.83 -41.82
C GLU D 236 -52.35 -5.91 -40.98
N ASN D 237 -51.99 -5.78 -39.71
CA ASN D 237 -52.71 -4.89 -38.84
C ASN D 237 -52.51 -3.45 -39.24
N VAL D 238 -51.36 -3.13 -39.81
CA VAL D 238 -51.14 -1.82 -40.37
C VAL D 238 -52.09 -1.57 -41.51
N GLY D 239 -52.26 -2.57 -42.35
CA GLY D 239 -53.29 -2.51 -43.38
C GLY D 239 -52.81 -3.03 -44.72
N TYR D 240 -51.75 -3.82 -44.72
CA TYR D 240 -51.29 -4.41 -45.95
C TYR D 240 -51.92 -5.78 -46.09
N SER D 241 -52.39 -6.08 -47.29
CA SER D 241 -53.18 -7.27 -47.50
C SER D 241 -52.32 -8.47 -47.78
N THR D 242 -51.80 -8.55 -49.00
CA THR D 242 -51.02 -9.68 -49.44
C THR D 242 -49.62 -9.70 -48.84
N VAL D 243 -49.54 -9.98 -47.55
CA VAL D 243 -48.26 -10.03 -46.87
C VAL D 243 -47.99 -11.43 -46.39
N SER D 244 -46.78 -11.91 -46.63
CA SER D 244 -46.45 -13.27 -46.25
C SER D 244 -45.06 -13.39 -45.68
N SER D 245 -44.89 -14.32 -44.76
CA SER D 245 -43.59 -14.60 -44.17
C SER D 245 -42.88 -15.67 -44.96
N ALA D 246 -41.58 -15.53 -45.13
CA ALA D 246 -40.80 -16.46 -45.93
C ALA D 246 -40.47 -17.72 -45.15
N GLU D 247 -41.46 -18.59 -44.96
CA GLU D 247 -41.22 -19.84 -44.25
C GLU D 247 -40.13 -20.65 -44.90
N LEU D 248 -39.10 -20.97 -44.14
CA LEU D 248 -37.94 -21.66 -44.70
C LEU D 248 -38.11 -23.16 -44.69
N GLY D 249 -39.01 -23.63 -45.54
CA GLY D 249 -39.22 -25.07 -45.73
C GLY D 249 -39.15 -25.87 -44.43
N GLU D 250 -37.96 -26.41 -44.14
CA GLU D 250 -37.74 -27.24 -42.96
C GLU D 250 -37.84 -26.45 -41.67
N ASP D 251 -37.60 -27.12 -40.55
CA ASP D 251 -37.62 -26.44 -39.27
C ASP D 251 -36.40 -25.54 -39.13
N LYS D 252 -36.44 -24.42 -39.84
CA LYS D 252 -35.35 -23.49 -39.92
C LYS D 252 -35.84 -22.08 -39.79
N PRO D 253 -36.11 -21.65 -38.58
CA PRO D 253 -36.84 -20.47 -38.18
C PRO D 253 -36.42 -19.22 -38.94
N SER D 254 -37.44 -18.51 -39.42
CA SER D 254 -37.35 -17.16 -39.99
C SER D 254 -35.96 -16.73 -40.31
N TYR D 255 -35.29 -16.19 -39.30
CA TYR D 255 -34.02 -15.49 -39.47
C TYR D 255 -32.99 -16.25 -40.32
N TYR D 256 -33.17 -17.55 -40.46
CA TYR D 256 -32.26 -18.33 -41.26
C TYR D 256 -32.32 -18.02 -42.75
N VAL D 257 -33.49 -17.65 -43.25
CA VAL D 257 -33.71 -17.58 -44.70
C VAL D 257 -32.57 -16.89 -45.44
N ASN D 258 -32.62 -15.57 -45.51
CA ASN D 258 -31.59 -14.77 -46.17
C ASN D 258 -30.69 -15.58 -47.06
N SER D 259 -29.55 -15.99 -46.51
CA SER D 259 -28.51 -16.68 -47.26
C SER D 259 -28.98 -18.01 -47.78
N VAL D 260 -29.76 -18.72 -46.97
CA VAL D 260 -30.20 -20.04 -47.35
C VAL D 260 -31.03 -19.96 -48.58
N GLY D 261 -31.96 -19.02 -48.57
CA GLY D 261 -32.83 -18.79 -49.71
C GLY D 261 -32.04 -18.39 -50.92
N LEU D 262 -31.06 -17.52 -50.71
CA LEU D 262 -30.28 -17.00 -51.80
C LEU D 262 -29.60 -18.15 -52.54
N LEU D 263 -29.01 -19.04 -51.77
CA LEU D 263 -28.45 -20.25 -52.34
C LEU D 263 -29.51 -21.05 -53.02
N LEU D 264 -30.60 -21.30 -52.32
CA LEU D 264 -31.66 -22.15 -52.82
C LEU D 264 -32.17 -21.69 -54.16
N LYS D 265 -32.31 -20.38 -54.35
CA LYS D 265 -32.84 -19.88 -55.60
C LYS D 265 -31.77 -19.68 -56.65
N TYR D 266 -30.74 -18.93 -56.31
CA TYR D 266 -29.79 -18.50 -57.31
C TYR D 266 -28.71 -19.51 -57.53
N GLY D 267 -28.37 -20.26 -56.49
CA GLY D 267 -27.34 -21.31 -56.54
C GLY D 267 -26.61 -21.37 -57.87
N ARG D 268 -27.10 -22.21 -58.78
CA ARG D 268 -26.52 -22.38 -60.12
C ARG D 268 -25.94 -21.09 -60.69
N LYS D 269 -26.68 -19.99 -60.58
CA LYS D 269 -26.19 -18.68 -61.04
C LYS D 269 -24.81 -18.39 -60.52
N PHE D 270 -24.61 -18.65 -59.24
CA PHE D 270 -23.37 -18.35 -58.60
C PHE D 270 -22.34 -19.41 -58.88
N GLU D 271 -22.81 -20.62 -59.17
CA GLU D 271 -21.92 -21.67 -59.64
C GLU D 271 -21.27 -21.22 -60.93
N GLU D 272 -22.01 -20.47 -61.73
CA GLU D 272 -21.50 -19.85 -62.93
C GLU D 272 -20.75 -18.57 -62.62
N MET D 273 -21.29 -17.77 -61.70
CA MET D 273 -20.73 -16.47 -61.37
C MET D 273 -19.33 -16.58 -60.82
N PHE D 274 -19.17 -17.39 -59.79
CA PHE D 274 -17.90 -17.53 -59.12
C PHE D 274 -16.90 -18.23 -60.00
N ALA D 275 -17.33 -19.30 -60.64
CA ALA D 275 -16.46 -20.07 -61.50
C ALA D 275 -16.05 -19.27 -62.71
N MET E 1 -21.32 40.37 -6.15
CA MET E 1 -20.83 39.00 -6.21
C MET E 1 -21.39 38.26 -7.40
N THR E 2 -22.57 37.67 -7.23
CA THR E 2 -23.18 36.89 -8.29
C THR E 2 -22.17 35.97 -8.93
N LEU E 3 -21.58 36.40 -10.03
CA LEU E 3 -20.51 35.69 -10.66
C LEU E 3 -20.95 34.35 -11.20
N THR E 4 -21.33 34.35 -12.46
CA THR E 4 -21.67 33.11 -13.13
C THR E 4 -20.50 32.15 -13.03
N THR E 5 -20.73 31.00 -12.42
CA THR E 5 -19.67 30.03 -12.28
C THR E 5 -20.03 28.70 -12.87
N VAL E 6 -19.75 28.54 -14.15
CA VAL E 6 -19.91 27.25 -14.77
C VAL E 6 -18.65 26.45 -14.56
N ILE E 7 -18.74 25.44 -13.72
CA ILE E 7 -17.55 24.70 -13.34
C ILE E 7 -17.65 23.23 -13.68
N ASP E 8 -16.60 22.74 -14.32
CA ASP E 8 -16.51 21.35 -14.71
C ASP E 8 -15.65 20.58 -13.73
N ILE E 9 -16.20 19.53 -13.15
CA ILE E 9 -15.48 18.73 -12.16
C ILE E 9 -14.70 17.58 -12.79
N GLY E 10 -14.36 17.72 -14.06
CA GLY E 10 -13.64 16.72 -14.85
C GLY E 10 -12.73 15.77 -14.06
N ASN E 11 -12.89 14.49 -14.34
CA ASN E 11 -12.15 13.44 -13.66
C ASN E 11 -10.67 13.50 -13.94
N PHE E 12 -10.29 14.05 -15.08
CA PHE E 12 -8.88 14.29 -15.34
C PHE E 12 -8.48 15.62 -14.77
N SER E 13 -9.28 16.64 -15.05
CA SER E 13 -9.01 17.96 -14.55
C SER E 13 -10.26 18.79 -14.55
N THR E 14 -10.28 19.79 -13.70
CA THR E 14 -11.43 20.65 -13.59
C THR E 14 -11.20 21.92 -14.35
N LYS E 15 -12.26 22.69 -14.52
CA LYS E 15 -12.13 23.98 -15.16
C LYS E 15 -13.30 24.89 -14.89
N TYR E 16 -13.06 26.18 -15.08
CA TYR E 16 -14.05 27.20 -14.75
C TYR E 16 -14.21 28.20 -15.85
N ALA E 17 -15.41 28.32 -16.39
CA ALA E 17 -15.70 29.32 -17.41
C ALA E 17 -15.70 30.72 -16.80
N TYR E 18 -14.52 31.32 -16.74
CA TYR E 18 -14.36 32.62 -16.12
C TYR E 18 -14.75 33.73 -17.03
N LYS E 19 -16.05 33.97 -17.14
CA LYS E 19 -16.59 35.00 -18.03
C LYS E 19 -15.78 36.28 -18.01
N ASP E 20 -15.36 36.71 -16.83
CA ASP E 20 -14.54 37.91 -16.67
C ASP E 20 -15.00 39.03 -17.55
N LYS E 21 -16.29 39.33 -17.50
CA LYS E 21 -16.84 40.40 -18.28
C LYS E 21 -16.55 40.23 -19.77
N LYS E 22 -15.41 40.77 -20.20
CA LYS E 22 -15.11 40.89 -21.61
C LYS E 22 -14.71 39.58 -22.26
N GLN E 23 -14.15 38.66 -21.50
CA GLN E 23 -13.65 37.44 -22.12
C GLN E 23 -13.59 36.27 -21.16
N ILE E 24 -14.09 35.13 -21.62
CA ILE E 24 -14.13 33.95 -20.78
C ILE E 24 -12.73 33.35 -20.64
N LYS E 25 -12.18 33.39 -19.43
CA LYS E 25 -10.92 32.71 -19.12
C LYS E 25 -11.24 31.36 -18.53
N VAL E 26 -10.24 30.52 -18.34
CA VAL E 26 -10.54 29.20 -17.78
C VAL E 26 -9.78 28.90 -16.50
N GLY E 27 -10.50 28.83 -15.40
CA GLY E 27 -9.90 28.45 -14.12
C GLY E 27 -9.78 26.94 -14.03
N SER E 28 -8.68 26.40 -14.56
CA SER E 28 -8.50 24.95 -14.59
C SER E 28 -7.36 24.47 -13.72
N PHE E 29 -7.41 23.20 -13.36
CA PHE E 29 -6.33 22.53 -12.65
C PHE E 29 -6.59 21.03 -12.58
N PRO E 30 -5.52 20.23 -12.44
CA PRO E 30 -5.52 18.79 -12.29
C PRO E 30 -6.44 18.36 -11.18
N SER E 31 -7.33 17.44 -11.48
CA SER E 31 -8.34 17.04 -10.51
C SER E 31 -7.90 15.84 -9.70
N ILE E 32 -6.66 15.44 -9.88
CA ILE E 32 -6.08 14.38 -9.09
C ILE E 32 -5.88 14.87 -7.67
N LEU E 33 -6.25 14.06 -6.69
CA LEU E 33 -6.17 14.48 -5.30
C LEU E 33 -5.81 13.32 -4.39
N HIS E 34 -5.43 13.63 -3.17
CA HIS E 34 -5.03 12.62 -2.20
C HIS E 34 -5.39 13.04 -0.81
N SER E 35 -5.80 12.09 0.00
CA SER E 35 -6.23 12.35 1.35
C SER E 35 -5.08 12.68 2.29
N TYR E 36 -5.42 12.93 3.55
CA TYR E 36 -4.51 13.29 4.64
C TYR E 36 -3.82 14.63 4.48
N LYS E 37 -4.08 15.48 5.47
CA LYS E 37 -3.48 16.80 5.58
C LYS E 37 -2.00 16.75 5.95
N PRO E 38 -1.64 16.09 7.07
CA PRO E 38 -0.42 16.24 7.84
C PRO E 38 0.77 15.57 7.19
N LEU E 39 1.29 16.20 6.16
CA LEU E 39 2.50 15.69 5.53
C LEU E 39 3.73 16.29 6.18
N GLU E 40 3.97 17.60 5.97
CA GLU E 40 5.09 18.36 6.56
C GLU E 40 5.80 19.21 5.53
N ASP E 41 6.14 20.47 5.90
CA ASP E 41 6.89 21.42 5.05
C ASP E 41 6.83 21.08 3.58
N TYR E 42 5.69 21.35 2.99
CA TYR E 42 5.37 20.74 1.73
C TYR E 42 5.35 21.71 0.55
N GLU E 43 4.24 22.44 0.38
CA GLU E 43 4.05 23.31 -0.79
C GLU E 43 3.70 22.49 -2.05
N GLY E 44 3.19 23.15 -3.09
CA GLY E 44 2.72 22.47 -4.30
C GLY E 44 1.21 22.21 -4.25
N MET E 45 0.81 21.03 -3.76
CA MET E 45 -0.61 20.82 -3.50
C MET E 45 -1.02 21.64 -2.32
N GLU E 46 -2.31 21.84 -2.16
CA GLU E 46 -2.80 22.56 -1.02
C GLU E 46 -3.74 21.72 -0.19
N ARG E 47 -3.68 21.92 1.12
CA ARG E 47 -4.50 21.19 2.05
C ARG E 47 -5.90 21.71 2.05
N VAL E 48 -6.84 20.89 1.63
CA VAL E 48 -8.22 21.29 1.62
C VAL E 48 -9.02 20.58 2.68
N GLU E 49 -9.66 21.35 3.54
CA GLU E 49 -10.46 20.81 4.60
C GLU E 49 -11.90 21.31 4.50
N TYR E 50 -12.82 20.39 4.22
CA TYR E 50 -14.19 20.77 3.93
C TYR E 50 -15.15 19.62 4.17
N ASN E 51 -16.27 19.91 4.83
CA ASN E 51 -17.28 18.90 5.14
C ASN E 51 -16.68 17.68 5.82
N GLY E 52 -15.67 17.88 6.66
CA GLY E 52 -15.04 16.78 7.35
C GLY E 52 -14.18 15.94 6.42
N LEU E 53 -13.86 16.48 5.24
CA LEU E 53 -13.03 15.78 4.28
C LEU E 53 -11.67 16.43 4.22
N ASP E 54 -10.66 15.61 3.99
CA ASP E 54 -9.28 16.05 4.11
C ASP E 54 -8.44 15.59 2.95
N TYR E 55 -8.19 16.48 2.00
CA TYR E 55 -7.45 16.11 0.81
C TYR E 55 -6.44 17.17 0.39
N TYR E 56 -5.34 16.70 -0.18
CA TYR E 56 -4.45 17.53 -0.95
C TYR E 56 -4.91 17.63 -2.38
N VAL E 57 -4.76 18.80 -2.98
CA VAL E 57 -5.02 18.97 -4.40
C VAL E 57 -3.97 19.84 -5.07
N GLY E 58 -3.69 19.56 -6.34
CA GLY E 58 -2.73 20.37 -7.09
C GLY E 58 -1.72 19.49 -7.83
N GLU E 59 -1.04 20.09 -8.80
CA GLU E 59 -0.13 19.37 -9.71
C GLU E 59 0.75 18.33 -9.03
N THR E 60 1.35 18.71 -7.90
CA THR E 60 2.33 17.88 -7.23
C THR E 60 1.77 16.54 -6.79
N VAL E 61 0.46 16.45 -6.69
CA VAL E 61 -0.21 15.21 -6.31
C VAL E 61 0.29 14.03 -7.09
N LYS E 62 0.70 14.26 -8.32
CA LYS E 62 1.21 13.18 -9.15
C LYS E 62 2.40 12.56 -8.48
N ASN E 63 3.22 13.40 -7.87
CA ASN E 63 4.35 12.92 -7.12
C ASN E 63 3.90 12.13 -5.94
N PHE E 64 2.78 12.52 -5.37
CA PHE E 64 2.26 11.83 -4.22
C PHE E 64 1.81 10.42 -4.59
N TYR E 65 1.45 10.21 -5.85
CA TYR E 65 1.07 8.89 -6.31
C TYR E 65 2.19 8.18 -7.04
N PHE E 66 3.40 8.68 -6.94
CA PHE E 66 4.46 8.15 -7.77
C PHE E 66 4.58 6.65 -7.63
N GLY E 67 4.38 5.96 -8.74
CA GLY E 67 4.44 4.51 -8.74
C GLY E 67 3.04 3.93 -8.73
N ARG E 68 2.15 4.58 -8.00
CA ARG E 68 0.74 4.22 -8.00
C ARG E 68 0.04 4.86 -9.18
N GLU E 69 0.50 4.54 -10.38
CA GLU E 69 0.04 5.22 -11.59
C GLU E 69 -1.30 4.70 -12.04
N GLU E 70 -2.29 4.86 -11.20
CA GLU E 70 -3.60 4.30 -11.42
C GLU E 70 -4.58 4.98 -10.53
N GLN E 71 -4.31 4.90 -9.23
CA GLN E 71 -5.08 5.62 -8.24
C GLN E 71 -5.18 7.10 -8.56
N MET E 72 -4.23 7.61 -9.34
CA MET E 72 -4.23 9.00 -9.73
C MET E 72 -5.60 9.50 -10.15
N TYR E 73 -6.36 8.69 -10.85
CA TYR E 73 -7.63 9.17 -11.33
C TYR E 73 -8.78 8.48 -10.67
N PHE E 74 -9.80 9.27 -10.39
CA PHE E 74 -11.06 8.76 -9.90
C PHE E 74 -12.14 8.98 -10.95
N GLY E 75 -12.18 8.10 -11.94
CA GLY E 75 -12.97 8.31 -13.14
C GLY E 75 -14.26 7.51 -13.13
N ASN E 76 -14.91 7.45 -14.30
CA ASN E 76 -16.19 6.74 -14.46
C ASN E 76 -17.17 7.09 -13.38
N THR E 77 -17.16 8.34 -12.98
CA THR E 77 -18.05 8.79 -11.98
C THR E 77 -19.36 9.09 -12.60
N ARG E 78 -20.19 8.07 -12.71
CA ARG E 78 -21.55 8.27 -13.19
C ARG E 78 -22.37 8.90 -12.09
N LYS E 79 -21.97 10.12 -11.71
CA LYS E 79 -22.45 10.83 -10.54
C LYS E 79 -21.33 11.71 -10.01
N GLY E 80 -21.69 12.65 -9.15
CA GLY E 80 -20.71 13.45 -8.44
C GLY E 80 -20.25 12.69 -7.24
N HIS E 81 -19.38 13.28 -6.44
CA HIS E 81 -18.91 12.68 -5.20
C HIS E 81 -17.93 11.54 -5.46
N MET E 82 -17.06 11.27 -4.51
CA MET E 82 -17.00 12.01 -3.25
C MET E 82 -15.91 13.02 -3.34
N GLU E 83 -14.82 12.61 -3.95
CA GLU E 83 -13.69 13.46 -4.21
C GLU E 83 -14.08 14.63 -5.08
N GLY E 84 -15.13 14.44 -5.87
CA GLY E 84 -15.66 15.52 -6.68
C GLY E 84 -15.95 16.74 -5.82
N GLN E 85 -16.43 16.52 -4.59
CA GLN E 85 -16.72 17.63 -3.71
C GLN E 85 -15.50 18.48 -3.59
N ILE E 86 -14.39 17.84 -3.29
CA ILE E 86 -13.15 18.53 -3.10
C ILE E 86 -12.77 19.27 -4.35
N ARG E 87 -12.96 18.62 -5.49
CA ARG E 87 -12.62 19.25 -6.75
C ARG E 87 -13.34 20.56 -6.86
N LEU E 88 -14.64 20.53 -6.60
CA LEU E 88 -15.44 21.72 -6.66
C LEU E 88 -14.96 22.74 -5.67
N VAL E 89 -14.72 22.29 -4.45
CA VAL E 89 -14.27 23.20 -3.42
C VAL E 89 -13.07 23.96 -3.87
N TYR E 90 -12.04 23.24 -4.28
CA TYR E 90 -10.80 23.88 -4.60
C TYR E 90 -10.96 24.79 -5.76
N ALA E 91 -11.83 24.41 -6.69
CA ALA E 91 -12.14 25.30 -7.78
C ALA E 91 -12.69 26.58 -7.25
N LEU E 92 -13.69 26.48 -6.40
CA LEU E 92 -14.32 27.67 -5.89
C LEU E 92 -13.29 28.53 -5.20
N TYR E 93 -12.41 27.88 -4.47
CA TYR E 93 -11.32 28.58 -3.83
C TYR E 93 -10.43 29.24 -4.84
N THR E 94 -10.08 28.50 -5.88
CA THR E 94 -9.22 28.99 -6.90
C THR E 94 -9.78 30.25 -7.52
N ILE E 95 -11.02 30.18 -7.92
CA ILE E 95 -11.61 31.28 -8.62
C ILE E 95 -11.91 32.38 -7.66
N PHE E 96 -12.16 32.03 -6.41
CA PHE E 96 -12.24 33.00 -5.36
C PHE E 96 -11.01 33.83 -5.34
N LYS E 97 -9.87 33.15 -5.33
CA LYS E 97 -8.61 33.87 -5.36
C LYS E 97 -8.52 34.72 -6.59
N GLU E 98 -8.96 34.17 -7.71
CA GLU E 98 -8.85 34.86 -8.98
C GLU E 98 -9.68 36.12 -9.01
N THR E 99 -10.85 36.05 -8.43
CA THR E 99 -11.74 37.19 -8.44
C THR E 99 -11.62 37.99 -7.18
N GLY E 100 -11.33 37.31 -6.10
CA GLY E 100 -11.39 37.90 -4.78
C GLY E 100 -12.83 37.96 -4.30
N LYS E 101 -13.67 37.06 -4.79
CA LYS E 101 -15.11 37.13 -4.52
C LYS E 101 -15.68 35.84 -3.91
N LYS E 102 -16.87 35.98 -3.30
CA LYS E 102 -17.52 34.86 -2.60
C LYS E 102 -18.72 34.35 -3.37
N GLU E 103 -19.93 34.62 -2.86
CA GLU E 103 -21.14 34.04 -3.41
C GLU E 103 -21.02 33.74 -4.87
N PHE E 104 -21.17 32.48 -5.21
CA PHE E 104 -20.98 32.05 -6.58
C PHE E 104 -22.30 31.71 -7.22
N ASN E 105 -22.42 31.96 -8.51
CA ASN E 105 -23.56 31.46 -9.26
C ASN E 105 -23.27 30.11 -9.85
N LEU E 106 -23.34 29.07 -9.03
CA LEU E 106 -22.80 27.78 -9.39
C LEU E 106 -23.60 27.06 -10.42
N ILE E 107 -22.95 26.71 -11.52
CA ILE E 107 -23.50 25.87 -12.55
C ILE E 107 -22.61 24.67 -12.78
N LEU E 108 -23.14 23.48 -12.52
CA LEU E 108 -22.34 22.27 -12.61
C LEU E 108 -22.79 21.38 -13.73
N THR E 109 -21.88 20.56 -14.21
CA THR E 109 -22.19 19.63 -15.28
C THR E 109 -21.88 18.21 -14.87
N CYS E 110 -22.61 17.28 -15.44
CA CYS E 110 -22.40 15.86 -15.12
C CYS E 110 -23.12 15.00 -16.14
N PRO E 111 -22.80 13.71 -16.21
CA PRO E 111 -23.42 12.69 -17.02
C PRO E 111 -24.92 12.81 -16.89
N TYR E 112 -25.59 12.96 -18.02
CA TYR E 112 -26.98 13.38 -18.03
C TYR E 112 -27.84 12.59 -17.07
N GLU E 113 -27.72 11.27 -17.11
CA GLU E 113 -28.59 10.42 -16.33
C GLU E 113 -28.36 10.56 -14.83
N SER E 114 -27.26 11.16 -14.43
CA SER E 114 -26.96 11.31 -13.02
C SER E 114 -27.40 12.66 -12.49
N MET E 115 -27.86 13.54 -13.37
CA MET E 115 -28.09 14.93 -13.00
C MET E 115 -28.95 15.10 -11.78
N VAL E 116 -30.00 14.30 -11.67
CA VAL E 116 -30.87 14.38 -10.51
C VAL E 116 -30.12 14.02 -9.25
N THR E 117 -29.41 12.90 -9.29
CA THR E 117 -28.62 12.45 -8.17
C THR E 117 -27.59 13.48 -7.79
N ASP E 118 -26.96 14.04 -8.79
CA ASP E 118 -25.91 15.00 -8.57
C ASP E 118 -26.45 16.28 -8.02
N LYS E 119 -27.64 16.67 -8.45
CA LYS E 119 -28.27 17.81 -7.84
C LYS E 119 -28.42 17.56 -6.37
N LYS E 120 -28.94 16.39 -6.00
CA LYS E 120 -29.07 16.04 -4.61
C LYS E 120 -27.73 16.12 -3.91
N TYR E 121 -26.72 15.54 -4.55
CA TYR E 121 -25.39 15.48 -4.01
C TYR E 121 -24.85 16.84 -3.64
N PHE E 122 -24.78 17.70 -4.62
CA PHE E 122 -24.10 18.95 -4.43
C PHE E 122 -24.96 19.93 -3.68
N VAL E 123 -26.26 19.85 -3.87
CA VAL E 123 -27.15 20.67 -3.09
C VAL E 123 -26.95 20.42 -1.63
N GLN E 124 -26.95 19.15 -1.25
CA GLN E 124 -26.72 18.83 0.14
C GLN E 124 -25.39 19.36 0.61
N HIS E 125 -24.36 19.22 -0.19
CA HIS E 125 -23.03 19.51 0.29
C HIS E 125 -22.51 20.88 -0.09
N PHE E 126 -23.29 21.66 -0.84
CA PHE E 126 -22.82 22.97 -1.26
C PHE E 126 -23.88 24.05 -1.32
N GLU E 127 -25.14 23.67 -1.45
CA GLU E 127 -26.19 24.68 -1.54
C GLU E 127 -26.25 25.50 -0.27
N GLY E 128 -26.13 26.81 -0.42
CA GLY E 128 -26.23 27.72 0.72
C GLY E 128 -24.87 28.08 1.27
N GLU E 129 -24.86 28.59 2.49
CA GLU E 129 -23.64 29.02 3.14
C GLU E 129 -22.71 27.87 3.44
N ARG E 130 -21.46 28.01 3.06
CA ARG E 130 -20.44 27.01 3.32
C ARG E 130 -19.10 27.68 3.60
N GLU E 131 -18.18 26.94 4.20
CA GLU E 131 -16.85 27.49 4.42
C GLU E 131 -15.79 26.42 4.39
N VAL E 132 -14.61 26.80 3.93
CA VAL E 132 -13.52 25.85 3.74
C VAL E 132 -12.23 26.40 4.26
N ILE E 133 -11.41 25.52 4.78
CA ILE E 133 -10.08 25.91 5.18
C ILE E 133 -9.08 25.35 4.22
N VAL E 134 -8.32 26.22 3.58
CA VAL E 134 -7.30 25.78 2.67
C VAL E 134 -5.95 26.23 3.15
N GLU E 135 -5.07 25.28 3.38
CA GLU E 135 -3.74 25.57 3.89
C GLU E 135 -3.77 26.42 5.15
N GLY E 136 -4.78 26.20 6.00
CA GLY E 136 -4.88 26.94 7.24
C GLY E 136 -5.65 28.25 7.07
N LYS E 137 -5.99 28.61 5.83
CA LYS E 137 -6.73 29.82 5.59
C LYS E 137 -8.19 29.53 5.38
N SER E 138 -9.02 30.09 6.26
CA SER E 138 -10.45 29.88 6.17
C SER E 138 -11.04 30.64 5.01
N PHE E 139 -12.29 30.32 4.69
CA PHE E 139 -12.97 30.97 3.60
C PHE E 139 -14.44 30.66 3.60
N LYS E 140 -15.25 31.67 3.90
CA LYS E 140 -16.68 31.53 3.89
C LYS E 140 -17.25 31.92 2.55
N PHE E 141 -18.33 31.28 2.16
CA PHE E 141 -18.90 31.52 0.85
C PHE E 141 -20.28 30.92 0.76
N THR E 142 -20.96 31.14 -0.36
CA THR E 142 -22.30 30.60 -0.50
C THR E 142 -22.74 30.42 -1.94
N VAL E 143 -23.68 29.52 -2.14
CA VAL E 143 -24.35 29.36 -3.42
C VAL E 143 -25.85 29.31 -3.24
N HIS E 144 -26.57 30.11 -4.00
CA HIS E 144 -28.01 30.12 -3.92
C HIS E 144 -28.65 29.83 -5.25
N ASN E 145 -28.75 28.53 -5.55
CA ASN E 145 -29.34 27.95 -6.78
C ASN E 145 -28.29 27.24 -7.62
N ILE E 146 -27.86 26.08 -7.17
CA ILE E 146 -26.92 25.30 -7.99
C ILE E 146 -27.63 24.80 -9.24
N VAL E 147 -27.16 25.23 -10.40
CA VAL E 147 -27.75 24.82 -11.65
C VAL E 147 -27.02 23.65 -12.23
N MET E 148 -27.72 22.57 -12.49
CA MET E 148 -27.09 21.39 -13.07
C MET E 148 -27.32 21.34 -14.57
N ALA E 149 -26.36 20.79 -15.28
CA ALA E 149 -26.47 20.64 -16.72
C ALA E 149 -25.77 19.38 -17.18
N ALA E 150 -25.97 19.02 -18.44
CA ALA E 150 -25.38 17.80 -18.99
C ALA E 150 -23.93 18.02 -19.39
N GLU E 151 -23.07 17.13 -18.94
CA GLU E 151 -21.65 17.22 -19.24
C GLU E 151 -21.41 17.14 -20.74
N GLY E 152 -20.73 18.15 -21.26
CA GLY E 152 -20.42 18.21 -22.69
C GLY E 152 -21.43 19.06 -23.45
N LEU E 153 -22.54 19.41 -22.79
CA LEU E 153 -23.61 20.14 -23.44
C LEU E 153 -23.12 21.40 -24.13
N GLY E 154 -22.15 22.06 -23.50
CA GLY E 154 -21.66 23.34 -23.98
C GLY E 154 -21.17 23.30 -25.42
N ALA E 155 -20.76 22.12 -25.90
CA ALA E 155 -20.25 21.99 -27.26
C ALA E 155 -21.27 22.45 -28.30
N LEU E 156 -22.54 22.47 -27.89
CA LEU E 156 -23.62 22.87 -28.77
C LEU E 156 -23.36 24.22 -29.44
N ASN E 157 -22.61 25.10 -28.78
CA ASN E 157 -22.35 26.41 -29.34
C ASN E 157 -21.53 26.34 -30.63
N PHE E 158 -20.81 25.25 -30.83
CA PHE E 158 -20.07 25.04 -32.06
C PHE E 158 -20.78 24.05 -32.94
N SER E 159 -21.75 23.36 -32.36
CA SER E 159 -22.47 22.33 -33.06
C SER E 159 -23.54 22.92 -33.97
N ASP E 160 -23.13 23.30 -35.17
CA ASP E 160 -24.00 23.97 -36.12
C ASP E 160 -25.36 23.31 -36.24
N SER E 161 -26.40 24.00 -35.77
CA SER E 161 -27.78 23.57 -35.93
C SER E 161 -28.00 22.13 -35.54
N LEU E 162 -27.27 21.68 -34.54
CA LEU E 162 -27.31 20.29 -34.15
C LEU E 162 -28.69 19.85 -33.77
N ASN E 163 -29.18 18.85 -34.47
CA ASN E 163 -30.35 18.11 -34.03
C ASN E 163 -29.97 16.69 -33.73
N CYS E 164 -28.68 16.47 -33.49
CA CYS E 164 -28.18 15.14 -33.18
C CYS E 164 -27.20 15.12 -32.00
N VAL E 165 -26.04 14.51 -32.21
CA VAL E 165 -25.28 13.97 -31.09
C VAL E 165 -23.95 14.65 -30.81
N ILE E 166 -23.69 14.90 -29.53
CA ILE E 166 -22.38 15.31 -29.03
C ILE E 166 -21.68 14.13 -28.38
N VAL E 167 -20.43 13.90 -28.76
CA VAL E 167 -19.63 12.84 -28.18
C VAL E 167 -18.54 13.41 -27.30
N ASP E 168 -18.57 13.08 -26.01
CA ASP E 168 -17.64 13.66 -25.05
C ASP E 168 -16.56 12.67 -24.61
N ALA E 169 -15.40 12.78 -25.23
CA ALA E 169 -14.30 11.85 -24.98
C ALA E 169 -13.45 12.29 -23.81
N GLY E 170 -13.90 12.01 -22.59
CA GLY E 170 -13.18 12.47 -21.40
C GLY E 170 -12.42 11.34 -20.67
N SER E 171 -11.47 11.74 -19.82
CA SER E 171 -10.74 10.86 -18.89
C SER E 171 -11.15 9.44 -19.02
N LYS E 172 -11.92 8.98 -18.07
CA LYS E 172 -12.50 7.67 -18.14
C LYS E 172 -14.02 7.78 -18.16
N THR E 173 -14.54 8.71 -18.95
CA THR E 173 -15.99 8.84 -19.13
C THR E 173 -16.32 9.27 -20.55
N LEU E 174 -17.29 8.59 -21.14
CA LEU E 174 -17.74 8.93 -22.48
C LEU E 174 -19.21 9.34 -22.48
N ASN E 175 -19.49 10.61 -22.74
CA ASN E 175 -20.89 11.05 -22.75
C ASN E 175 -21.44 11.12 -24.16
N VAL E 176 -22.65 10.63 -24.34
CA VAL E 176 -23.35 10.77 -25.60
C VAL E 176 -24.62 11.59 -25.42
N LEU E 177 -24.58 12.81 -25.91
CA LEU E 177 -25.75 13.68 -25.82
C LEU E 177 -26.47 13.77 -27.13
N TYR E 178 -27.55 13.04 -27.24
CA TYR E 178 -28.38 13.12 -28.40
C TYR E 178 -29.32 14.27 -28.23
N LEU E 179 -28.87 15.43 -28.66
CA LEU E 179 -29.67 16.62 -28.59
C LEU E 179 -30.56 16.72 -29.78
N ILE E 180 -31.77 17.20 -29.59
CA ILE E 180 -32.65 17.42 -30.72
C ILE E 180 -33.25 18.78 -30.63
N ASN E 181 -33.11 19.55 -31.70
CA ASN E 181 -33.58 20.94 -31.75
C ASN E 181 -32.76 21.82 -30.82
N GLY E 182 -32.88 21.58 -29.52
CA GLY E 182 -32.08 22.25 -28.53
C GLY E 182 -32.34 21.68 -27.15
N SER E 183 -32.66 20.40 -27.10
CA SER E 183 -32.91 19.75 -25.81
C SER E 183 -32.29 18.38 -25.79
N ILE E 184 -32.42 17.70 -24.67
CA ILE E 184 -31.75 16.44 -24.47
C ILE E 184 -32.71 15.27 -24.57
N SER E 185 -32.46 14.36 -25.48
CA SER E 185 -33.31 13.20 -25.59
C SER E 185 -32.98 12.19 -24.52
N LYS E 186 -33.57 12.38 -23.35
CA LYS E 186 -33.35 11.49 -22.22
C LYS E 186 -33.48 10.04 -22.59
N MET E 187 -34.50 9.73 -23.37
CA MET E 187 -34.82 8.35 -23.69
C MET E 187 -33.82 7.72 -24.65
N ASP E 188 -32.92 8.52 -25.22
CA ASP E 188 -31.91 8.00 -26.11
C ASP E 188 -30.48 8.22 -25.60
N SER E 189 -30.25 9.40 -25.03
CA SER E 189 -28.90 9.78 -24.59
C SER E 189 -28.46 8.97 -23.41
N HIS E 190 -27.16 8.77 -23.28
CA HIS E 190 -26.62 8.00 -22.17
C HIS E 190 -25.12 8.16 -22.05
N THR E 191 -24.57 7.73 -20.93
CA THR E 191 -23.14 7.81 -20.70
C THR E 191 -22.51 6.43 -20.70
N ILE E 192 -21.28 6.35 -21.21
CA ILE E 192 -20.62 5.10 -21.46
C ILE E 192 -19.29 5.00 -20.72
N ASN E 193 -19.00 3.82 -20.18
CA ASN E 193 -17.70 3.55 -19.58
C ASN E 193 -16.82 2.80 -20.57
N GLY E 194 -15.50 3.01 -20.55
CA GLY E 194 -14.82 3.96 -19.68
C GLY E 194 -14.57 5.26 -20.42
N GLY E 195 -13.33 5.50 -20.79
CA GLY E 195 -12.99 6.71 -21.52
C GLY E 195 -11.55 6.71 -22.02
N THR E 196 -11.03 7.91 -22.22
CA THR E 196 -9.76 8.14 -22.88
C THR E 196 -8.61 7.38 -22.26
N ILE E 197 -8.55 7.36 -20.94
CA ILE E 197 -7.39 6.85 -20.26
C ILE E 197 -7.29 5.35 -20.33
N ASP E 198 -8.39 4.65 -20.09
CA ASP E 198 -8.35 3.21 -19.91
C ASP E 198 -8.23 2.42 -21.21
N ASN E 199 -8.50 3.04 -22.35
CA ASN E 199 -8.36 2.33 -23.62
C ASN E 199 -8.21 3.28 -24.79
N SER E 200 -8.09 2.72 -25.99
CA SER E 200 -7.77 3.51 -27.17
C SER E 200 -8.92 4.31 -27.67
N ILE E 201 -8.61 5.37 -28.38
CA ILE E 201 -9.61 6.16 -29.03
C ILE E 201 -10.44 5.29 -29.96
N MET E 202 -9.79 4.37 -30.65
CA MET E 202 -10.50 3.48 -31.53
C MET E 202 -11.41 2.57 -30.74
N ASP E 203 -10.95 2.15 -29.58
CA ASP E 203 -11.78 1.31 -28.73
C ASP E 203 -13.03 2.03 -28.34
N LEU E 204 -12.87 3.29 -27.95
CA LEU E 204 -13.99 4.12 -27.61
C LEU E 204 -14.88 4.31 -28.80
N ALA E 205 -14.29 4.59 -29.94
CA ALA E 205 -15.06 4.88 -31.12
C ALA E 205 -15.94 3.70 -31.46
N LYS E 206 -15.37 2.52 -31.40
CA LYS E 206 -16.11 1.33 -31.70
C LYS E 206 -17.15 1.06 -30.64
N THR E 207 -16.79 1.33 -29.39
CA THR E 207 -17.73 1.21 -28.29
C THR E 207 -18.92 2.11 -28.52
N PHE E 208 -18.64 3.35 -28.85
CA PHE E 208 -19.65 4.33 -29.16
C PHE E 208 -20.58 3.82 -30.23
N ALA E 209 -20.00 3.33 -31.31
CA ALA E 209 -20.78 2.85 -32.42
C ALA E 209 -21.73 1.76 -31.98
N LYS E 210 -21.23 0.83 -31.17
CA LYS E 210 -22.06 -0.24 -30.67
C LYS E 210 -23.21 0.31 -29.85
N THR E 211 -22.92 1.30 -29.02
CA THR E 211 -23.92 1.85 -28.11
C THR E 211 -24.92 2.73 -28.83
N CYS E 212 -24.54 3.23 -29.98
CA CYS E 212 -25.44 4.12 -30.70
C CYS E 212 -25.51 3.77 -32.16
N SER E 213 -25.87 2.53 -32.44
CA SER E 213 -26.05 2.08 -33.81
C SER E 213 -27.24 2.76 -34.45
N ASN E 214 -28.11 3.32 -33.63
CA ASN E 214 -29.27 4.06 -34.09
C ASN E 214 -28.88 5.39 -34.72
N ILE E 215 -27.63 5.79 -34.58
CA ILE E 215 -27.16 6.99 -35.23
C ILE E 215 -26.87 6.77 -36.68
N ASP E 216 -27.49 7.56 -37.52
CA ASP E 216 -27.21 7.54 -38.94
C ASP E 216 -25.82 8.05 -39.20
N TYR E 217 -25.11 7.42 -40.13
CA TYR E 217 -23.74 7.81 -40.40
C TYR E 217 -23.62 9.26 -40.86
N ASP E 218 -24.71 9.83 -41.36
CA ASP E 218 -24.70 11.19 -41.80
C ASP E 218 -25.20 12.16 -40.75
N TYR E 219 -25.44 11.68 -39.54
CA TYR E 219 -25.75 12.59 -38.46
C TYR E 219 -24.60 13.53 -38.26
N PRO E 220 -24.89 14.76 -37.85
CA PRO E 220 -23.97 15.75 -37.36
C PRO E 220 -23.45 15.32 -36.01
N ILE E 221 -22.24 14.78 -36.01
CA ILE E 221 -21.62 14.34 -34.78
C ILE E 221 -20.57 15.31 -34.35
N VAL E 222 -20.73 15.87 -33.17
CA VAL E 222 -19.78 16.81 -32.69
C VAL E 222 -19.01 16.26 -31.53
N CYS E 223 -17.71 16.20 -31.68
CA CYS E 223 -16.86 15.59 -30.69
C CYS E 223 -16.17 16.64 -29.83
N THR E 224 -16.23 16.44 -28.53
CA THR E 224 -15.64 17.36 -27.57
C THR E 224 -14.92 16.62 -26.47
N GLY E 225 -14.06 17.33 -25.76
CA GLY E 225 -13.38 16.77 -24.62
C GLY E 225 -12.08 16.09 -25.02
N GLY E 226 -11.09 16.17 -24.15
CA GLY E 226 -9.84 15.43 -24.30
C GLY E 226 -9.38 15.37 -25.73
N LYS E 227 -9.28 14.15 -26.26
CA LYS E 227 -8.81 13.93 -27.61
C LYS E 227 -9.93 14.11 -28.61
N ALA E 228 -10.56 15.27 -28.59
CA ALA E 228 -11.71 15.51 -29.41
C ALA E 228 -11.37 15.40 -30.87
N GLU E 229 -10.25 15.98 -31.25
CA GLU E 229 -9.87 16.00 -32.65
C GLU E 229 -9.54 14.62 -33.14
N GLU E 230 -8.76 13.90 -32.37
CA GLU E 230 -8.34 12.57 -32.75
C GLU E 230 -9.52 11.65 -32.78
N MET E 231 -10.42 11.84 -31.83
CA MET E 231 -11.63 11.07 -31.79
C MET E 231 -12.45 11.28 -33.02
N LYS E 232 -12.63 12.55 -33.38
CA LYS E 232 -13.34 12.88 -34.60
C LYS E 232 -12.71 12.19 -35.78
N GLU E 233 -11.39 12.27 -35.85
CA GLU E 233 -10.67 11.65 -36.94
C GLU E 233 -10.94 10.16 -37.00
N CYS E 234 -10.89 9.51 -35.86
CA CYS E 234 -11.14 8.07 -35.80
C CYS E 234 -12.56 7.74 -36.18
N LEU E 235 -13.51 8.56 -35.74
CA LEU E 235 -14.90 8.31 -36.06
C LEU E 235 -15.13 8.37 -37.56
N GLU E 236 -14.42 9.25 -38.23
CA GLU E 236 -14.48 9.28 -39.68
C GLU E 236 -13.97 7.99 -40.24
N ASN E 237 -12.89 7.47 -39.66
CA ASN E 237 -12.36 6.21 -40.09
C ASN E 237 -13.31 5.06 -39.78
N VAL E 238 -14.08 5.20 -38.70
CA VAL E 238 -15.11 4.23 -38.41
C VAL E 238 -16.15 4.24 -39.51
N GLY E 239 -16.52 5.43 -39.95
CA GLY E 239 -17.38 5.56 -41.11
C GLY E 239 -18.47 6.62 -40.94
N TYR E 240 -18.27 7.53 -40.01
CA TYR E 240 -19.22 8.61 -39.85
C TYR E 240 -18.76 9.79 -40.66
N SER E 241 -19.69 10.40 -41.36
CA SER E 241 -19.33 11.42 -42.33
C SER E 241 -19.23 12.78 -41.69
N THR E 242 -20.37 13.38 -41.40
CA THR E 242 -20.42 14.73 -40.86
C THR E 242 -20.02 14.78 -39.40
N VAL E 243 -18.74 14.58 -39.13
CA VAL E 243 -18.23 14.62 -37.78
C VAL E 243 -17.29 15.79 -37.61
N SER E 244 -17.45 16.54 -36.53
CA SER E 244 -16.61 17.70 -36.33
C SER E 244 -16.19 17.86 -34.88
N SER E 245 -15.01 18.41 -34.69
CA SER E 245 -14.51 18.69 -33.36
C SER E 245 -14.90 20.10 -32.94
N ALA E 246 -15.25 20.26 -31.67
CA ALA E 246 -15.70 21.55 -31.18
C ALA E 246 -14.54 22.48 -30.88
N GLU E 247 -13.93 23.02 -31.93
CA GLU E 247 -12.82 23.94 -31.74
C GLU E 247 -13.22 25.14 -30.89
N LEU E 248 -12.53 25.34 -29.79
CA LEU E 248 -12.89 26.38 -28.85
C LEU E 248 -12.30 27.71 -29.21
N GLY E 249 -12.79 28.30 -30.30
CA GLY E 249 -12.39 29.64 -30.73
C GLY E 249 -10.90 29.91 -30.54
N GLU E 250 -10.56 30.52 -29.40
CA GLU E 250 -9.18 30.90 -29.09
C GLU E 250 -8.29 29.69 -28.86
N ASP E 251 -7.03 29.94 -28.53
CA ASP E 251 -6.11 28.86 -28.24
C ASP E 251 -6.46 28.20 -26.91
N LYS E 252 -7.53 27.43 -26.94
CA LYS E 252 -8.08 26.82 -25.74
C LYS E 252 -8.46 25.38 -26.02
N PRO E 253 -7.48 24.51 -26.02
CA PRO E 253 -7.49 23.14 -26.52
C PRO E 253 -8.71 22.36 -26.08
N SER E 254 -9.31 21.69 -27.06
CA SER E 254 -10.36 20.69 -26.90
C SER E 254 -10.97 20.66 -25.53
N TYR E 255 -10.32 19.93 -24.63
CA TYR E 255 -10.89 19.59 -23.33
C TYR E 255 -11.48 20.77 -22.57
N TYR E 256 -11.10 21.98 -22.94
CA TYR E 256 -11.63 23.14 -22.28
C TYR E 256 -13.11 23.39 -22.55
N VAL E 257 -13.59 23.01 -23.74
CA VAL E 257 -14.92 23.44 -24.19
C VAL E 257 -15.98 23.29 -23.11
N ASN E 258 -16.55 22.09 -22.99
CA ASN E 258 -17.57 21.78 -21.99
C ASN E 258 -18.17 23.03 -21.37
N SER E 259 -17.64 23.41 -20.22
CA SER E 259 -18.17 24.50 -19.43
C SER E 259 -18.08 25.83 -20.15
N VAL E 260 -16.99 26.04 -20.86
CA VAL E 260 -16.78 27.30 -21.53
C VAL E 260 -17.85 27.51 -22.55
N GLY E 261 -18.11 26.48 -23.32
CA GLY E 261 -19.13 26.52 -24.34
C GLY E 261 -20.49 26.72 -23.70
N LEU E 262 -20.73 26.04 -22.61
CA LEU E 262 -22.02 26.11 -21.96
C LEU E 262 -22.33 27.54 -21.58
N LEU E 263 -21.35 28.20 -20.98
CA LEU E 263 -21.46 29.61 -20.69
C LEU E 263 -21.66 30.39 -21.95
N LEU E 264 -20.80 30.17 -22.93
CA LEU E 264 -20.82 30.92 -24.15
C LEU E 264 -22.18 30.89 -24.83
N LYS E 265 -22.84 29.75 -24.82
CA LYS E 265 -24.13 29.64 -25.48
C LYS E 265 -25.28 30.02 -24.59
N TYR E 266 -25.37 29.42 -23.43
CA TYR E 266 -26.55 29.56 -22.62
C TYR E 266 -26.49 30.77 -21.74
N GLY E 267 -25.27 31.14 -21.32
CA GLY E 267 -25.03 32.30 -20.47
C GLY E 267 -26.31 32.97 -19.98
N ARG E 268 -26.76 33.98 -20.73
CA ARG E 268 -27.99 34.71 -20.41
C ARG E 268 -29.08 33.85 -19.76
N LYS E 269 -29.31 32.67 -20.32
CA LYS E 269 -30.29 31.74 -19.76
C LYS E 269 -30.08 31.54 -18.28
N PHE E 270 -28.82 31.35 -17.90
CA PHE E 270 -28.49 31.07 -16.54
C PHE E 270 -28.44 32.34 -15.73
N GLU E 271 -28.20 33.46 -16.39
CA GLU E 271 -28.32 34.75 -15.74
C GLU E 271 -29.75 34.94 -15.26
N GLU E 272 -30.68 34.40 -16.03
CA GLU E 272 -32.08 34.36 -15.64
C GLU E 272 -32.37 33.21 -14.70
N MET E 273 -31.77 32.05 -14.96
CA MET E 273 -32.03 30.84 -14.19
C MET E 273 -31.63 31.00 -12.75
N PHE E 274 -30.39 31.40 -12.52
CA PHE E 274 -29.87 31.52 -11.18
C PHE E 274 -30.51 32.67 -10.44
N ALA E 275 -30.64 33.80 -11.12
CA ALA E 275 -31.22 34.98 -10.51
C ALA E 275 -32.69 34.75 -10.21
N MET F 1 33.70 33.77 10.52
CA MET F 1 33.40 32.50 11.16
C MET F 1 32.32 31.75 10.40
N THR F 2 31.07 32.03 10.73
CA THR F 2 29.94 31.35 10.13
C THR F 2 30.19 29.86 10.09
N LEU F 3 30.69 29.37 8.96
CA LEU F 3 31.11 27.99 8.85
C LEU F 3 29.94 27.04 8.96
N THR F 4 29.37 26.69 7.82
CA THR F 4 28.32 25.69 7.80
C THR F 4 28.83 24.42 8.44
N THR F 5 28.18 23.99 9.50
CA THR F 5 28.59 22.78 10.17
C THR F 5 27.49 21.76 10.25
N VAL F 6 27.39 20.93 9.22
CA VAL F 6 26.48 19.82 9.27
C VAL F 6 27.16 18.66 9.94
N ILE F 7 26.75 18.34 11.15
CA ILE F 7 27.42 17.34 11.94
C ILE F 7 26.52 16.19 12.32
N ASP F 8 27.02 14.99 12.09
CA ASP F 8 26.31 13.78 12.40
C ASP F 8 26.83 13.19 13.69
N ILE F 9 25.94 12.99 14.65
CA ILE F 9 26.33 12.46 15.96
C ILE F 9 26.27 10.94 16.03
N GLY F 10 26.37 10.29 14.86
CA GLY F 10 26.30 8.83 14.70
C GLY F 10 26.74 8.02 15.93
N ASN F 11 25.90 7.05 16.27
CA ASN F 11 26.11 6.20 17.43
C ASN F 11 27.32 5.32 17.29
N PHE F 12 27.70 5.01 16.05
CA PHE F 12 28.94 4.30 15.83
C PHE F 12 30.08 5.29 15.74
N SER F 13 29.88 6.32 14.95
CA SER F 13 30.89 7.35 14.78
C SER F 13 30.26 8.62 14.29
N THR F 14 30.92 9.73 14.55
CA THR F 14 30.41 11.02 14.14
C THR F 14 31.10 11.47 12.90
N LYS F 15 30.59 12.52 12.30
CA LYS F 15 31.23 13.08 11.13
C LYS F 15 30.78 14.50 10.84
N TYR F 16 31.60 15.21 10.10
CA TYR F 16 31.35 16.61 9.81
C TYR F 16 31.53 16.94 8.35
N ALA F 17 30.47 17.44 7.73
CA ALA F 17 30.55 17.87 6.34
C ALA F 17 31.38 19.13 6.21
N TYR F 18 32.68 18.96 6.07
CA TYR F 18 33.60 20.07 6.03
C TYR F 18 33.68 20.68 4.66
N LYS F 19 32.69 21.51 4.34
CA LYS F 19 32.60 22.16 3.03
C LYS F 19 33.93 22.63 2.50
N ASP F 20 34.73 23.23 3.39
CA ASP F 20 36.06 23.71 3.03
C ASP F 20 36.08 24.39 1.69
N LYS F 21 35.16 25.32 1.49
CA LYS F 21 35.10 26.06 0.23
C LYS F 21 34.96 25.12 -0.95
N LYS F 22 36.10 24.70 -1.49
CA LYS F 22 36.16 24.01 -2.76
C LYS F 22 35.69 22.57 -2.69
N GLN F 23 35.83 21.93 -1.54
CA GLN F 23 35.51 20.52 -1.46
C GLN F 23 35.13 20.07 -0.06
N ILE F 24 34.05 19.32 0.04
CA ILE F 24 33.58 18.86 1.32
C ILE F 24 34.46 17.73 1.85
N LYS F 25 35.18 18.01 2.94
CA LYS F 25 35.94 16.97 3.64
C LYS F 25 35.09 16.42 4.77
N VAL F 26 35.55 15.36 5.42
CA VAL F 26 34.73 14.82 6.51
C VAL F 26 35.46 14.76 7.83
N GLY F 27 35.03 15.57 8.78
CA GLY F 27 35.59 15.54 10.12
C GLY F 27 34.94 14.43 10.94
N SER F 28 35.47 13.22 10.81
CA SER F 28 34.88 12.06 11.48
C SER F 28 35.76 11.50 12.57
N PHE F 29 35.13 10.77 13.48
CA PHE F 29 35.84 10.02 14.52
C PHE F 29 34.87 9.11 15.26
N PRO F 30 35.37 8.02 15.86
CA PRO F 30 34.67 7.04 16.67
C PRO F 30 33.90 7.72 17.76
N SER F 31 32.61 7.41 17.87
CA SER F 31 31.75 8.10 18.81
C SER F 31 31.66 7.36 20.13
N ILE F 32 32.46 6.31 20.27
CA ILE F 32 32.56 5.59 21.51
C ILE F 32 33.25 6.46 22.54
N LEU F 33 32.72 6.50 23.75
CA LEU F 33 33.28 7.37 24.78
C LEU F 33 33.16 6.74 26.15
N HIS F 34 33.88 7.30 27.11
CA HIS F 34 33.89 6.78 28.47
C HIS F 34 34.07 7.89 29.46
N SER F 35 33.39 7.78 30.59
CA SER F 35 33.44 8.80 31.61
C SER F 35 34.75 8.82 32.37
N TYR F 36 34.83 9.74 33.34
CA TYR F 36 36.00 9.97 34.20
C TYR F 36 37.23 10.50 33.49
N LYS F 37 37.63 11.68 33.92
CA LYS F 37 38.83 12.36 33.46
C LYS F 37 40.12 11.68 33.93
N PRO F 38 40.30 11.49 35.25
CA PRO F 38 41.55 11.29 35.96
C PRO F 38 42.07 9.87 35.80
N LEU F 39 42.64 9.58 34.65
CA LEU F 39 43.26 8.30 34.43
C LEU F 39 44.72 8.35 34.84
N GLU F 40 45.54 9.05 34.04
CA GLU F 40 47.00 9.26 34.31
C GLU F 40 47.83 9.03 33.05
N ASP F 41 48.82 9.91 32.82
CA ASP F 41 49.77 9.81 31.68
C ASP F 41 49.26 8.95 30.56
N TYR F 42 48.33 9.50 29.80
CA TYR F 42 47.51 8.69 28.96
C TYR F 42 47.76 8.88 27.47
N GLU F 43 47.17 9.93 26.87
CA GLU F 43 47.22 10.15 25.42
C GLU F 43 46.27 9.19 24.68
N GLY F 44 45.98 9.49 23.41
CA GLY F 44 45.00 8.74 22.63
C GLY F 44 43.60 9.38 22.67
N MET F 45 42.77 8.96 23.62
CA MET F 45 41.53 9.70 23.84
C MET F 45 41.84 11.03 24.44
N GLU F 46 40.89 11.93 24.38
CA GLU F 46 41.07 13.23 25.00
C GLU F 46 40.01 13.50 26.05
N ARG F 47 40.42 14.17 27.10
CA ARG F 47 39.54 14.50 28.20
C ARG F 47 38.64 15.63 27.83
N VAL F 48 37.35 15.37 27.78
CA VAL F 48 36.40 16.40 27.45
C VAL F 48 35.58 16.79 28.65
N GLU F 49 35.61 18.06 28.99
CA GLU F 49 34.87 18.58 30.11
C GLU F 49 33.90 19.66 29.66
N TYR F 50 32.60 19.39 29.78
CA TYR F 50 31.58 20.28 29.23
C TYR F 50 30.25 20.08 29.89
N ASN F 51 29.59 21.18 30.25
CA ASN F 51 28.29 21.13 30.91
C ASN F 51 28.30 20.24 32.14
N GLY F 52 29.41 20.21 32.85
CA GLY F 52 29.51 19.38 34.04
C GLY F 52 29.61 17.90 33.69
N LEU F 53 29.92 17.60 32.43
CA LEU F 53 30.07 16.24 31.98
C LEU F 53 31.54 15.92 31.74
N ASP F 54 31.91 14.69 32.01
CA ASP F 54 33.31 14.31 32.03
C ASP F 54 33.56 13.01 31.29
N TYR F 55 34.03 13.11 30.06
CA TYR F 55 34.24 11.92 29.26
C TYR F 55 35.54 11.94 28.47
N TYR F 56 36.11 10.76 28.29
CA TYR F 56 37.14 10.53 27.30
C TYR F 56 36.51 10.22 25.95
N VAL F 57 37.13 10.73 24.89
CA VAL F 57 36.70 10.36 23.54
C VAL F 57 37.89 10.13 22.63
N GLY F 58 37.75 9.22 21.67
CA GLY F 58 38.82 8.95 20.71
C GLY F 58 39.07 7.45 20.56
N GLU F 59 39.75 7.07 19.49
CA GLU F 59 39.98 5.67 19.11
C GLU F 59 40.30 4.75 20.28
N THR F 60 41.22 5.19 21.13
CA THR F 60 41.75 4.36 22.20
C THR F 60 40.67 3.90 23.17
N VAL F 61 39.56 4.58 23.19
CA VAL F 61 38.44 4.23 24.05
C VAL F 61 38.10 2.76 23.97
N LYS F 62 38.32 2.16 22.81
CA LYS F 62 38.03 0.76 22.64
C LYS F 62 38.84 -0.05 23.63
N ASN F 63 40.07 0.38 23.83
CA ASN F 63 40.93 -0.24 24.80
C ASN F 63 40.37 -0.05 26.18
N PHE F 64 39.74 1.09 26.40
CA PHE F 64 39.17 1.38 27.69
C PHE F 64 38.00 0.44 27.99
N TYR F 65 37.35 -0.06 26.96
CA TYR F 65 36.27 -1.01 27.14
C TYR F 65 36.70 -2.44 26.93
N PHE F 66 38.00 -2.69 26.89
CA PHE F 66 38.44 -4.02 26.50
C PHE F 66 37.81 -5.09 27.35
N GLY F 67 37.06 -5.96 26.69
CA GLY F 67 36.37 -7.04 27.37
C GLY F 67 34.90 -6.69 27.53
N ARG F 68 34.63 -5.41 27.79
CA ARG F 68 33.27 -4.92 27.83
C ARG F 68 32.79 -4.59 26.44
N GLU F 69 32.76 -5.60 25.58
CA GLU F 69 32.50 -5.39 24.16
C GLU F 69 31.02 -5.24 23.90
N GLU F 70 30.44 -4.21 24.48
CA GLU F 70 29.02 -4.01 24.44
C GLU F 70 28.72 -2.59 24.82
N GLN F 71 29.15 -2.23 26.01
CA GLN F 71 29.06 -0.86 26.48
C GLN F 71 29.68 0.11 25.48
N MET F 72 30.59 -0.37 24.65
CA MET F 72 31.23 0.44 23.64
C MET F 72 30.25 1.37 22.92
N TYR F 73 29.07 0.89 22.63
CA TYR F 73 28.16 1.71 21.87
C TYR F 73 26.97 2.14 22.68
N PHE F 74 26.57 3.37 22.47
CA PHE F 74 25.36 3.90 23.03
C PHE F 74 24.37 4.19 21.91
N GLY F 75 23.69 3.14 21.47
CA GLY F 75 22.90 3.20 20.25
C GLY F 75 21.41 3.32 20.51
N ASN F 76 20.61 3.12 19.47
CA ASN F 76 19.15 3.24 19.54
C ASN F 76 18.71 4.48 20.25
N THR F 77 19.44 5.55 20.00
CA THR F 77 19.13 6.81 20.61
C THR F 77 18.06 7.45 19.81
N ARG F 78 16.82 7.12 20.11
CA ARG F 78 15.70 7.78 19.49
C ARG F 78 15.54 9.17 20.08
N LYS F 79 16.57 10.00 19.87
CA LYS F 79 16.76 11.28 20.52
C LYS F 79 18.26 11.54 20.67
N GLY F 80 18.61 12.78 20.96
CA GLY F 80 19.98 13.12 21.27
C GLY F 80 20.21 12.86 22.74
N HIS F 81 21.39 13.17 23.22
CA HIS F 81 21.71 13.02 24.64
C HIS F 81 21.89 11.57 25.03
N MET F 82 22.68 11.32 26.06
CA MET F 82 23.35 12.37 26.83
C MET F 82 24.77 12.47 26.36
N GLU F 83 25.34 11.31 26.11
CA GLU F 83 26.68 11.19 25.58
C GLU F 83 26.78 11.86 24.23
N GLY F 84 25.65 11.95 23.54
CA GLY F 84 25.60 12.66 22.28
C GLY F 84 26.15 14.06 22.43
N GLN F 85 25.88 14.71 23.57
CA GLN F 85 26.38 16.05 23.79
C GLN F 85 27.85 16.05 23.61
N ILE F 86 28.51 15.12 24.27
CA ILE F 86 29.94 15.02 24.20
C ILE F 86 30.39 14.79 22.80
N ARG F 87 29.69 13.94 22.08
CA ARG F 87 30.04 13.66 20.71
C ARG F 87 30.09 14.94 19.92
N LEU F 88 29.04 15.74 20.07
CA LEU F 88 28.98 16.99 19.38
C LEU F 88 30.08 17.90 19.82
N VAL F 89 30.30 17.99 21.12
CA VAL F 89 31.34 18.84 21.62
C VAL F 89 32.64 18.53 20.97
N TYR F 90 33.05 17.28 21.04
CA TYR F 90 34.36 16.93 20.56
C TYR F 90 34.46 17.16 19.09
N ALA F 91 33.36 16.95 18.39
CA ALA F 91 33.34 17.28 16.98
C ALA F 91 33.64 18.72 16.80
N LEU F 92 32.92 19.57 17.50
CA LEU F 92 33.11 20.99 17.33
C LEU F 92 34.53 21.35 17.63
N TYR F 93 35.09 20.73 18.65
CA TYR F 93 36.48 20.91 18.97
C TYR F 93 37.37 20.47 17.84
N THR F 94 37.07 19.30 17.32
CA THR F 94 37.85 18.73 16.25
C THR F 94 37.90 19.66 15.08
N ILE F 95 36.74 20.11 14.66
CA ILE F 95 36.68 20.91 13.47
C ILE F 95 37.18 22.29 13.77
N PHE F 96 37.04 22.71 15.01
CA PHE F 96 37.68 23.92 15.46
C PHE F 96 39.14 23.84 15.20
N LYS F 97 39.75 22.76 15.62
CA LYS F 97 41.15 22.58 15.36
C LYS F 97 41.42 22.60 13.88
N GLU F 98 40.56 21.95 13.12
CA GLU F 98 40.76 21.83 11.69
C GLU F 98 40.70 23.16 10.99
N THR F 99 39.80 24.02 11.45
CA THR F 99 39.63 25.30 10.83
C THR F 99 40.39 26.36 11.56
N GLY F 100 40.50 26.18 12.86
CA GLY F 100 41.01 27.23 13.73
C GLY F 100 39.93 28.26 14.01
N LYS F 101 38.66 27.84 13.92
CA LYS F 101 37.55 28.80 14.00
C LYS F 101 36.53 28.46 15.10
N LYS F 102 35.73 29.46 15.47
CA LYS F 102 34.75 29.32 16.55
C LYS F 102 33.33 29.26 16.02
N GLU F 103 32.56 30.33 16.25
CA GLU F 103 31.15 30.34 15.93
C GLU F 103 30.81 29.42 14.79
N PHE F 104 29.97 28.44 15.08
CA PHE F 104 29.65 27.43 14.10
C PHE F 104 28.24 27.62 13.59
N ASN F 105 28.02 27.30 12.33
CA ASN F 105 26.66 27.24 11.81
C ASN F 105 26.09 25.84 11.96
N LEU F 106 25.67 25.50 13.16
CA LEU F 106 25.39 24.12 13.49
C LEU F 106 24.14 23.59 12.86
N ILE F 107 24.30 22.50 12.13
CA ILE F 107 23.20 21.75 11.57
C ILE F 107 23.29 20.30 12.02
N LEU F 108 22.29 19.85 12.75
CA LEU F 108 22.31 18.52 13.32
C LEU F 108 21.27 17.63 12.70
N THR F 109 21.51 16.34 12.76
CA THR F 109 20.57 15.37 12.24
C THR F 109 20.19 14.37 13.28
N CYS F 110 18.98 13.84 13.17
CA CYS F 110 18.49 12.86 14.14
C CYS F 110 17.25 12.18 13.59
N PRO F 111 16.84 11.05 14.17
CA PRO F 111 15.64 10.30 13.88
C PRO F 111 14.48 11.26 13.80
N TYR F 112 13.77 11.22 12.69
CA TYR F 112 12.83 12.28 12.37
C TYR F 112 11.89 12.59 13.50
N GLU F 113 11.30 11.57 14.10
CA GLU F 113 10.29 11.77 15.12
C GLU F 113 10.84 12.41 16.39
N SER F 114 12.15 12.41 16.55
CA SER F 114 12.75 12.98 17.74
C SER F 114 13.18 14.42 17.54
N MET F 115 13.08 14.91 16.30
CA MET F 115 13.68 16.19 15.95
C MET F 115 13.28 17.31 16.88
N VAL F 116 12.01 17.36 17.26
CA VAL F 116 11.55 18.39 18.16
C VAL F 116 12.24 18.28 19.51
N THR F 117 12.25 17.07 20.05
CA THR F 117 12.90 16.82 21.32
C THR F 117 14.36 17.17 21.25
N ASP F 118 14.98 16.79 20.16
CA ASP F 118 16.39 17.01 19.98
C ASP F 118 16.71 18.47 19.82
N LYS F 119 15.82 19.20 19.17
CA LYS F 119 16.00 20.62 19.11
C LYS F 119 16.03 21.17 20.50
N LYS F 120 15.08 20.77 21.33
CA LYS F 120 15.05 21.20 22.72
C LYS F 120 16.35 20.84 23.39
N TYR F 121 16.78 19.60 23.20
CA TYR F 121 17.97 19.07 23.81
C TYR F 121 19.18 19.91 23.54
N PHE F 122 19.50 20.06 22.28
CA PHE F 122 20.74 20.68 21.92
C PHE F 122 20.67 22.18 22.04
N VAL F 123 19.50 22.73 21.80
CA VAL F 123 19.34 24.15 22.02
C VAL F 123 19.65 24.50 23.44
N GLN F 124 19.08 23.76 24.36
CA GLN F 124 19.37 24.00 25.75
C GLN F 124 20.86 23.88 26.03
N HIS F 125 21.49 22.86 25.47
CA HIS F 125 22.84 22.57 25.88
C HIS F 125 23.90 23.10 24.94
N PHE F 126 23.51 23.75 23.85
CA PHE F 126 24.49 24.26 22.90
C PHE F 126 24.15 25.58 22.26
N GLU F 127 22.87 25.93 22.22
CA GLU F 127 22.51 27.18 21.56
C GLU F 127 23.12 28.36 22.28
N GLY F 128 23.86 29.17 21.56
CA GLY F 128 24.45 30.37 22.11
C GLY F 128 25.89 30.14 22.53
N GLU F 129 26.39 31.04 23.38
CA GLU F 129 27.76 30.97 23.83
C GLU F 129 28.00 29.76 24.72
N ARG F 130 29.06 29.02 24.42
CA ARG F 130 29.45 27.86 25.22
C ARG F 130 30.96 27.74 25.26
N GLU F 131 31.47 26.97 26.21
CA GLU F 131 32.91 26.76 26.26
C GLU F 131 33.24 25.40 26.82
N VAL F 132 34.33 24.83 26.34
CA VAL F 132 34.72 23.48 26.71
C VAL F 132 36.18 23.40 27.02
N ILE F 133 36.53 22.56 27.97
CA ILE F 133 37.91 22.28 28.23
C ILE F 133 38.27 20.92 27.75
N VAL F 134 39.22 20.85 26.85
CA VAL F 134 39.68 19.58 26.33
C VAL F 134 41.13 19.39 26.66
N GLU F 135 41.43 18.32 27.39
CA GLU F 135 42.78 18.03 27.81
C GLU F 135 43.44 19.22 28.51
N GLY F 136 42.65 19.98 29.27
CA GLY F 136 43.18 21.11 30.00
C GLY F 136 43.18 22.39 29.17
N LYS F 137 42.84 22.29 27.89
CA LYS F 137 42.79 23.45 27.04
C LYS F 137 41.38 23.95 26.87
N SER F 138 41.14 25.18 27.30
CA SER F 138 39.83 25.77 27.21
C SER F 138 39.49 26.12 25.78
N PHE F 139 38.23 26.42 25.54
CA PHE F 139 37.78 26.79 24.22
C PHE F 139 36.38 27.36 24.24
N LYS F 140 36.29 28.65 23.96
CA LYS F 140 35.01 29.32 23.90
C LYS F 140 34.48 29.33 22.49
N PHE F 141 33.17 29.27 22.34
CA PHE F 141 32.55 29.19 21.04
C PHE F 141 31.08 29.47 21.13
N THR F 142 30.41 29.50 20.00
CA THR F 142 28.99 29.78 20.01
C THR F 142 28.24 29.26 18.79
N VAL F 143 26.95 29.03 18.96
CA VAL F 143 26.06 28.71 17.86
C VAL F 143 24.82 29.57 17.91
N HIS F 144 24.48 30.20 16.81
CA HIS F 144 23.29 31.03 16.76
C HIS F 144 22.34 30.58 15.67
N ASN F 145 21.53 29.56 16.01
CA ASN F 145 20.51 28.93 15.16
C ASN F 145 20.86 27.49 14.84
N ILE F 146 20.71 26.61 15.81
CA ILE F 146 20.93 25.20 15.55
C ILE F 146 19.85 24.68 14.62
N VAL F 147 20.23 24.21 13.45
CA VAL F 147 19.28 23.70 12.49
C VAL F 147 19.19 22.19 12.59
N MET F 148 18.00 21.69 12.82
CA MET F 148 17.79 20.26 12.93
C MET F 148 17.29 19.69 11.62
N ALA F 149 17.68 18.46 11.33
CA ALA F 149 17.22 17.78 10.13
C ALA F 149 17.07 16.29 10.38
N ALA F 150 16.47 15.58 9.43
CA ALA F 150 16.24 14.16 9.58
C ALA F 150 17.48 13.36 9.24
N GLU F 151 17.84 12.44 10.13
CA GLU F 151 19.01 11.60 9.94
C GLU F 151 18.88 10.77 8.69
N GLY F 152 19.87 10.89 7.80
CA GLY F 152 19.87 10.15 6.56
C GLY F 152 19.31 10.98 5.39
N LEU F 153 18.70 12.11 5.72
CA LEU F 153 18.05 12.93 4.71
C LEU F 153 18.97 13.26 3.56
N GLY F 154 20.24 13.49 3.87
CA GLY F 154 21.22 13.92 2.89
C GLY F 154 21.32 12.99 1.68
N ALA F 155 20.97 11.72 1.86
CA ALA F 155 21.06 10.75 0.77
C ALA F 155 20.24 11.18 -0.44
N LEU F 156 19.27 12.06 -0.21
CA LEU F 156 18.40 12.56 -1.25
C LEU F 156 19.17 13.08 -2.46
N ASN F 157 20.38 13.60 -2.23
CA ASN F 157 21.16 14.16 -3.32
C ASN F 157 21.56 13.10 -4.35
N PHE F 158 21.57 11.84 -3.94
CA PHE F 158 21.84 10.74 -4.87
C PHE F 158 20.56 10.03 -5.22
N SER F 159 19.52 10.32 -4.48
CA SER F 159 18.24 9.67 -4.67
C SER F 159 17.48 10.27 -5.83
N ASP F 160 17.78 9.79 -7.03
CA ASP F 160 17.21 10.32 -8.26
C ASP F 160 15.71 10.54 -8.16
N SER F 161 15.30 11.80 -8.16
CA SER F 161 13.88 12.18 -8.23
C SER F 161 13.04 11.42 -7.22
N LEU F 162 13.61 11.16 -6.06
CA LEU F 162 12.95 10.34 -5.07
C LEU F 162 11.63 10.94 -4.64
N ASN F 163 10.58 10.18 -4.83
CA ASN F 163 9.31 10.48 -4.19
C ASN F 163 8.96 9.39 -3.22
N CYS F 164 9.97 8.63 -2.80
CA CYS F 164 9.76 7.54 -1.86
C CYS F 164 10.80 7.51 -0.73
N VAL F 165 11.42 6.35 -0.52
CA VAL F 165 12.00 6.06 0.77
C VAL F 165 13.51 5.94 0.81
N ILE F 166 14.11 6.55 1.84
CA ILE F 166 15.50 6.34 2.19
C ILE F 166 15.62 5.39 3.39
N VAL F 167 16.47 4.39 3.26
CA VAL F 167 16.72 3.46 4.34
C VAL F 167 18.09 3.66 4.94
N ASP F 168 18.15 4.00 6.21
CA ASP F 168 19.40 4.34 6.87
C ASP F 168 19.89 3.23 7.81
N ALA F 169 20.79 2.41 7.32
CA ALA F 169 21.28 1.26 8.07
C ALA F 169 22.45 1.64 8.96
N GLY F 170 22.17 2.21 10.12
CA GLY F 170 23.23 2.67 11.01
C GLY F 170 23.44 1.77 12.24
N SER F 171 24.61 1.92 12.89
CA SER F 171 24.95 1.30 14.17
C SER F 171 23.85 0.44 14.70
N LYS F 172 23.16 0.95 15.69
CA LYS F 172 21.98 0.29 16.19
C LYS F 172 20.76 1.18 15.99
N THR F 173 20.66 1.79 14.82
CA THR F 173 19.48 2.57 14.48
C THR F 173 19.13 2.45 13.01
N LEU F 174 17.87 2.22 12.72
CA LEU F 174 17.40 2.13 11.35
C LEU F 174 16.39 3.22 11.04
N ASN F 175 16.74 4.17 10.18
CA ASN F 175 15.80 5.23 9.84
C ASN F 175 15.10 4.97 8.53
N VAL F 176 13.80 5.18 8.50
CA VAL F 176 13.04 5.12 7.26
C VAL F 176 12.44 6.47 6.93
N LEU F 177 13.00 7.12 5.92
CA LEU F 177 12.49 8.40 5.50
C LEU F 177 11.68 8.28 4.25
N TYR F 178 10.37 8.30 4.40
CA TYR F 178 9.49 8.30 3.27
C TYR F 178 9.33 9.71 2.80
N LEU F 179 10.22 10.11 1.91
CA LEU F 179 10.17 11.43 1.35
C LEU F 179 9.25 11.46 0.17
N ILE F 180 8.51 12.54 0.02
CA ILE F 180 7.68 12.68 -1.15
C ILE F 180 7.90 14.02 -1.77
N ASN F 181 8.18 14.03 -3.07
CA ASN F 181 8.50 15.25 -3.80
C ASN F 181 9.82 15.86 -3.33
N GLY F 182 9.85 16.31 -2.09
CA GLY F 182 11.06 16.79 -1.47
C GLY F 182 10.83 17.14 -0.01
N SER F 183 9.90 16.42 0.62
CA SER F 183 9.61 16.65 2.02
C SER F 183 9.44 15.34 2.75
N ILE F 184 9.19 15.42 4.04
CA ILE F 184 9.14 14.22 4.87
C ILE F 184 7.72 13.88 5.25
N SER F 185 7.29 12.68 4.91
CA SER F 185 5.96 12.26 5.28
C SER F 185 5.92 11.83 6.73
N LYS F 186 5.76 12.80 7.61
CA LYS F 186 5.71 12.54 9.05
C LYS F 186 4.78 11.40 9.40
N MET F 187 3.62 11.40 8.78
CA MET F 187 2.59 10.44 9.11
C MET F 187 2.92 9.02 8.65
N ASP F 188 3.97 8.86 7.85
CA ASP F 188 4.37 7.54 7.41
C ASP F 188 5.76 7.16 7.87
N SER F 189 6.69 8.12 7.84
CA SER F 189 8.09 7.87 8.15
C SER F 189 8.28 7.55 9.61
N HIS F 190 9.30 6.77 9.92
CA HIS F 190 9.56 6.40 11.30
C HIS F 190 10.91 5.76 11.46
N THR F 191 11.38 5.64 12.70
CA THR F 191 12.66 5.03 12.99
C THR F 191 12.49 3.69 13.69
N ILE F 192 13.37 2.76 13.38
CA ILE F 192 13.23 1.38 13.81
C ILE F 192 14.43 0.92 14.62
N ASN F 193 14.18 0.15 15.67
CA ASN F 193 15.25 -0.48 16.43
C ASN F 193 15.41 -1.94 16.00
N GLY F 194 16.62 -2.49 16.03
CA GLY F 194 17.84 -1.78 16.40
C GLY F 194 18.57 -1.31 15.15
N GLY F 195 19.67 -1.98 14.82
CA GLY F 195 20.43 -1.63 13.64
C GLY F 195 21.54 -2.62 13.33
N THR F 196 22.54 -2.13 12.62
CA THR F 196 23.59 -2.95 12.04
C THR F 196 24.29 -3.84 13.05
N ILE F 197 24.58 -3.29 14.21
CA ILE F 197 25.43 -3.99 15.15
C ILE F 197 24.73 -5.17 15.82
N ASP F 198 23.49 -4.96 16.24
CA ASP F 198 22.82 -5.93 17.09
C ASP F 198 22.27 -7.14 16.34
N ASN F 199 22.12 -7.04 15.03
CA ASN F 199 21.65 -8.18 14.26
C ASN F 199 22.02 -8.11 12.79
N SER F 200 21.61 -9.10 12.01
CA SER F 200 22.05 -9.22 10.63
C SER F 200 21.39 -8.24 9.73
N ILE F 201 22.05 -7.96 8.63
CA ILE F 201 21.50 -7.13 7.59
C ILE F 201 20.19 -7.71 7.12
N MET F 202 20.12 -9.03 7.02
CA MET F 202 18.89 -9.67 6.59
C MET F 202 17.82 -9.48 7.63
N ASP F 203 18.22 -9.53 8.90
CA ASP F 203 17.26 -9.32 9.97
C ASP F 203 16.67 -7.94 9.86
N LEU F 204 17.52 -6.96 9.62
CA LEU F 204 17.06 -5.61 9.43
C LEU F 204 16.19 -5.50 8.23
N ALA F 205 16.61 -6.13 7.14
CA ALA F 205 15.88 -6.03 5.90
C ALA F 205 14.48 -6.54 6.09
N LYS F 206 14.35 -7.67 6.74
CA LYS F 206 13.06 -8.26 6.98
C LYS F 206 12.27 -7.41 7.96
N THR F 207 12.95 -6.87 8.95
CA THR F 207 12.32 -5.97 9.89
C THR F 207 11.74 -4.77 9.17
N PHE F 208 12.55 -4.18 8.32
CA PHE F 208 12.14 -3.07 7.50
C PHE F 208 10.90 -3.40 6.72
N ALA F 209 10.92 -4.54 6.06
CA ALA F 209 9.80 -4.95 5.24
C ALA F 209 8.53 -5.03 6.07
N LYS F 210 8.64 -5.59 7.26
CA LYS F 210 7.49 -5.69 8.13
C LYS F 210 6.97 -4.33 8.49
N THR F 211 7.88 -3.41 8.78
CA THR F 211 7.50 -2.08 9.22
C THR F 211 6.98 -1.22 8.10
N CYS F 212 7.33 -1.56 6.88
CA CYS F 212 6.89 -0.76 5.77
C CYS F 212 6.38 -1.60 4.64
N SER F 213 5.38 -2.43 4.94
CA SER F 213 4.74 -3.26 3.94
C SER F 213 3.95 -2.41 2.95
N ASN F 214 3.68 -1.16 3.34
CA ASN F 214 3.00 -0.22 2.49
C ASN F 214 3.88 0.26 1.33
N ILE F 215 5.16 -0.07 1.39
CA ILE F 215 6.04 0.26 0.29
C ILE F 215 5.88 -0.70 -0.86
N ASP F 216 5.61 -0.16 -2.03
CA ASP F 216 5.56 -0.96 -3.24
C ASP F 216 6.93 -1.45 -3.59
N TYR F 217 7.02 -2.69 -4.05
CA TYR F 217 8.32 -3.28 -4.36
C TYR F 217 9.07 -2.51 -5.43
N ASP F 218 8.35 -1.74 -6.23
CA ASP F 218 8.97 -0.95 -7.26
C ASP F 218 9.24 0.48 -6.84
N TYR F 219 9.04 0.79 -5.56
CA TYR F 219 9.47 2.08 -5.07
C TYR F 219 10.94 2.23 -5.26
N PRO F 220 11.41 3.43 -5.49
CA PRO F 220 12.78 3.86 -5.45
C PRO F 220 13.26 3.87 -4.03
N ILE F 221 14.00 2.83 -3.66
CA ILE F 221 14.53 2.71 -2.32
C ILE F 221 15.99 3.03 -2.32
N VAL F 222 16.36 4.03 -1.56
CA VAL F 222 17.74 4.41 -1.50
C VAL F 222 18.32 4.11 -0.16
N CYS F 223 19.36 3.29 -0.15
CA CYS F 223 19.95 2.83 1.07
C CYS F 223 21.23 3.59 1.39
N THR F 224 21.33 4.05 2.63
CA THR F 224 22.48 4.81 3.07
C THR F 224 22.92 4.37 4.45
N GLY F 225 24.13 4.72 4.81
CA GLY F 225 24.65 4.44 6.13
C GLY F 225 25.32 3.08 6.21
N GLY F 226 26.35 2.99 7.03
CA GLY F 226 26.99 1.72 7.34
C GLY F 226 27.06 0.79 6.15
N LYS F 227 26.42 -0.36 6.28
CA LYS F 227 26.42 -1.37 5.24
C LYS F 227 25.39 -1.08 4.19
N ALA F 228 25.46 0.10 3.60
CA ALA F 228 24.46 0.55 2.67
C ALA F 228 24.40 -0.36 1.48
N GLU F 229 25.57 -0.72 0.96
CA GLU F 229 25.63 -1.52 -0.25
C GLU F 229 25.09 -2.90 0.01
N GLU F 230 25.53 -3.51 1.09
CA GLU F 230 25.12 -4.85 1.42
C GLU F 230 23.65 -4.89 1.73
N MET F 231 23.19 -3.85 2.40
CA MET F 231 21.78 -3.73 2.69
C MET F 231 20.98 -3.67 1.43
N LYS F 232 21.40 -2.82 0.51
CA LYS F 232 20.74 -2.73 -0.78
C LYS F 232 20.69 -4.09 -1.43
N GLU F 233 21.81 -4.78 -1.43
CA GLU F 233 21.89 -6.09 -2.02
C GLU F 233 20.88 -7.04 -1.39
N CYS F 234 20.81 -7.04 -0.07
CA CYS F 234 19.89 -7.90 0.62
C CYS F 234 18.45 -7.54 0.34
N LEU F 235 18.16 -6.25 0.24
CA LEU F 235 16.81 -5.81 -0.04
C LEU F 235 16.35 -6.31 -1.39
N GLU F 236 17.27 -6.35 -2.35
CA GLU F 236 16.95 -6.93 -3.62
C GLU F 236 16.60 -8.38 -3.47
N ASN F 237 17.35 -9.07 -2.62
CA ASN F 237 17.07 -10.47 -2.35
C ASN F 237 15.75 -10.63 -1.62
N VAL F 238 15.39 -9.64 -0.81
CA VAL F 238 14.08 -9.65 -0.18
C VAL F 238 13.01 -9.56 -1.24
N GLY F 239 13.22 -8.70 -2.22
CA GLY F 239 12.34 -8.65 -3.37
C GLY F 239 12.00 -7.24 -3.81
N TYR F 240 12.82 -6.27 -3.40
CA TYR F 240 12.61 -4.92 -3.86
C TYR F 240 13.44 -4.68 -5.09
N SER F 241 12.84 -4.04 -6.08
CA SER F 241 13.47 -3.93 -7.38
C SER F 241 14.38 -2.72 -7.45
N THR F 242 13.79 -1.55 -7.58
CA THR F 242 14.54 -0.32 -7.74
C THR F 242 15.19 0.14 -6.45
N VAL F 243 16.21 -0.58 -6.01
CA VAL F 243 16.92 -0.23 -4.80
C VAL F 243 18.34 0.17 -5.12
N SER F 244 18.80 1.26 -4.55
CA SER F 244 20.14 1.74 -4.84
C SER F 244 20.85 2.25 -3.63
N SER F 245 22.16 2.09 -3.61
CA SER F 245 22.98 2.62 -2.53
C SER F 245 23.46 4.01 -2.86
N ALA F 246 23.50 4.87 -1.86
CA ALA F 246 23.87 6.26 -2.07
C ALA F 246 25.38 6.43 -2.16
N GLU F 247 25.97 6.03 -3.28
CA GLU F 247 27.40 6.17 -3.46
C GLU F 247 27.84 7.61 -3.31
N LEU F 248 28.74 7.86 -2.38
CA LEU F 248 29.16 9.22 -2.08
C LEU F 248 30.26 9.71 -2.97
N GLY F 249 29.94 9.91 -4.24
CA GLY F 249 30.88 10.46 -5.22
C GLY F 249 32.31 9.93 -5.05
N GLU F 250 33.12 10.68 -4.31
CA GLU F 250 34.53 10.35 -4.11
C GLU F 250 34.70 9.10 -3.25
N ASP F 251 35.94 8.74 -2.97
CA ASP F 251 36.21 7.59 -2.13
C ASP F 251 35.85 7.89 -0.69
N LYS F 252 34.55 7.91 -0.43
CA LYS F 252 34.02 8.30 0.85
C LYS F 252 32.90 7.35 1.25
N PRO F 253 33.27 6.18 1.75
CA PRO F 253 32.47 5.00 1.96
C PRO F 253 31.13 5.29 2.62
N SER F 254 30.10 4.70 2.02
CA SER F 254 28.73 4.63 2.55
C SER F 254 28.48 5.53 3.71
N TYR F 255 28.82 5.06 4.89
CA TYR F 255 28.43 5.70 6.14
C TYR F 255 28.68 7.19 6.20
N TYR F 256 29.56 7.69 5.35
CA TYR F 256 29.84 9.10 5.32
C TYR F 256 28.67 9.96 4.84
N VAL F 257 27.85 9.43 3.94
CA VAL F 257 26.85 10.25 3.24
C VAL F 257 26.11 11.20 4.16
N ASN F 258 25.04 10.69 4.79
CA ASN F 258 24.22 11.47 5.71
C ASN F 258 24.47 12.96 5.62
N SER F 259 25.35 13.44 6.51
CA SER F 259 25.61 14.86 6.63
C SER F 259 26.22 15.45 5.38
N VAL F 260 27.12 14.71 4.76
CA VAL F 260 27.80 15.20 3.58
C VAL F 260 26.82 15.49 2.50
N GLY F 261 25.92 14.54 2.29
CA GLY F 261 24.89 14.69 1.30
C GLY F 261 23.98 15.84 1.63
N LEU F 262 23.64 15.96 2.90
CA LEU F 262 22.73 17.00 3.32
C LEU F 262 23.29 18.36 2.96
N LEU F 263 24.56 18.56 3.25
CA LEU F 263 25.23 19.76 2.83
C LEU F 263 25.22 19.88 1.34
N LEU F 264 25.62 18.82 0.67
CA LEU F 264 25.76 18.83 -0.77
C LEU F 264 24.48 19.26 -1.46
N LYS F 265 23.34 18.79 -0.97
CA LYS F 265 22.09 19.13 -1.61
C LYS F 265 21.49 20.42 -1.11
N TYR F 266 21.33 20.53 0.19
CA TYR F 266 20.58 21.62 0.73
C TYR F 266 21.42 22.85 0.94
N GLY F 267 22.71 22.64 1.23
CA GLY F 267 23.68 23.72 1.46
C GLY F 267 23.04 25.11 1.46
N ARG F 268 23.03 25.74 0.29
CA ARG F 268 22.44 27.08 0.12
C ARG F 268 21.22 27.34 1.00
N LYS F 269 20.31 26.37 1.05
CA LYS F 269 19.13 26.47 1.89
C LYS F 269 19.50 26.86 3.30
N PHE F 270 20.51 26.21 3.83
CA PHE F 270 20.92 26.43 5.19
C PHE F 270 21.76 27.66 5.31
N GLU F 271 22.42 28.05 4.21
CA GLU F 271 23.10 29.33 4.17
C GLU F 271 22.10 30.44 4.38
N GLU F 272 20.88 30.23 3.87
CA GLU F 272 19.78 31.13 4.11
C GLU F 272 19.13 30.87 5.47
N MET F 273 18.98 29.60 5.83
CA MET F 273 18.30 29.22 7.06
C MET F 273 19.00 29.76 8.28
N PHE F 274 20.28 29.47 8.39
CA PHE F 274 21.05 29.85 9.56
C PHE F 274 21.24 31.35 9.62
N ALA F 275 21.57 31.94 8.48
CA ALA F 275 21.81 33.36 8.40
C ALA F 275 20.53 34.12 8.65
N MET G 1 8.74 -30.94 57.76
CA MET G 1 9.85 -30.06 57.40
C MET G 1 9.57 -29.31 56.13
N THR G 2 9.89 -29.92 54.99
CA THR G 2 9.72 -29.27 53.69
C THR G 2 10.23 -27.85 53.75
N LEU G 3 9.33 -26.91 53.98
CA LEU G 3 9.70 -25.53 54.18
C LEU G 3 10.30 -24.92 52.94
N THR G 4 9.46 -24.30 52.14
CA THR G 4 9.94 -23.56 50.99
C THR G 4 10.96 -22.54 51.42
N THR G 5 12.16 -22.65 50.90
CA THR G 5 13.19 -21.71 51.26
C THR G 5 13.78 -21.01 50.07
N VAL G 6 13.17 -19.90 49.69
CA VAL G 6 13.74 -19.07 48.67
C VAL G 6 14.71 -18.11 49.29
N ILE G 7 15.99 -18.36 49.05
CA ILE G 7 17.03 -17.59 49.72
C ILE G 7 17.91 -16.84 48.74
N ASP G 8 18.11 -15.58 49.03
CA ASP G 8 18.94 -14.72 48.23
C ASP G 8 20.30 -14.54 48.89
N ILE G 9 21.35 -14.87 48.15
CA ILE G 9 22.71 -14.79 48.69
C ILE G 9 23.37 -13.42 48.44
N GLY G 10 22.53 -12.40 48.25
CA GLY G 10 22.96 -11.03 47.97
C GLY G 10 24.34 -10.63 48.50
N ASN G 11 25.11 -10.03 47.61
CA ASN G 11 26.49 -9.64 47.90
C ASN G 11 26.56 -8.55 48.94
N PHE G 12 25.51 -7.76 49.07
CA PHE G 12 25.44 -6.80 50.15
C PHE G 12 24.86 -7.46 51.37
N SER G 13 23.75 -8.16 51.18
CA SER G 13 23.10 -8.85 52.27
C SER G 13 22.22 -9.94 51.74
N THR G 14 21.97 -10.93 52.57
CA THR G 14 21.16 -12.05 52.18
C THR G 14 19.77 -11.89 52.70
N LYS G 15 18.86 -12.73 52.23
CA LYS G 15 17.51 -12.70 52.74
C LYS G 15 16.75 -13.98 52.43
N TYR G 16 15.70 -14.22 53.19
CA TYR G 16 14.93 -15.44 53.09
C TYR G 16 13.45 -15.18 53.06
N ALA G 17 12.80 -15.60 51.99
CA ALA G 17 11.36 -15.48 51.88
C ALA G 17 10.66 -16.43 52.84
N TYR G 18 10.47 -15.98 54.06
CA TYR G 18 9.89 -16.81 55.09
C TYR G 18 8.39 -16.87 55.02
N LYS G 19 7.89 -17.69 54.11
CA LYS G 19 6.45 -17.82 53.88
C LYS G 19 5.65 -17.82 55.15
N ASP G 20 6.14 -18.54 56.17
CA ASP G 20 5.48 -18.61 57.47
C ASP G 20 3.99 -18.74 57.35
N LYS G 21 3.55 -19.69 56.55
CA LYS G 21 2.13 -19.91 56.36
C LYS G 21 1.41 -18.65 55.90
N LYS G 22 0.95 -17.87 56.87
CA LYS G 22 0.04 -16.77 56.62
C LYS G 22 0.72 -15.56 55.98
N GLN G 23 2.01 -15.38 56.23
CA GLN G 23 2.65 -14.17 55.75
C GLN G 23 4.15 -14.33 55.56
N ILE G 24 4.64 -13.89 54.42
CA ILE G 24 6.05 -14.01 54.12
C ILE G 24 6.87 -13.02 54.93
N LYS G 25 7.69 -13.51 55.84
CA LYS G 25 8.64 -12.68 56.58
C LYS G 25 9.98 -12.74 55.87
N VAL G 26 10.94 -11.92 56.28
CA VAL G 26 12.23 -11.97 55.60
C VAL G 26 13.38 -12.26 56.53
N GLY G 27 13.98 -13.43 56.37
CA GLY G 27 15.17 -13.77 57.13
C GLY G 27 16.41 -13.18 56.50
N SER G 28 16.70 -11.93 56.84
CA SER G 28 17.83 -11.22 56.22
C SER G 28 18.95 -10.94 57.19
N PHE G 29 20.14 -10.71 56.64
CA PHE G 29 21.30 -10.27 57.41
C PHE G 29 22.44 -9.89 56.47
N PRO G 30 23.35 -9.02 56.91
CA PRO G 30 24.54 -8.54 56.24
C PRO G 30 25.37 -9.70 55.76
N SER G 31 25.72 -9.69 54.48
CA SER G 31 26.41 -10.82 53.90
C SER G 31 27.92 -10.63 53.94
N ILE G 32 28.36 -9.58 54.61
CA ILE G 32 29.77 -9.35 54.81
C ILE G 32 30.30 -10.39 55.78
N LEU G 33 31.45 -10.96 55.47
CA LEU G 33 32.00 -12.02 56.30
C LEU G 33 33.52 -11.97 56.34
N HIS G 34 34.10 -12.69 57.28
CA HIS G 34 35.54 -12.70 57.44
C HIS G 34 36.01 -14.04 57.94
N SER G 35 37.16 -14.48 57.45
CA SER G 35 37.70 -15.77 57.80
C SER G 35 38.25 -15.82 59.22
N TYR G 36 38.77 -16.99 59.59
CA TYR G 36 39.35 -17.30 60.90
C TYR G 36 38.36 -17.30 62.04
N LYS G 37 38.26 -18.46 62.68
CA LYS G 37 37.45 -18.68 63.85
C LYS G 37 38.00 -18.00 65.10
N PRO G 38 39.26 -18.27 65.48
CA PRO G 38 39.87 -18.11 66.79
C PRO G 38 40.20 -16.66 67.09
N LEU G 39 39.19 -15.88 67.40
CA LEU G 39 39.43 -14.51 67.81
C LEU G 39 39.62 -14.43 69.31
N GLU G 40 38.53 -14.64 70.08
CA GLU G 40 38.53 -14.65 71.56
C GLU G 40 37.38 -13.83 72.13
N ASP G 41 36.73 -14.37 73.18
CA ASP G 41 35.62 -13.70 73.91
C ASP G 41 34.97 -12.60 73.10
N TYR G 42 34.18 -13.00 72.14
CA TYR G 42 33.80 -12.11 71.09
C TYR G 42 32.32 -11.69 71.10
N GLU G 43 31.45 -12.55 70.57
CA GLU G 43 30.02 -12.21 70.40
C GLU G 43 29.81 -11.25 69.22
N GLY G 44 28.56 -11.12 68.75
CA GLY G 44 28.25 -10.32 67.56
C GLY G 44 28.19 -11.18 66.30
N MET G 45 29.30 -11.31 65.58
CA MET G 45 29.35 -12.28 64.51
C MET G 45 29.36 -13.66 65.08
N GLU G 46 29.07 -14.65 64.25
CA GLU G 46 29.12 -16.01 64.71
C GLU G 46 30.09 -16.83 63.90
N ARG G 47 30.75 -17.76 64.57
CA ARG G 47 31.72 -18.62 63.94
C ARG G 47 31.05 -19.69 63.14
N VAL G 48 31.25 -19.66 61.84
CA VAL G 48 30.65 -20.67 60.99
C VAL G 48 31.70 -21.61 60.44
N GLU G 49 31.50 -22.89 60.70
CA GLU G 49 32.42 -23.90 60.23
C GLU G 49 31.69 -24.92 59.35
N TYR G 50 32.05 -24.94 58.06
CA TYR G 50 31.31 -25.74 57.10
C TYR G 50 32.14 -26.06 55.87
N ASN G 51 32.11 -27.30 55.43
CA ASN G 51 32.88 -27.74 54.27
C ASN G 51 34.35 -27.37 54.37
N GLY G 52 34.89 -27.38 55.57
CA GLY G 52 36.29 -27.04 55.76
C GLY G 52 36.52 -25.54 55.61
N LEU G 53 35.45 -24.76 55.66
CA LEU G 53 35.55 -23.32 55.56
C LEU G 53 35.29 -22.68 56.90
N ASP G 54 35.97 -21.57 57.15
CA ASP G 54 35.98 -20.99 58.47
C ASP G 54 35.78 -19.49 58.42
N TYR G 55 34.56 -19.04 58.68
CA TYR G 55 34.25 -17.62 58.60
C TYR G 55 33.39 -17.12 59.73
N TYR G 56 33.61 -15.87 60.10
CA TYR G 56 32.68 -15.12 60.91
C TYR G 56 31.63 -14.46 60.04
N VAL G 57 30.40 -14.42 60.52
CA VAL G 57 29.35 -13.67 59.84
C VAL G 57 28.47 -12.92 60.82
N GLY G 58 27.96 -11.77 60.39
CA GLY G 58 27.07 -10.97 61.23
C GLY G 58 27.49 -9.51 61.26
N GLU G 59 26.57 -8.64 61.70
CA GLU G 59 26.73 -7.19 61.65
C GLU G 59 28.12 -6.71 62.05
N THR G 60 28.64 -7.25 63.15
CA THR G 60 29.87 -6.76 63.74
C THR G 60 31.06 -6.91 62.80
N VAL G 61 30.94 -7.74 61.80
CA VAL G 61 31.98 -7.93 60.82
C VAL G 61 32.51 -6.62 60.27
N LYS G 62 31.65 -5.62 60.21
CA LYS G 62 32.06 -4.33 59.71
C LYS G 62 33.19 -3.80 60.57
N ASN G 63 33.08 -4.04 61.86
CA ASN G 63 34.11 -3.66 62.78
C ASN G 63 35.37 -4.44 62.49
N PHE G 64 35.20 -5.67 62.07
CA PHE G 64 36.33 -6.51 61.76
C PHE G 64 37.10 -5.99 60.56
N TYR G 65 36.41 -5.27 59.68
CA TYR G 65 37.06 -4.67 58.52
C TYR G 65 37.38 -3.20 58.72
N PHE G 66 37.28 -2.72 59.95
CA PHE G 66 37.39 -1.29 60.15
C PHE G 66 38.64 -0.73 59.53
N GLY G 67 38.46 0.17 58.58
CA GLY G 67 39.58 0.78 57.87
C GLY G 67 39.75 0.13 56.51
N ARG G 68 39.52 -1.17 56.45
CA ARG G 68 39.52 -1.90 55.20
C ARG G 68 38.17 -1.78 54.54
N GLU G 69 37.76 -0.56 54.25
CA GLU G 69 36.42 -0.28 53.77
C GLU G 69 36.28 -0.61 52.30
N GLU G 70 36.47 -1.86 51.97
CA GLU G 70 36.51 -2.30 50.60
C GLU G 70 36.35 -3.78 50.56
N GLN G 71 37.26 -4.47 51.22
CA GLN G 71 37.17 -5.90 51.41
C GLN G 71 35.82 -6.31 51.96
N MET G 72 35.15 -5.40 52.64
CA MET G 72 33.84 -5.67 53.21
C MET G 72 32.93 -6.43 52.24
N TYR G 73 32.98 -6.11 50.98
CA TYR G 73 32.06 -6.76 50.07
C TYR G 73 32.76 -7.65 49.10
N PHE G 74 32.14 -8.78 48.83
CA PHE G 74 32.58 -9.70 47.82
C PHE G 74 31.55 -9.73 46.70
N GLY G 75 31.62 -8.74 45.82
CA GLY G 75 30.56 -8.50 44.84
C GLY G 75 30.93 -8.99 43.46
N ASN G 76 30.13 -8.58 42.47
CA ASN G 76 30.31 -8.97 41.07
C ASN G 76 30.52 -10.46 40.93
N THR G 77 29.82 -11.21 41.73
CA THR G 77 29.91 -12.63 41.69
C THR G 77 29.05 -13.12 40.59
N ARG G 78 29.59 -13.16 39.41
CA ARG G 78 28.89 -13.75 38.28
C ARG G 78 28.91 -15.26 38.42
N LYS G 79 28.30 -15.74 39.50
CA LYS G 79 28.38 -17.12 39.96
C LYS G 79 28.26 -17.14 41.48
N GLY G 80 28.00 -18.31 42.03
CA GLY G 80 28.00 -18.49 43.47
C GLY G 80 29.43 -18.73 43.91
N HIS G 81 29.64 -18.97 45.19
CA HIS G 81 30.95 -19.29 45.72
C HIS G 81 31.85 -18.07 45.77
N MET G 82 32.80 -18.07 46.69
CA MET G 82 33.03 -19.17 47.61
C MET G 82 32.41 -18.83 48.91
N GLU G 83 32.58 -17.58 49.29
CA GLU G 83 31.98 -17.03 50.49
C GLU G 83 30.48 -17.14 50.44
N GLY G 84 29.93 -17.17 49.24
CA GLY G 84 28.51 -17.38 49.07
C GLY G 84 28.05 -18.62 49.82
N GLN G 85 28.87 -19.67 49.83
CA GLN G 85 28.51 -20.87 50.53
C GLN G 85 28.18 -20.54 51.94
N ILE G 86 29.07 -19.81 52.57
CA ILE G 86 28.90 -19.43 53.95
C ILE G 86 27.64 -18.64 54.12
N ARG G 87 27.39 -17.72 53.19
CA ARG G 87 26.20 -16.90 53.27
C ARG G 87 24.98 -17.78 53.36
N LEU G 88 24.92 -18.76 52.46
CA LEU G 88 23.82 -19.68 52.45
C LEU G 88 23.76 -20.45 53.72
N VAL G 89 24.89 -20.96 54.15
CA VAL G 89 24.91 -21.73 55.38
C VAL G 89 24.29 -20.97 56.50
N TYR G 90 24.79 -19.78 56.74
CA TYR G 90 24.35 -19.04 57.89
C TYR G 90 22.90 -18.70 57.77
N ALA G 91 22.45 -18.47 56.56
CA ALA G 91 21.04 -18.26 56.35
C ALA G 91 20.28 -19.45 56.79
N LEU G 92 20.68 -20.62 56.32
CA LEU G 92 19.96 -21.82 56.65
C LEU G 92 19.94 -21.99 58.14
N TYR G 93 21.06 -21.69 58.78
CA TYR G 93 21.13 -21.72 60.22
C TYR G 93 20.17 -20.74 60.83
N THR G 94 20.17 -19.54 60.31
CA THR G 94 19.33 -18.49 60.81
C THR G 94 17.88 -18.91 60.78
N ILE G 95 17.45 -19.38 59.64
CA ILE G 95 16.07 -19.70 59.48
C ILE G 95 15.75 -20.97 60.21
N PHE G 96 16.75 -21.83 60.33
CA PHE G 96 16.63 -22.98 61.19
C PHE G 96 16.26 -22.54 62.56
N LYS G 97 17.00 -21.59 63.08
CA LYS G 97 16.68 -21.08 64.39
C LYS G 97 15.29 -20.50 64.40
N GLU G 98 14.93 -19.79 63.34
CA GLU G 98 13.64 -19.14 63.28
C GLU G 98 12.50 -20.12 63.29
N THR G 99 12.68 -21.22 62.59
CA THR G 99 11.64 -22.20 62.49
C THR G 99 11.82 -23.30 63.50
N GLY G 100 13.06 -23.59 63.80
CA GLY G 100 13.41 -24.75 64.59
C GLY G 100 13.38 -26.01 63.71
N LYS G 101 13.61 -25.82 62.40
CA LYS G 101 13.43 -26.94 61.45
C LYS G 101 14.67 -27.21 60.60
N LYS G 102 14.72 -28.41 60.01
CA LYS G 102 15.86 -28.85 59.22
C LYS G 102 15.55 -28.87 57.74
N GLU G 103 15.43 -30.06 57.16
CA GLU G 103 15.30 -30.22 55.72
C GLU G 103 14.65 -29.05 55.08
N PHE G 104 15.37 -28.40 54.18
CA PHE G 104 14.90 -27.19 53.56
C PHE G 104 14.51 -27.44 52.13
N ASN G 105 13.49 -26.72 51.66
CA ASN G 105 13.20 -26.74 50.24
C ASN G 105 13.92 -25.61 49.53
N LEU G 106 15.21 -25.82 49.27
CA LEU G 106 16.07 -24.73 48.87
C LEU G 106 15.83 -24.25 47.48
N ILE G 107 15.56 -22.95 47.36
CA ILE G 107 15.45 -22.27 46.10
C ILE G 107 16.41 -21.09 46.07
N LEU G 108 17.36 -21.13 45.15
CA LEU G 108 18.40 -20.11 45.11
C LEU G 108 18.30 -19.27 43.87
N THR G 109 18.81 -18.06 43.95
CA THR G 109 18.79 -17.17 42.81
C THR G 109 20.19 -16.71 42.48
N CYS G 110 20.42 -16.40 41.22
CA CYS G 110 21.73 -15.94 40.78
C CYS G 110 21.62 -15.36 39.38
N PRO G 111 22.63 -14.60 38.93
CA PRO G 111 22.79 -14.04 37.61
C PRO G 111 22.47 -15.10 36.59
N TYR G 112 21.54 -14.80 35.70
CA TYR G 112 20.95 -15.83 34.86
C TYR G 112 21.97 -16.70 34.18
N GLU G 113 22.97 -16.07 33.58
CA GLU G 113 23.93 -16.82 32.79
C GLU G 113 24.79 -17.76 33.62
N SER G 114 24.80 -17.58 34.93
CA SER G 114 25.61 -18.42 35.79
C SER G 114 24.82 -19.57 36.36
N MET G 115 23.51 -19.60 36.12
CA MET G 115 22.63 -20.54 36.81
C MET G 115 23.10 -21.97 36.73
N VAL G 116 23.57 -22.38 35.56
CA VAL G 116 24.05 -23.74 35.40
C VAL G 116 25.25 -23.99 36.29
N THR G 117 26.21 -23.08 36.23
CA THR G 117 27.40 -23.19 37.05
C THR G 117 27.04 -23.21 38.51
N ASP G 118 26.13 -22.36 38.88
CA ASP G 118 25.72 -22.24 40.25
C ASP G 118 24.99 -23.45 40.73
N LYS G 119 24.20 -24.04 39.85
CA LYS G 119 23.57 -25.28 40.20
C LYS G 119 24.65 -26.29 40.54
N LYS G 120 25.65 -26.40 39.69
CA LYS G 120 26.76 -27.30 39.96
C LYS G 120 27.39 -26.97 41.30
N TYR G 121 27.63 -25.69 41.52
CA TYR G 121 28.28 -25.21 42.71
C TYR G 121 27.57 -25.65 43.97
N PHE G 122 26.32 -25.28 44.08
CA PHE G 122 25.62 -25.48 45.31
C PHE G 122 25.17 -26.90 45.46
N VAL G 123 24.85 -27.55 44.35
CA VAL G 123 24.53 -28.94 44.42
C VAL G 123 25.67 -29.73 45.00
N GLN G 124 26.86 -29.49 44.51
CA GLN G 124 28.02 -30.15 45.06
C GLN G 124 28.16 -29.87 46.55
N HIS G 125 27.97 -28.62 46.94
CA HIS G 125 28.30 -28.25 48.29
C HIS G 125 27.13 -28.20 49.24
N PHE G 126 25.91 -28.48 48.75
CA PHE G 126 24.74 -28.41 49.62
C PHE G 126 23.68 -29.45 49.34
N GLU G 127 23.65 -29.99 48.13
CA GLU G 127 22.61 -30.97 47.83
C GLU G 127 22.75 -32.20 48.70
N GLY G 128 21.69 -32.53 49.41
CA GLY G 128 21.67 -33.72 50.24
C GLY G 128 22.00 -33.40 51.69
N GLU G 129 22.37 -34.43 52.44
CA GLU G 129 22.67 -34.28 53.85
C GLU G 129 23.92 -33.45 54.07
N ARG G 130 23.83 -32.47 54.95
CA ARG G 130 24.95 -31.63 55.32
C ARG G 130 24.87 -31.25 56.79
N GLU G 131 25.98 -30.80 57.35
CA GLU G 131 25.95 -30.35 58.72
C GLU G 131 26.96 -29.25 58.97
N VAL G 132 26.62 -28.35 59.88
CA VAL G 132 27.44 -27.18 60.14
C VAL G 132 27.59 -26.95 61.61
N ILE G 133 28.74 -26.45 62.00
CA ILE G 133 28.95 -26.05 63.37
C ILE G 133 28.99 -24.55 63.46
N VAL G 134 28.08 -24.00 64.22
CA VAL G 134 28.05 -22.57 64.41
C VAL G 134 28.27 -22.24 65.87
N GLU G 135 29.31 -21.47 66.14
CA GLU G 135 29.66 -21.11 67.51
C GLU G 135 29.78 -22.32 68.41
N GLY G 136 30.27 -23.43 67.87
CA GLY G 136 30.45 -24.63 68.66
C GLY G 136 29.19 -25.51 68.69
N LYS G 137 28.11 -25.02 68.12
CA LYS G 137 26.87 -25.77 68.09
C LYS G 137 26.68 -26.44 66.74
N SER G 138 26.64 -27.76 66.75
CA SER G 138 26.46 -28.51 65.52
C SER G 138 25.05 -28.38 64.99
N PHE G 139 24.85 -28.81 63.77
CA PHE G 139 23.54 -28.73 63.14
C PHE G 139 23.50 -29.53 61.86
N LYS G 140 22.76 -30.63 61.89
CA LYS G 140 22.58 -31.46 60.72
C LYS G 140 21.34 -31.04 59.97
N PHE G 141 21.38 -31.19 58.66
CA PHE G 141 20.27 -30.76 57.83
C PHE G 141 20.41 -31.32 56.43
N THR G 142 19.43 -31.07 55.58
CA THR G 142 19.49 -31.58 54.23
C THR G 142 18.65 -30.80 53.24
N VAL G 143 19.03 -30.90 51.97
CA VAL G 143 18.24 -30.38 50.88
C VAL G 143 18.10 -31.41 49.78
N HIS G 144 16.87 -31.64 49.35
CA HIS G 144 16.64 -32.61 48.29
C HIS G 144 15.93 -31.99 47.11
N ASN G 145 16.70 -31.32 46.25
CA ASN G 145 16.27 -30.63 45.02
C ASN G 145 16.50 -29.14 45.13
N ILE G 146 17.75 -28.71 45.02
CA ILE G 146 18.02 -27.28 45.01
C ILE G 146 17.49 -26.67 43.73
N VAL G 147 16.55 -25.75 43.85
CA VAL G 147 15.98 -25.11 42.69
C VAL G 147 16.66 -23.79 42.41
N MET G 148 17.18 -23.64 41.22
CA MET G 148 17.85 -22.40 40.86
C MET G 148 16.94 -21.50 40.06
N ALA G 149 17.09 -20.19 40.24
CA ALA G 149 16.31 -19.23 39.49
C ALA G 149 17.12 -17.98 39.20
N ALA G 150 16.58 -17.11 38.36
CA ALA G 150 17.29 -15.91 37.97
C ALA G 150 17.16 -14.83 39.03
N GLU G 151 18.28 -14.24 39.41
CA GLU G 151 18.31 -13.19 40.40
C GLU G 151 17.49 -12.00 39.95
N GLY G 152 16.53 -11.61 40.78
CA GLY G 152 15.67 -10.48 40.48
C GLY G 152 14.35 -10.92 39.85
N LEU G 153 14.27 -12.18 39.45
CA LEU G 153 13.10 -12.69 38.75
C LEU G 153 11.82 -12.40 39.50
N GLY G 154 11.89 -12.49 40.83
CA GLY G 154 10.72 -12.35 41.66
C GLY G 154 9.95 -11.05 41.44
N ALA G 155 10.64 -10.01 40.96
CA ALA G 155 10.00 -8.72 40.74
C ALA G 155 8.82 -8.83 39.79
N LEU G 156 8.80 -9.90 38.99
CA LEU G 156 7.75 -10.13 38.03
C LEU G 156 6.35 -10.04 38.65
N ASN G 157 6.24 -10.36 39.94
CA ASN G 157 4.93 -10.33 40.59
C ASN G 157 4.35 -8.92 40.67
N PHE G 158 5.21 -7.91 40.57
CA PHE G 158 4.76 -6.54 40.54
C PHE G 158 4.83 -5.99 39.14
N SER G 159 5.53 -6.71 38.28
CA SER G 159 5.74 -6.28 36.92
C SER G 159 4.52 -6.56 36.05
N ASP G 160 3.57 -5.63 36.08
CA ASP G 160 2.30 -5.78 35.38
C ASP G 160 2.47 -6.28 33.96
N SER G 161 2.03 -7.52 33.73
CA SER G 161 1.98 -8.10 32.38
C SER G 161 3.29 -7.93 31.63
N LEU G 162 4.39 -8.00 32.36
CA LEU G 162 5.68 -7.73 31.76
C LEU G 162 5.98 -8.68 30.63
N ASN G 163 6.22 -8.12 29.47
CA ASN G 163 6.82 -8.86 28.38
C ASN G 163 8.17 -8.27 28.06
N CYS G 164 8.74 -7.55 29.02
CA CYS G 164 10.04 -6.94 28.84
C CYS G 164 10.97 -7.11 30.04
N VAL G 165 11.54 -6.02 30.54
CA VAL G 165 12.79 -6.11 31.27
C VAL G 165 12.70 -5.74 32.75
N ILE G 166 13.35 -6.55 33.58
CA ILE G 166 13.60 -6.23 34.98
C ILE G 166 15.04 -5.77 35.17
N VAL G 167 15.21 -4.66 35.85
CA VAL G 167 16.55 -4.14 36.14
C VAL G 167 16.87 -4.28 37.61
N ASP G 168 17.90 -5.06 37.94
CA ASP G 168 18.24 -5.36 39.32
C ASP G 168 19.46 -4.60 39.80
N ALA G 169 19.24 -3.50 40.50
CA ALA G 169 20.32 -2.64 40.95
C ALA G 169 20.86 -3.09 42.29
N GLY G 170 21.74 -4.08 42.28
CA GLY G 170 22.27 -4.62 43.54
C GLY G 170 23.71 -4.20 43.82
N SER G 171 24.13 -4.36 45.09
CA SER G 171 25.51 -4.19 45.56
C SER G 171 26.43 -3.80 44.48
N LYS G 172 27.22 -4.75 44.03
CA LYS G 172 28.06 -4.55 42.89
C LYS G 172 27.67 -5.52 41.78
N THR G 173 26.37 -5.67 41.55
CA THR G 173 25.88 -6.48 40.45
C THR G 173 24.62 -5.90 39.84
N LEU G 174 24.58 -5.83 38.52
CA LEU G 174 23.41 -5.33 37.82
C LEU G 174 22.81 -6.41 36.93
N ASN G 175 21.63 -6.90 37.26
CA ASN G 175 21.01 -7.92 36.42
C ASN G 175 19.98 -7.33 35.47
N VAL G 176 20.00 -7.77 34.23
CA VAL G 176 18.99 -7.40 33.26
C VAL G 176 18.23 -8.62 32.79
N LEU G 177 17.00 -8.75 33.26
CA LEU G 177 16.16 -9.86 32.85
C LEU G 177 15.15 -9.45 31.84
N TYR G 178 15.43 -9.77 30.60
CA TYR G 178 14.48 -9.52 29.54
C TYR G 178 13.52 -10.67 29.49
N LEU G 179 12.46 -10.55 30.25
CA LEU G 179 11.45 -11.56 30.29
C LEU G 179 10.46 -11.33 29.19
N ILE G 180 9.98 -12.41 28.60
CA ILE G 180 8.95 -12.26 27.59
C ILE G 180 7.84 -13.23 27.88
N ASN G 181 6.62 -12.72 27.94
CA ASN G 181 5.44 -13.51 28.28
C ASN G 181 5.50 -13.99 29.73
N GLY G 182 6.46 -14.84 30.03
CA GLY G 182 6.71 -15.28 31.39
C GLY G 182 7.94 -16.17 31.44
N SER G 183 8.89 -15.91 30.55
CA SER G 183 10.13 -16.68 30.54
C SER G 183 11.31 -15.77 30.32
N ILE G 184 12.50 -16.36 30.31
CA ILE G 184 13.71 -15.59 30.25
C ILE G 184 14.36 -15.67 28.88
N SER G 185 14.54 -14.52 28.25
CA SER G 185 15.20 -14.52 26.95
C SER G 185 16.69 -14.65 27.11
N LYS G 186 17.15 -15.89 27.23
CA LYS G 186 18.56 -16.18 27.39
C LYS G 186 19.42 -15.44 26.39
N MET G 187 18.98 -15.43 25.15
CA MET G 187 19.77 -14.86 24.07
C MET G 187 19.85 -13.34 24.13
N ASP G 188 19.07 -12.72 24.99
CA ASP G 188 19.11 -11.27 25.14
C ASP G 188 19.54 -10.83 26.54
N SER G 189 19.04 -11.52 27.55
CA SER G 189 19.28 -11.15 28.94
C SER G 189 20.71 -11.35 29.33
N HIS G 190 21.20 -10.55 30.28
CA HIS G 190 22.57 -10.68 30.72
C HIS G 190 22.81 -9.89 31.99
N THR G 191 23.94 -10.15 32.63
CA THR G 191 24.31 -9.45 33.86
C THR G 191 25.48 -8.52 33.63
N ILE G 192 25.47 -7.39 34.32
CA ILE G 192 26.40 -6.31 34.08
C ILE G 192 27.19 -5.95 35.33
N ASN G 193 28.48 -5.68 35.15
CA ASN G 193 29.31 -5.18 36.24
C ASN G 193 29.45 -3.66 36.14
N GLY G 194 29.56 -2.94 37.26
CA GLY G 194 29.50 -3.49 38.60
C GLY G 194 28.09 -3.34 39.17
N GLY G 195 27.93 -2.40 40.09
CA GLY G 195 26.63 -2.17 40.68
C GLY G 195 26.60 -0.94 41.58
N THR G 196 25.66 -0.95 42.51
CA THR G 196 25.33 0.20 43.33
C THR G 196 26.51 0.78 44.06
N ILE G 197 27.34 -0.08 44.62
CA ILE G 197 28.39 0.38 45.52
C ILE G 197 29.52 1.08 44.79
N ASP G 198 29.97 0.51 43.69
CA ASP G 198 31.19 0.98 43.04
C ASP G 198 31.02 2.24 42.22
N ASN G 199 29.79 2.60 41.87
CA ASN G 199 29.58 3.83 41.12
C ASN G 199 28.17 4.36 41.25
N SER G 200 27.87 5.47 40.58
CA SER G 200 26.61 6.16 40.77
C SER G 200 25.47 5.47 40.10
N ILE G 201 24.29 5.73 40.60
CA ILE G 201 23.08 5.26 39.98
C ILE G 201 23.01 5.71 38.55
N MET G 202 23.42 6.93 38.29
CA MET G 202 23.42 7.45 36.93
C MET G 202 24.41 6.69 36.09
N ASP G 203 25.55 6.36 36.68
CA ASP G 203 26.56 5.60 35.97
C ASP G 203 25.99 4.27 35.54
N LEU G 204 25.30 3.62 36.46
CA LEU G 204 24.65 2.38 36.17
C LEU G 204 23.60 2.55 35.12
N ALA G 205 22.81 3.58 35.27
CA ALA G 205 21.71 3.81 34.35
C ALA G 205 22.23 3.95 32.95
N LYS G 206 23.28 4.72 32.80
CA LYS G 206 23.85 4.93 31.49
C LYS G 206 24.51 3.66 31.00
N THR G 207 25.14 2.93 31.90
CA THR G 207 25.72 1.65 31.56
C THR G 207 24.67 0.71 31.02
N PHE G 208 23.57 0.63 31.75
CA PHE G 208 22.44 -0.17 31.35
C PHE G 208 21.99 0.18 29.96
N ALA G 209 21.81 1.47 29.73
CA ALA G 209 21.34 1.94 28.44
C ALA G 209 22.27 1.48 27.34
N LYS G 210 23.56 1.58 27.56
CA LYS G 210 24.52 1.14 26.58
C LYS G 210 24.39 -0.34 26.31
N THR G 211 24.21 -1.11 27.37
CA THR G 211 24.14 -2.55 27.25
C THR G 211 22.84 -3.03 26.67
N CYS G 212 21.81 -2.21 26.75
CA CYS G 212 20.53 -2.62 26.24
C CYS G 212 19.88 -1.54 25.43
N SER G 213 20.58 -1.09 24.41
CA SER G 213 20.04 -0.08 23.49
C SER G 213 18.90 -0.65 22.68
N ASN G 214 18.82 -1.97 22.63
CA ASN G 214 17.73 -2.66 21.96
C ASN G 214 16.40 -2.51 22.67
N ILE G 215 16.43 -1.99 23.89
CA ILE G 215 15.21 -1.73 24.62
C ILE G 215 14.54 -0.47 24.13
N ASP G 216 13.29 -0.60 23.74
CA ASP G 216 12.50 0.56 23.38
C ASP G 216 12.22 1.39 24.60
N TYR G 217 12.26 2.71 24.45
CA TYR G 217 12.06 3.60 25.58
C TYR G 217 10.70 3.42 26.24
N ASP G 218 9.75 2.86 25.50
CA ASP G 218 8.43 2.64 26.04
C ASP G 218 8.25 1.23 26.56
N TYR G 219 9.31 0.45 26.62
CA TYR G 219 9.22 -0.83 27.28
C TYR G 219 8.84 -0.63 28.71
N PRO G 220 8.11 -1.56 29.29
CA PRO G 220 7.83 -1.71 30.69
C PRO G 220 9.09 -2.14 31.40
N ILE G 221 9.75 -1.19 32.05
CA ILE G 221 10.95 -1.47 32.78
C ILE G 221 10.68 -1.49 34.25
N VAL G 222 10.95 -2.61 34.87
CA VAL G 222 10.70 -2.71 36.28
C VAL G 222 12.00 -2.82 37.04
N CYS G 223 12.20 -1.89 37.94
CA CYS G 223 13.44 -1.80 38.67
C CYS G 223 13.30 -2.36 40.07
N THR G 224 14.24 -3.21 40.44
CA THR G 224 14.25 -3.84 41.75
C THR G 224 15.63 -3.87 42.34
N GLY G 225 15.69 -4.10 43.64
CA GLY G 225 16.96 -4.23 44.32
C GLY G 225 17.48 -2.88 44.81
N GLY G 226 18.15 -2.90 45.95
CA GLY G 226 18.86 -1.74 46.46
C GLY G 226 18.12 -0.45 46.20
N LYS G 227 18.75 0.44 45.45
CA LYS G 227 18.18 1.74 45.15
C LYS G 227 17.21 1.67 44.00
N ALA G 228 16.22 0.81 44.12
CA ALA G 228 15.29 0.56 43.05
C ALA G 228 14.55 1.80 42.67
N GLU G 229 14.10 2.53 43.67
CA GLU G 229 13.29 3.71 43.43
C GLU G 229 14.10 4.79 42.76
N GLU G 230 15.28 5.03 43.29
CA GLU G 230 16.15 6.06 42.77
C GLU G 230 16.60 5.71 41.39
N MET G 231 16.87 4.44 41.18
CA MET G 231 17.25 3.95 39.88
C MET G 231 16.16 4.21 38.87
N LYS G 232 14.94 3.84 39.24
CA LYS G 232 13.80 4.10 38.40
C LYS G 232 13.73 5.56 38.05
N GLU G 233 13.87 6.41 39.07
CA GLU G 233 13.82 7.84 38.87
C GLU G 233 14.86 8.30 37.87
N CYS G 234 16.08 7.80 38.02
CA CYS G 234 17.15 8.17 37.12
C CYS G 234 16.90 7.68 35.72
N LEU G 235 16.36 6.47 35.59
CA LEU G 235 16.08 5.93 34.28
C LEU G 235 15.08 6.78 33.54
N GLU G 236 14.12 7.33 34.27
CA GLU G 236 13.20 8.27 33.66
C GLU G 236 13.94 9.47 33.16
N ASN G 237 14.90 9.94 33.94
CA ASN G 237 15.71 11.07 33.53
C ASN G 237 16.59 10.70 32.35
N VAL G 238 16.99 9.44 32.26
CA VAL G 238 17.71 8.98 31.09
C VAL G 238 16.82 9.08 29.88
N GLY G 239 15.57 8.68 30.03
CA GLY G 239 14.59 8.89 28.97
C GLY G 239 13.68 7.69 28.76
N TYR G 240 13.60 6.82 29.75
CA TYR G 240 12.68 5.71 29.64
C TYR G 240 11.38 6.09 30.27
N SER G 241 10.29 5.75 29.60
CA SER G 241 8.99 6.24 30.02
C SER G 241 8.36 5.33 31.05
N THR G 242 7.86 4.19 30.61
CA THR G 242 7.15 3.26 31.48
C THR G 242 8.09 2.50 32.39
N VAL G 243 8.65 3.19 33.37
CA VAL G 243 9.55 2.56 34.30
C VAL G 243 8.95 2.58 35.70
N SER G 244 9.01 1.46 36.38
CA SER G 244 8.41 1.38 37.70
C SER G 244 9.26 0.60 38.67
N SER G 245 9.19 0.98 39.94
CA SER G 245 9.89 0.27 40.98
C SER G 245 9.01 -0.80 41.58
N ALA G 246 9.58 -1.94 41.90
CA ALA G 246 8.82 -3.07 42.42
C ALA G 246 8.51 -2.91 43.89
N GLU G 247 7.57 -2.03 44.22
CA GLU G 247 7.21 -1.83 45.62
C GLU G 247 6.73 -3.12 46.25
N LEU G 248 7.40 -3.52 47.33
CA LEU G 248 7.11 -4.79 47.97
C LEU G 248 5.98 -4.70 48.96
N GLY G 249 4.77 -4.49 48.45
CA GLY G 249 3.56 -4.47 49.27
C GLY G 249 3.76 -3.79 50.63
N GLU G 250 4.07 -4.58 51.65
CA GLU G 250 4.24 -4.09 53.02
C GLU G 250 5.47 -3.23 53.16
N ASP G 251 5.73 -2.78 54.37
CA ASP G 251 6.93 -1.98 54.63
C ASP G 251 8.16 -2.84 54.56
N LYS G 252 8.54 -3.19 53.34
CA LYS G 252 9.62 -4.10 53.08
C LYS G 252 10.47 -3.58 51.95
N PRO G 253 11.34 -2.64 52.24
CA PRO G 253 12.06 -1.78 51.33
C PRO G 253 12.70 -2.53 50.18
N SER G 254 12.49 -1.97 48.98
CA SER G 254 13.16 -2.34 47.73
C SER G 254 13.90 -3.64 47.81
N TYR G 255 15.14 -3.56 48.27
CA TYR G 255 16.08 -4.66 48.19
C TYR G 255 15.53 -6.01 48.64
N TYR G 256 14.46 -6.00 49.41
CA TYR G 256 13.87 -7.22 49.87
C TYR G 256 13.23 -8.05 48.76
N VAL G 257 12.69 -7.40 47.73
CA VAL G 257 11.83 -8.08 46.76
C VAL G 257 12.39 -9.41 46.30
N ASN G 258 13.28 -9.37 45.30
CA ASN G 258 13.92 -10.57 44.76
C ASN G 258 13.24 -11.86 45.19
N SER G 259 13.76 -12.45 46.25
CA SER G 259 13.31 -13.74 46.72
C SER G 259 11.87 -13.72 47.18
N VAL G 260 11.49 -12.65 47.84
CA VAL G 260 10.16 -12.54 48.38
C VAL G 260 9.15 -12.60 47.27
N GLY G 261 9.41 -11.83 46.24
CA GLY G 261 8.56 -11.80 45.08
C GLY G 261 8.52 -13.14 44.41
N LEU G 262 9.67 -13.78 44.30
CA LEU G 262 9.76 -15.04 43.61
C LEU G 262 8.85 -16.04 44.27
N LEU G 263 8.91 -16.10 45.59
CA LEU G 263 7.99 -16.92 46.34
C LEU G 263 6.57 -16.49 46.09
N LEU G 264 6.32 -15.21 46.24
CA LEU G 264 4.98 -14.68 46.13
C LEU G 264 4.31 -15.05 44.82
N LYS G 265 5.08 -15.01 43.72
CA LYS G 265 4.50 -15.32 42.43
C LYS G 265 4.53 -16.80 42.11
N TYR G 266 5.69 -17.40 42.19
CA TYR G 266 5.85 -18.73 41.69
C TYR G 266 5.48 -19.77 42.71
N GLY G 267 5.69 -19.45 43.98
CA GLY G 267 5.38 -20.34 45.11
C GLY G 267 4.91 -21.72 44.66
N ARG G 268 3.59 -21.89 44.55
CA ARG G 268 2.99 -23.16 44.12
C ARG G 268 3.83 -23.93 43.10
N LYS G 269 4.34 -23.24 42.09
CA LYS G 269 5.21 -23.85 41.10
C LYS G 269 6.32 -24.65 41.74
N PHE G 270 6.93 -24.05 42.75
CA PHE G 270 8.05 -24.66 43.40
C PHE G 270 7.60 -25.68 44.41
N GLU G 271 6.38 -25.52 44.91
CA GLU G 271 5.77 -26.55 45.74
C GLU G 271 5.65 -27.82 44.94
N GLU G 272 5.39 -27.68 43.64
CA GLU G 272 5.39 -28.79 42.72
C GLU G 272 6.79 -29.16 42.28
N MET G 273 7.63 -28.16 42.03
CA MET G 273 8.98 -28.38 41.52
C MET G 273 9.83 -29.18 42.48
N PHE G 274 9.89 -28.73 43.73
CA PHE G 274 10.73 -29.35 44.72
C PHE G 274 10.19 -30.70 45.11
N ALA G 275 8.88 -30.77 45.32
CA ALA G 275 8.24 -32.00 45.73
C ALA G 275 8.31 -33.02 44.62
N MET H 1 79.59 6.54 32.92
CA MET H 1 78.82 6.07 34.05
C MET H 1 77.38 5.79 33.66
N THR H 2 76.54 6.82 33.70
CA THR H 2 75.13 6.67 33.40
C THR H 2 74.57 5.44 34.09
N LEU H 3 74.53 4.34 33.38
CA LEU H 3 74.13 3.08 33.96
C LEU H 3 72.70 3.07 34.41
N THR H 4 71.82 2.64 33.53
CA THR H 4 70.43 2.47 33.90
C THR H 4 70.33 1.57 35.09
N THR H 5 69.76 2.07 36.18
CA THR H 5 69.61 1.27 37.37
C THR H 5 68.19 1.18 37.83
N VAL H 6 67.49 0.19 37.32
CA VAL H 6 66.16 -0.09 37.81
C VAL H 6 66.26 -1.01 38.99
N ILE H 7 66.00 -0.47 40.16
CA ILE H 7 66.20 -1.21 41.39
C ILE H 7 64.94 -1.38 42.19
N ASP H 8 64.68 -2.61 42.60
CA ASP H 8 63.53 -2.97 43.39
C ASP H 8 63.92 -3.11 44.84
N ILE H 9 63.26 -2.35 45.71
CA ILE H 9 63.57 -2.36 47.14
C ILE H 9 62.75 -3.40 47.91
N GLY H 10 62.28 -4.42 47.20
CA GLY H 10 61.45 -5.49 47.74
C GLY H 10 61.62 -5.79 49.24
N ASN H 11 60.50 -5.87 49.93
CA ASN H 11 60.47 -6.08 51.36
C ASN H 11 61.00 -7.45 51.75
N PHE H 12 60.92 -8.40 50.85
CA PHE H 12 61.56 -9.68 51.09
C PHE H 12 62.99 -9.63 50.64
N SER H 13 63.20 -9.12 49.44
CA SER H 13 64.53 -9.01 48.90
C SER H 13 64.57 -7.98 47.81
N THR H 14 65.73 -7.43 47.58
CA THR H 14 65.89 -6.41 46.57
C THR H 14 66.46 -7.00 45.33
N LYS H 15 66.45 -6.23 44.25
CA LYS H 15 67.05 -6.68 43.02
C LYS H 15 67.33 -5.55 42.06
N TYR H 16 68.24 -5.80 41.13
CA TYR H 16 68.69 -4.80 40.20
C TYR H 16 68.72 -5.30 38.78
N ALA H 17 67.98 -4.64 37.90
CA ALA H 17 67.98 -4.98 36.50
C ALA H 17 69.31 -4.58 35.85
N TYR H 18 70.28 -5.48 35.94
CA TYR H 18 71.61 -5.20 35.44
C TYR H 18 71.73 -5.39 33.95
N LYS H 19 71.26 -4.41 33.20
CA LYS H 19 71.26 -4.46 31.74
C LYS H 19 72.50 -5.08 31.17
N ASP H 20 73.66 -4.69 31.72
CA ASP H 20 74.95 -5.22 31.30
C ASP H 20 75.05 -5.34 29.80
N LYS H 21 74.72 -4.26 29.11
CA LYS H 21 74.79 -4.26 27.66
C LYS H 21 73.97 -5.38 27.04
N LYS H 22 74.61 -6.53 26.87
CA LYS H 22 74.04 -7.61 26.08
C LYS H 22 72.93 -8.36 26.79
N GLN H 23 72.95 -8.38 28.11
CA GLN H 23 71.98 -9.19 28.82
C GLN H 23 71.70 -8.70 30.23
N ILE H 24 70.43 -8.60 30.57
CA ILE H 24 70.05 -8.12 31.88
C ILE H 24 70.32 -9.17 32.96
N LYS H 25 71.26 -8.89 33.84
CA LYS H 25 71.51 -9.74 35.01
C LYS H 25 70.74 -9.18 36.19
N VAL H 26 70.70 -9.90 37.30
CA VAL H 26 69.96 -9.36 38.43
C VAL H 26 70.80 -9.23 39.69
N GLY H 27 71.04 -7.99 40.09
CA GLY H 27 71.75 -7.72 41.34
C GLY H 27 70.80 -7.82 42.52
N SER H 28 70.60 -9.03 43.03
CA SER H 28 69.65 -9.24 44.11
C SER H 28 70.30 -9.64 45.42
N PHE H 29 69.57 -9.42 46.51
CA PHE H 29 69.99 -9.89 47.84
C PHE H 29 68.86 -9.69 48.83
N PRO H 30 68.84 -10.49 49.91
CA PRO H 30 67.90 -10.45 51.02
C PRO H 30 67.82 -9.06 51.59
N SER H 31 66.61 -8.55 51.72
CA SER H 31 66.42 -7.18 52.16
C SER H 31 66.23 -7.08 53.65
N ILE H 32 66.39 -8.21 54.34
CA ILE H 32 66.34 -8.23 55.78
C ILE H 32 67.56 -7.53 56.33
N LEU H 33 67.38 -6.68 57.32
CA LEU H 33 68.49 -5.91 57.86
C LEU H 33 68.34 -5.69 59.35
N HIS H 34 69.42 -5.26 59.99
CA HIS H 34 69.42 -5.05 61.43
C HIS H 34 70.33 -3.91 61.79
N SER H 35 69.93 -3.13 62.78
CA SER H 35 70.69 -1.97 63.20
C SER H 35 71.94 -2.33 63.97
N TYR H 36 72.68 -1.30 64.39
CA TYR H 36 73.94 -1.38 65.13
C TYR H 36 75.10 -1.98 64.36
N LYS H 37 76.14 -1.17 64.21
CA LYS H 37 77.39 -1.53 63.60
C LYS H 37 78.22 -2.52 64.44
N PRO H 38 78.52 -2.16 65.70
CA PRO H 38 79.60 -2.68 66.52
C PRO H 38 79.29 -4.04 67.09
N LEU H 39 79.38 -5.06 66.26
CA LEU H 39 79.20 -6.41 66.74
C LEU H 39 80.53 -6.99 67.20
N GLU H 40 81.43 -7.29 66.23
CA GLU H 40 82.79 -7.81 66.49
C GLU H 40 83.12 -8.98 65.57
N ASP H 41 84.36 -8.98 65.04
CA ASP H 41 84.89 -10.07 64.16
C ASP H 41 83.80 -10.89 63.53
N TYR H 42 83.15 -10.33 62.54
CA TYR H 42 81.89 -10.84 62.11
C TYR H 42 81.90 -11.49 60.73
N GLU H 43 81.83 -10.67 59.67
CA GLU H 43 81.71 -11.19 58.29
C GLU H 43 80.27 -11.69 58.01
N GLY H 44 79.93 -11.86 56.74
CA GLY H 44 78.57 -12.22 56.32
C GLY H 44 77.75 -10.98 55.95
N MET H 45 77.02 -10.42 56.90
CA MET H 45 76.40 -9.12 56.62
C MET H 45 77.46 -8.07 56.56
N GLU H 46 77.11 -6.93 56.01
CA GLU H 46 78.05 -5.84 55.96
C GLU H 46 77.51 -4.61 56.66
N ARG H 47 78.41 -3.88 57.29
CA ARG H 47 78.05 -2.69 58.03
C ARG H 47 77.80 -1.54 57.09
N VAL H 48 76.58 -1.07 57.06
CA VAL H 48 76.26 0.05 56.21
C VAL H 48 76.00 1.30 57.01
N GLU H 49 76.75 2.34 56.70
CA GLU H 49 76.60 3.61 57.38
C GLU H 49 76.26 4.72 56.39
N TYR H 50 75.06 5.27 56.51
CA TYR H 50 74.55 6.21 55.53
C TYR H 50 73.47 7.09 56.09
N ASN H 51 73.55 8.39 55.82
CA ASN H 51 72.57 9.36 56.32
C ASN H 51 72.36 9.25 57.81
N GLY H 52 73.41 8.93 58.56
CA GLY H 52 73.30 8.81 59.99
C GLY H 52 72.55 7.53 60.40
N LEU H 53 72.43 6.60 59.46
CA LEU H 53 71.76 5.34 59.72
C LEU H 53 72.77 4.22 59.78
N ASP H 54 72.51 3.25 60.63
CA ASP H 54 73.50 2.23 60.95
C ASP H 54 72.89 0.85 60.94
N TYR H 55 73.10 0.11 59.86
CA TYR H 55 72.50 -1.20 59.73
C TYR H 55 73.44 -2.23 59.14
N TYR H 56 73.28 -3.46 59.57
CA TYR H 56 73.84 -4.62 58.91
C TYR H 56 72.89 -5.09 57.82
N VAL H 57 73.45 -5.54 56.69
CA VAL H 57 72.65 -6.17 55.65
C VAL H 57 73.35 -7.38 55.07
N GLY H 58 72.58 -8.36 54.64
CA GLY H 58 73.15 -9.56 54.02
C GLY H 58 72.56 -10.84 54.62
N GLU H 59 72.73 -11.95 53.91
CA GLU H 59 72.12 -13.23 54.26
C GLU H 59 72.15 -13.56 55.75
N THR H 60 73.30 -13.37 56.37
CA THR H 60 73.53 -13.79 57.74
C THR H 60 72.59 -13.11 58.72
N VAL H 61 72.00 -12.00 58.32
CA VAL H 61 71.06 -11.29 59.14
C VAL H 61 70.00 -12.18 59.73
N LYS H 62 69.65 -13.23 59.02
CA LYS H 62 68.66 -14.16 59.51
C LYS H 62 69.13 -14.74 60.82
N ASN H 63 70.42 -15.01 60.91
CA ASN H 63 71.00 -15.50 62.13
C ASN H 63 70.90 -14.46 63.20
N PHE H 64 71.00 -13.21 62.80
CA PHE H 64 70.91 -12.12 63.75
C PHE H 64 69.53 -12.02 64.36
N TYR H 65 68.52 -12.48 63.63
CA TYR H 65 67.17 -12.50 64.14
C TYR H 65 66.75 -13.85 64.68
N PHE H 66 67.70 -14.75 64.86
CA PHE H 66 67.32 -16.11 65.19
C PHE H 66 66.39 -16.17 66.38
N GLY H 67 65.20 -16.68 66.16
CA GLY H 67 64.19 -16.78 67.21
C GLY H 67 63.19 -15.66 67.05
N ARG H 68 63.66 -14.49 66.66
CA ARG H 68 62.79 -13.37 66.35
C ARG H 68 62.28 -13.49 64.93
N GLU H 69 61.58 -14.58 64.64
CA GLU H 69 61.18 -14.91 63.28
C GLU H 69 59.98 -14.11 62.86
N GLU H 70 60.13 -12.81 62.83
CA GLU H 70 59.04 -11.91 62.58
C GLU H 70 59.59 -10.57 62.22
N GLN H 71 60.36 -10.01 63.13
CA GLN H 71 61.09 -8.79 62.89
C GLN H 71 61.90 -8.85 61.61
N MET H 72 62.25 -10.06 61.18
CA MET H 72 63.01 -10.26 59.96
C MET H 72 62.53 -9.39 58.82
N TYR H 73 61.23 -9.21 58.68
CA TYR H 73 60.74 -8.47 57.55
C TYR H 73 60.13 -7.17 57.96
N PHE H 74 60.38 -6.16 57.16
CA PHE H 74 59.75 -4.86 57.30
C PHE H 74 58.85 -4.62 56.10
N GLY H 75 57.66 -5.20 56.14
CA GLY H 75 56.79 -5.27 54.98
C GLY H 75 55.66 -4.25 55.03
N ASN H 76 54.68 -4.42 54.14
CA ASN H 76 53.54 -3.51 54.03
C ASN H 76 53.96 -2.07 54.02
N THR H 77 55.05 -1.80 53.36
CA THR H 77 55.55 -0.48 53.27
C THR H 77 54.83 0.22 52.18
N ARG H 78 53.68 0.78 52.50
CA ARG H 78 52.97 1.59 51.54
C ARG H 78 53.67 2.93 51.38
N LYS H 79 54.91 2.88 50.90
CA LYS H 79 55.85 3.97 50.89
C LYS H 79 57.27 3.42 51.02
N GLY H 80 58.25 4.24 50.71
CA GLY H 80 59.64 3.89 50.94
C GLY H 80 59.98 4.22 52.37
N HIS H 81 61.22 4.01 52.75
CA HIS H 81 61.69 4.35 54.09
C HIS H 81 61.17 3.38 55.14
N MET H 82 61.91 3.23 56.23
CA MET H 82 63.15 3.95 56.45
C MET H 82 64.28 3.05 56.12
N GLU H 83 64.13 1.80 56.51
CA GLU H 83 65.09 0.77 56.20
C GLU H 83 65.25 0.59 54.71
N GLY H 84 64.22 0.96 53.97
CA GLY H 84 64.29 0.95 52.53
C GLY H 84 65.51 1.72 52.04
N GLN H 85 65.83 2.83 52.71
CA GLN H 85 66.98 3.62 52.32
C GLN H 85 68.17 2.74 52.27
N ILE H 86 68.38 2.00 53.35
CA ILE H 86 69.51 1.13 53.46
C ILE H 86 69.50 0.11 52.37
N ARG H 87 68.33 -0.44 52.10
CA ARG H 87 68.21 -1.43 51.04
C ARG H 87 68.76 -0.88 49.76
N LEU H 88 68.32 0.32 49.41
CA LEU H 88 68.77 0.96 48.21
C LEU H 88 70.25 1.20 48.26
N VAL H 89 70.72 1.72 49.38
CA VAL H 89 72.14 1.98 49.51
C VAL H 89 72.93 0.77 49.19
N TYR H 90 72.65 -0.32 49.88
CA TYR H 90 73.46 -1.49 49.74
C TYR H 90 73.38 -2.02 48.35
N ALA H 91 72.23 -1.88 47.73
CA ALA H 91 72.11 -2.26 46.35
C ALA H 91 73.05 -1.46 45.53
N LEU H 92 73.03 -0.16 45.69
CA LEU H 92 73.88 0.69 44.88
C LEU H 92 75.30 0.30 45.09
N TYR H 93 75.66 0.01 46.33
CA TYR H 93 76.98 -0.47 46.64
C TYR H 93 77.27 -1.77 45.94
N THR H 94 76.32 -2.68 46.00
CA THR H 94 76.47 -3.97 45.40
C THR H 94 76.76 -3.85 43.94
N ILE H 95 75.95 -3.09 43.26
CA ILE H 95 76.07 -3.00 41.84
C ILE H 95 77.26 -2.15 41.48
N PHE H 96 77.59 -1.22 42.36
CA PHE H 96 78.83 -0.51 42.24
C PHE H 96 79.96 -1.47 42.18
N LYS H 97 80.00 -2.39 43.11
CA LYS H 97 81.03 -3.39 43.08
C LYS H 97 80.97 -4.18 41.80
N GLU H 98 79.77 -4.51 41.37
CA GLU H 98 79.60 -5.33 40.19
C GLU H 98 80.11 -4.64 38.94
N THR H 99 79.87 -3.35 38.86
CA THR H 99 80.28 -2.61 37.69
C THR H 99 81.59 -1.94 37.90
N GLY H 100 81.86 -1.56 39.13
CA GLY H 100 82.98 -0.71 39.44
C GLY H 100 82.66 0.75 39.10
N LYS H 101 81.37 1.10 39.12
CA LYS H 101 80.95 2.43 38.65
C LYS H 101 80.13 3.21 39.68
N LYS H 102 80.05 4.53 39.47
CA LYS H 102 79.37 5.43 40.40
C LYS H 102 78.05 5.91 39.84
N GLU H 103 78.00 7.20 39.46
CA GLU H 103 76.75 7.84 39.07
C GLU H 103 75.78 6.87 38.48
N PHE H 104 74.63 6.74 39.11
CA PHE H 104 73.65 5.77 38.71
C PHE H 104 72.48 6.44 38.05
N ASN H 105 71.86 5.77 37.08
CA ASN H 105 70.61 6.24 36.54
C ASN H 105 69.45 5.61 37.28
N LEU H 106 69.15 6.13 38.46
CA LEU H 106 68.28 5.43 39.38
C LEU H 106 66.84 5.46 38.97
N ILE H 107 66.27 4.26 38.86
CA ILE H 107 64.86 4.08 38.62
C ILE H 107 64.27 3.18 39.72
N LEU H 108 63.35 3.72 40.48
CA LEU H 108 62.80 3.00 41.62
C LEU H 108 61.35 2.67 41.41
N THR H 109 60.90 1.63 42.09
CA THR H 109 59.51 1.22 42.00
C THR H 109 58.89 1.17 43.37
N CYS H 110 57.59 1.38 43.41
CA CYS H 110 56.87 1.37 44.68
C CYS H 110 55.37 1.32 44.42
N PRO H 111 54.56 0.98 45.43
CA PRO H 111 53.12 0.97 45.42
C PRO H 111 52.62 2.25 44.81
N TYR H 112 51.79 2.13 43.79
CA TYR H 112 51.48 3.25 42.93
C TYR H 112 51.08 4.49 43.70
N GLU H 113 50.18 4.32 44.65
CA GLU H 113 49.63 5.47 45.36
C GLU H 113 50.67 6.18 46.22
N SER H 114 51.81 5.54 46.48
CA SER H 114 52.82 6.15 47.30
C SER H 114 53.88 6.85 46.48
N MET H 115 53.82 6.72 45.16
CA MET H 115 54.90 7.17 44.29
C MET H 115 55.32 8.60 44.55
N VAL H 116 54.36 9.47 44.75
CA VAL H 116 54.68 10.86 45.01
C VAL H 116 55.47 11.00 46.30
N THR H 117 54.96 10.37 47.35
CA THR H 117 55.62 10.39 48.64
C THR H 117 57.01 9.82 48.53
N ASP H 118 57.12 8.73 47.81
CA ASP H 118 58.37 8.05 47.67
C ASP H 118 59.35 8.85 46.87
N LYS H 119 58.86 9.57 45.87
CA LYS H 119 59.73 10.47 45.17
C LYS H 119 60.31 11.46 46.13
N LYS H 120 59.46 12.05 46.96
CA LYS H 120 59.94 12.98 47.97
C LYS H 120 60.97 12.32 48.86
N TYR H 121 60.65 11.11 49.29
CA TYR H 121 61.50 10.35 50.19
C TYR H 121 62.89 10.17 49.67
N PHE H 122 62.99 9.56 48.51
CA PHE H 122 64.26 9.17 48.00
C PHE H 122 65.00 10.34 47.40
N VAL H 123 64.26 11.26 46.82
CA VAL H 123 64.90 12.46 46.33
C VAL H 123 65.61 13.17 47.45
N GLN H 124 64.93 13.36 48.55
CA GLN H 124 65.57 13.97 49.68
C GLN H 124 66.81 13.21 50.11
N HIS H 125 66.71 11.90 50.16
CA HIS H 125 67.77 11.13 50.76
C HIS H 125 68.75 10.52 49.79
N PHE H 126 68.54 10.72 48.48
CA PHE H 126 69.43 10.14 47.49
C PHE H 126 69.69 10.99 46.27
N GLU H 127 68.80 11.91 45.96
CA GLU H 127 69.00 12.73 44.77
C GLU H 127 70.26 13.56 44.89
N GLY H 128 71.15 13.42 43.93
CA GLY H 128 72.38 14.19 43.90
C GLY H 128 73.54 13.44 44.52
N GLU H 129 74.59 14.18 44.87
CA GLU H 129 75.80 13.59 45.42
C GLU H 129 75.55 12.98 46.79
N ARG H 130 75.99 11.75 46.97
CA ARG H 130 75.88 11.06 48.24
C ARG H 130 77.09 10.17 48.47
N GLU H 131 77.31 9.76 49.70
CA GLU H 131 78.40 8.84 49.96
C GLU H 131 78.10 7.94 51.14
N VAL H 132 78.62 6.72 51.07
CA VAL H 132 78.33 5.71 52.07
C VAL H 132 79.57 5.00 52.50
N ILE H 133 79.61 4.62 53.76
CA ILE H 133 80.68 3.79 54.24
C ILE H 133 80.19 2.40 54.49
N VAL H 134 80.77 1.44 53.81
CA VAL H 134 80.41 0.07 54.01
C VAL H 134 81.58 -0.72 54.50
N GLU H 135 81.43 -1.32 55.67
CA GLU H 135 82.51 -2.08 56.29
C GLU H 135 83.79 -1.28 56.40
N GLY H 136 83.66 0.02 56.64
CA GLY H 136 84.83 0.87 56.79
C GLY H 136 85.33 1.43 55.46
N LYS H 137 84.73 0.98 54.36
CA LYS H 137 85.14 1.46 53.05
C LYS H 137 84.17 2.51 52.55
N SER H 138 84.69 3.71 52.34
CA SER H 138 83.87 4.80 51.85
C SER H 138 83.49 4.61 50.40
N PHE H 139 82.55 5.41 49.95
CA PHE H 139 82.10 5.33 48.58
C PHE H 139 81.23 6.51 48.21
N LYS H 140 81.75 7.36 47.35
CA LYS H 140 81.01 8.51 46.87
C LYS H 140 80.30 8.18 45.58
N PHE H 141 79.15 8.80 45.37
CA PHE H 141 78.34 8.49 44.21
C PHE H 141 77.26 9.54 44.04
N THR H 142 76.50 9.42 42.96
CA THR H 142 75.45 10.40 42.73
C THR H 142 74.33 9.88 41.85
N VAL H 143 73.16 10.50 41.99
CA VAL H 143 72.05 10.27 41.09
C VAL H 143 71.45 11.59 40.64
N HIS H 144 71.29 11.73 39.34
CA HIS H 144 70.70 12.94 38.81
C HIS H 144 69.47 12.67 37.98
N ASN H 145 68.34 12.53 38.69
CA ASN H 145 66.99 12.25 38.16
C ASN H 145 66.48 10.89 38.59
N ILE H 146 66.10 10.77 39.84
CA ILE H 146 65.51 9.52 40.29
C ILE H 146 64.15 9.33 39.64
N VAL H 147 64.01 8.27 38.86
CA VAL H 147 62.76 8.00 38.19
C VAL H 147 61.94 7.02 38.98
N MET H 148 60.72 7.40 39.31
CA MET H 148 59.85 6.53 40.07
C MET H 148 58.86 5.81 39.15
N ALA H 149 58.50 4.59 39.50
CA ALA H 149 57.54 3.84 38.73
C ALA H 149 56.70 2.95 39.65
N ALA H 150 55.66 2.36 39.10
CA ALA H 150 54.76 1.53 39.88
C ALA H 150 55.33 0.13 40.07
N GLU H 151 55.32 -0.33 41.31
CA GLU H 151 55.83 -1.65 41.63
C GLU H 151 55.06 -2.72 40.92
N GLY H 152 55.77 -3.56 40.17
CA GLY H 152 55.15 -4.65 39.43
C GLY H 152 54.88 -4.25 37.97
N LEU H 153 55.00 -2.97 37.67
CA LEU H 153 54.69 -2.47 36.34
C LEU H 153 55.41 -3.24 35.26
N GLY H 154 56.65 -3.62 35.53
CA GLY H 154 57.49 -4.27 34.55
C GLY H 154 56.87 -5.51 33.94
N ALA H 155 55.96 -6.16 34.66
CA ALA H 155 55.33 -7.39 34.17
C ALA H 155 54.63 -7.17 32.84
N LEU H 156 54.31 -5.91 32.54
CA LEU H 156 53.63 -5.54 31.32
C LEU H 156 54.31 -6.11 30.08
N ASN H 157 55.62 -6.29 30.13
CA ASN H 157 56.35 -6.80 28.98
C ASN H 157 55.94 -8.22 28.61
N PHE H 158 55.38 -8.96 29.58
CA PHE H 158 54.87 -10.28 29.30
C PHE H 158 53.37 -10.27 29.21
N SER H 159 52.78 -9.17 29.64
CA SER H 159 51.34 -9.03 29.67
C SER H 159 50.79 -8.69 28.30
N ASP H 160 50.56 -9.73 27.50
CA ASP H 160 50.12 -9.57 26.12
C ASP H 160 48.99 -8.57 25.99
N SER H 161 49.30 -7.43 25.35
CA SER H 161 48.29 -6.42 25.00
C SER H 161 47.39 -6.07 26.17
N LEU H 162 47.97 -6.06 27.35
CA LEU H 162 47.19 -5.85 28.55
C LEU H 162 46.48 -4.52 28.53
N ASN H 163 45.16 -4.58 28.64
CA ASN H 163 44.39 -3.40 28.95
C ASN H 163 43.72 -3.56 30.29
N CYS H 164 44.26 -4.47 31.10
CA CYS H 164 43.72 -4.72 32.42
C CYS H 164 44.79 -4.82 33.52
N VAL H 165 44.76 -5.89 34.30
CA VAL H 165 45.34 -5.85 35.62
C VAL H 165 46.55 -6.74 35.84
N ILE H 166 47.56 -6.17 36.50
CA ILE H 166 48.70 -6.93 37.03
C ILE H 166 48.54 -7.14 38.53
N VAL H 167 48.71 -8.37 38.96
CA VAL H 167 48.64 -8.70 40.38
C VAL H 167 50.01 -9.04 40.92
N ASP H 168 50.49 -8.26 41.89
CA ASP H 168 51.85 -8.42 42.41
C ASP H 168 51.86 -9.07 43.79
N ALA H 169 52.10 -10.36 43.83
CA ALA H 169 52.07 -11.11 45.08
C ALA H 169 53.41 -11.09 45.78
N GLY H 170 53.70 -10.01 46.50
CA GLY H 170 55.00 -9.88 47.16
C GLY H 170 54.94 -10.09 48.67
N SER H 171 56.12 -10.33 49.27
CA SER H 171 56.35 -10.40 50.72
C SER H 171 55.09 -10.19 51.49
N LYS H 172 54.96 -9.01 52.07
CA LYS H 172 53.74 -8.64 52.72
C LYS H 172 53.14 -7.42 52.03
N THR H 173 53.13 -7.44 50.70
CA THR H 173 52.48 -6.39 49.92
C THR H 173 51.85 -6.94 48.66
N LEU H 174 50.62 -6.53 48.40
CA LEU H 174 49.91 -6.95 47.21
C LEU H 174 49.56 -5.76 46.34
N ASN H 175 50.19 -5.65 45.17
CA ASN H 175 49.87 -4.52 44.29
C ASN H 175 48.88 -4.92 43.20
N VAL H 176 47.90 -4.05 42.96
CA VAL H 176 46.99 -4.24 41.85
C VAL H 176 47.12 -3.10 40.87
N LEU H 177 47.72 -3.37 39.72
CA LEU H 177 47.87 -2.36 38.70
C LEU H 177 46.89 -2.56 37.59
N TYR H 178 45.84 -1.76 37.61
CA TYR H 178 44.88 -1.79 36.55
C TYR H 178 45.37 -0.89 35.45
N LEU H 179 46.15 -1.48 34.56
CA LEU H 179 46.68 -0.76 33.43
C LEU H 179 45.69 -0.75 32.31
N ILE H 180 45.60 0.36 31.60
CA ILE H 180 44.74 0.40 30.44
C ILE H 180 45.50 0.97 29.28
N ASN H 181 45.49 0.25 28.17
CA ASN H 181 46.23 0.63 26.97
C ASN H 181 47.74 0.56 27.21
N GLY H 182 48.23 1.42 28.08
CA GLY H 182 49.62 1.38 28.51
C GLY H 182 49.87 2.39 29.60
N SER H 183 48.87 2.66 30.42
CA SER H 183 49.01 3.58 31.51
C SER H 183 48.34 3.05 32.75
N ILE H 184 48.43 3.82 33.83
CA ILE H 184 47.94 3.36 35.12
C ILE H 184 46.65 4.05 35.50
N SER H 185 45.60 3.26 35.72
CA SER H 185 44.35 3.85 36.14
C SER H 185 44.38 4.19 37.60
N LYS H 186 44.91 5.36 37.92
CA LYS H 186 45.01 5.84 39.29
C LYS H 186 43.73 5.68 40.05
N MET H 187 42.63 6.03 39.42
CA MET H 187 41.34 6.05 40.07
C MET H 187 40.80 4.65 40.37
N ASP H 188 41.44 3.62 39.82
CA ASP H 188 41.01 2.25 40.09
C ASP H 188 42.08 1.43 40.81
N SER H 189 43.33 1.60 40.39
CA SER H 189 44.43 0.80 40.91
C SER H 189 44.72 1.12 42.35
N HIS H 190 45.23 0.14 43.08
CA HIS H 190 45.54 0.35 44.49
C HIS H 190 46.37 -0.79 45.05
N THR H 191 46.94 -0.58 46.22
CA THR H 191 47.75 -1.59 46.87
C THR H 191 47.06 -2.14 48.11
N ILE H 192 47.25 -3.42 48.36
CA ILE H 192 46.52 -4.15 49.37
C ILE H 192 47.44 -4.77 50.40
N ASN H 193 47.05 -4.72 51.67
CA ASN H 193 47.76 -5.43 52.73
C ASN H 193 47.07 -6.75 53.05
N GLY H 194 47.81 -7.79 53.44
CA GLY H 194 49.26 -7.78 53.53
C GLY H 194 49.87 -8.39 52.27
N GLY H 195 50.38 -9.61 52.40
CA GLY H 195 50.96 -10.28 51.25
C GLY H 195 51.32 -11.73 51.54
N THR H 196 52.28 -12.24 50.77
CA THR H 196 52.62 -13.65 50.74
C THR H 196 52.95 -14.22 52.11
N ILE H 197 53.69 -13.47 52.90
CA ILE H 197 54.23 -14.03 54.12
C ILE H 197 53.17 -14.20 55.20
N ASP H 198 52.33 -13.19 55.37
CA ASP H 198 51.44 -13.16 56.52
C ASP H 198 50.21 -14.04 56.39
N ASN H 199 49.88 -14.48 55.17
CA ASN H 199 48.74 -15.37 55.00
C ASN H 199 48.81 -16.16 53.71
N SER H 200 47.80 -16.99 53.46
CA SER H 200 47.85 -17.93 52.34
C SER H 200 47.62 -17.26 51.03
N ILE H 201 48.11 -17.91 49.99
CA ILE H 201 47.85 -17.47 48.64
C ILE H 201 46.37 -17.38 48.39
N MET H 202 45.62 -18.33 48.91
CA MET H 202 44.19 -18.32 48.74
C MET H 202 43.59 -17.13 49.48
N ASP H 203 44.14 -16.83 50.64
CA ASP H 203 43.66 -15.69 51.41
C ASP H 203 43.84 -14.43 50.60
N LEU H 204 45.01 -14.30 50.00
CA LEU H 204 45.29 -13.16 49.15
C LEU H 204 44.39 -13.14 47.98
N ALA H 205 44.20 -14.30 47.35
CA ALA H 205 43.40 -14.37 46.16
C ALA H 205 42.00 -13.89 46.45
N LYS H 206 41.45 -14.36 47.55
CA LYS H 206 40.11 -13.97 47.92
C LYS H 206 40.07 -12.50 48.30
N THR H 207 41.11 -12.05 48.98
CA THR H 207 41.22 -10.64 49.32
C THR H 207 41.22 -9.79 48.08
N PHE H 208 42.03 -10.18 47.12
CA PHE H 208 42.09 -9.52 45.85
C PHE H 208 40.74 -9.42 45.22
N ALA H 209 40.04 -10.54 45.16
CA ALA H 209 38.73 -10.59 44.56
C ALA H 209 37.79 -9.60 45.21
N LYS H 210 37.82 -9.55 46.53
CA LYS H 210 36.99 -8.61 47.24
C LYS H 210 37.33 -7.18 46.87
N THR H 211 38.61 -6.90 46.77
CA THR H 211 39.06 -5.55 46.50
C THR H 211 38.85 -5.14 45.07
N CYS H 212 38.72 -6.11 44.19
CA CYS H 212 38.56 -5.79 42.79
C CYS H 212 37.46 -6.60 42.17
N SER H 213 36.27 -6.51 42.73
CA SER H 213 35.11 -7.20 42.18
C SER H 213 34.70 -6.60 40.85
N ASN H 214 35.19 -5.39 40.58
CA ASN H 214 34.93 -4.72 39.32
C ASN H 214 35.69 -5.36 38.17
N ILE H 215 36.59 -6.27 38.47
CA ILE H 215 37.29 -7.00 37.44
C ILE H 215 36.44 -8.09 36.86
N ASP H 216 36.26 -8.07 35.56
CA ASP H 216 35.57 -9.15 34.88
C ASP H 216 36.40 -10.41 34.92
N TYR H 217 35.75 -11.54 35.11
CA TYR H 217 36.47 -12.80 35.22
C TYR H 217 37.29 -13.12 33.97
N ASP H 218 36.93 -12.53 32.85
CA ASP H 218 37.65 -12.75 31.63
C ASP H 218 38.69 -11.70 31.35
N TYR H 219 38.93 -10.80 32.30
CA TYR H 219 40.04 -9.89 32.15
C TYR H 219 41.31 -10.67 32.05
N PRO H 220 42.29 -10.16 31.31
CA PRO H 220 43.65 -10.58 31.26
C PRO H 220 44.33 -10.20 32.55
N ILE H 221 44.49 -11.19 33.42
CA ILE H 221 45.14 -10.97 34.70
C ILE H 221 46.52 -11.54 34.67
N VAL H 222 47.49 -10.68 34.90
CA VAL H 222 48.86 -11.15 34.89
C VAL H 222 49.45 -11.08 36.26
N CYS H 223 49.89 -12.22 36.74
CA CYS H 223 50.39 -12.33 38.08
C CYS H 223 51.91 -12.34 38.11
N THR H 224 52.48 -11.53 38.98
CA THR H 224 53.92 -11.42 39.12
C THR H 224 54.32 -11.37 40.57
N GLY H 225 55.60 -11.61 40.82
CA GLY H 225 56.15 -11.51 42.16
C GLY H 225 56.01 -12.81 42.93
N GLY H 226 56.99 -13.08 43.78
CA GLY H 226 56.94 -14.20 44.71
C GLY H 226 56.28 -15.42 44.11
N LYS H 227 55.19 -15.84 44.71
CA LYS H 227 54.47 -17.03 44.28
C LYS H 227 53.54 -16.73 43.12
N ALA H 228 54.10 -16.18 42.06
CA ALA H 228 53.31 -15.72 40.94
C ALA H 228 52.57 -16.86 40.32
N GLU H 229 53.24 -17.98 40.13
CA GLU H 229 52.66 -19.10 39.46
C GLU H 229 51.54 -19.70 40.28
N GLU H 230 51.81 -19.89 41.57
CA GLU H 230 50.85 -20.50 42.45
C GLU H 230 49.67 -19.60 42.61
N MET H 231 49.94 -18.30 42.68
CA MET H 231 48.88 -17.33 42.76
C MET H 231 47.99 -17.39 41.56
N LYS H 232 48.59 -17.42 40.38
CA LYS H 232 47.84 -17.56 39.16
C LYS H 232 46.97 -18.79 39.22
N GLU H 233 47.57 -19.90 39.64
CA GLU H 233 46.84 -21.15 39.75
C GLU H 233 45.64 -21.01 40.66
N CYS H 234 45.83 -20.38 41.81
CA CYS H 234 44.75 -20.20 42.75
C CYS H 234 43.68 -19.28 42.21
N LEU H 235 44.09 -18.25 41.49
CA LEU H 235 43.12 -17.32 40.92
C LEU H 235 42.22 -18.02 39.93
N GLU H 236 42.78 -18.96 39.19
CA GLU H 236 41.97 -19.77 38.32
C GLU H 236 40.97 -20.55 39.12
N ASN H 237 41.39 -21.09 40.24
CA ASN H 237 40.50 -21.82 41.11
C ASN H 237 39.46 -20.90 41.72
N VAL H 238 39.82 -19.64 41.93
CA VAL H 238 38.85 -18.66 42.38
C VAL H 238 37.79 -18.47 41.32
N GLY H 239 38.22 -18.40 40.07
CA GLY H 239 37.28 -18.40 38.96
C GLY H 239 37.64 -17.40 37.88
N TYR H 240 38.89 -16.97 37.85
CA TYR H 240 39.32 -16.08 36.79
C TYR H 240 39.89 -16.90 35.67
N SER H 241 39.53 -16.54 34.46
CA SER H 241 39.86 -17.38 33.31
C SER H 241 41.23 -17.04 32.75
N THR H 242 41.31 -15.93 32.04
CA THR H 242 42.54 -15.53 31.38
C THR H 242 43.57 -14.99 32.35
N VAL H 243 44.14 -15.87 33.16
CA VAL H 243 45.15 -15.46 34.12
C VAL H 243 46.47 -16.09 33.77
N SER H 244 47.53 -15.30 33.79
CA SER H 244 48.84 -15.82 33.42
C SER H 244 49.94 -15.30 34.31
N SER H 245 50.95 -16.11 34.51
CA SER H 245 52.11 -15.71 35.28
C SER H 245 53.16 -15.12 34.37
N ALA H 246 53.83 -14.08 34.84
CA ALA H 246 54.82 -13.38 34.04
C ALA H 246 56.15 -14.12 34.00
N GLU H 247 56.21 -15.21 33.26
CA GLU H 247 57.45 -15.96 33.16
C GLU H 247 58.59 -15.11 32.65
N LEU H 248 59.65 -15.00 33.42
CA LEU H 248 60.76 -14.12 33.08
C LEU H 248 61.75 -14.77 32.16
N GLY H 249 61.34 -15.01 30.92
CA GLY H 249 62.22 -15.55 29.88
C GLY H 249 63.16 -16.62 30.39
N GLU H 250 64.38 -16.20 30.76
CA GLU H 250 65.42 -17.11 31.23
C GLU H 250 65.10 -17.73 32.57
N ASP H 251 66.01 -18.54 33.09
CA ASP H 251 65.80 -19.14 34.40
C ASP H 251 65.94 -18.09 35.49
N LYS H 252 64.92 -17.26 35.60
CA LYS H 252 64.92 -16.13 36.50
C LYS H 252 63.58 -16.03 37.21
N PRO H 253 63.38 -16.85 38.22
CA PRO H 253 62.15 -17.18 38.90
C PRO H 253 61.31 -15.96 39.22
N SER H 254 60.02 -16.08 38.88
CA SER H 254 58.95 -15.16 39.27
C SER H 254 59.43 -13.86 39.84
N TYR H 255 59.69 -13.87 41.13
CA TYR H 255 59.94 -12.66 41.90
C TYR H 255 60.93 -11.69 41.26
N TYR H 256 61.75 -12.18 40.36
CA TYR H 256 62.70 -11.34 39.69
C TYR H 256 62.08 -10.30 38.76
N VAL H 257 60.94 -10.62 38.15
CA VAL H 257 60.40 -9.80 37.06
C VAL H 257 60.43 -8.32 37.36
N ASN H 258 59.40 -7.83 38.05
CA ASN H 258 59.30 -6.42 38.43
C ASN H 258 60.26 -5.53 37.67
N SER H 259 61.41 -5.27 38.28
CA SER H 259 62.38 -4.34 37.76
C SER H 259 62.95 -4.80 36.43
N VAL H 260 63.18 -6.09 36.31
CA VAL H 260 63.79 -6.62 35.11
C VAL H 260 62.90 -6.36 33.94
N GLY H 261 61.63 -6.64 34.12
CA GLY H 261 60.64 -6.42 33.09
C GLY H 261 60.54 -4.95 32.77
N LEU H 262 60.56 -4.11 33.80
CA LEU H 262 60.41 -2.69 33.60
C LEU H 262 61.50 -2.18 32.69
N LEU H 263 62.73 -2.60 32.96
CA LEU H 263 63.82 -2.29 32.07
C LEU H 263 63.59 -2.85 30.71
N LEU H 264 63.26 -4.13 30.66
CA LEU H 264 63.10 -4.82 29.40
C LEU H 264 62.11 -4.13 28.49
N LYS H 265 61.01 -3.63 29.04
CA LYS H 265 60.01 -2.99 28.21
C LYS H 265 60.27 -1.52 28.00
N TYR H 266 60.45 -0.78 29.07
CA TYR H 266 60.49 0.66 28.96
C TYR H 266 61.86 1.16 28.63
N GLY H 267 62.88 0.44 29.10
CA GLY H 267 64.29 0.80 28.87
C GLY H 267 64.47 2.14 28.16
N ARG H 268 64.56 2.09 26.83
CA ARG H 268 64.72 3.28 26.00
C ARG H 268 64.00 4.51 26.55
N LYS H 269 62.74 4.34 26.97
CA LYS H 269 61.98 5.42 27.57
C LYS H 269 62.76 6.12 28.65
N PHE H 270 63.38 5.34 29.50
CA PHE H 270 64.10 5.86 30.63
C PHE H 270 65.46 6.35 30.22
N GLU H 271 65.99 5.80 29.13
CA GLU H 271 67.21 6.32 28.55
C GLU H 271 66.98 7.75 28.13
N GLU H 272 65.76 8.03 27.68
CA GLU H 272 65.34 9.38 27.37
C GLU H 272 64.93 10.15 28.62
N MET H 273 64.23 9.47 29.53
CA MET H 273 63.71 10.11 30.73
C MET H 273 64.79 10.64 31.62
N PHE H 274 65.75 9.80 31.95
CA PHE H 274 66.82 10.17 32.86
C PHE H 274 67.75 11.16 32.21
N ALA H 275 68.11 10.89 30.96
CA ALA H 275 69.02 11.76 30.25
C ALA H 275 68.39 13.10 29.99
N MET I 1 34.78 -5.63 102.81
CA MET I 1 36.09 -5.75 102.18
C MET I 1 35.99 -5.62 100.68
N THR I 2 35.73 -6.73 100.00
CA THR I 2 35.66 -6.75 98.55
C THR I 2 36.82 -5.98 97.96
N LEU I 3 36.60 -4.71 97.65
CA LEU I 3 37.66 -3.85 97.21
C LEU I 3 38.23 -4.28 95.87
N THR I 4 37.69 -3.72 94.81
CA THR I 4 38.24 -3.96 93.49
C THR I 4 39.69 -3.58 93.48
N THR I 5 40.55 -4.54 93.17
CA THR I 5 41.97 -4.26 93.13
C THR I 5 42.58 -4.61 91.81
N VAL I 6 42.56 -3.65 90.90
CA VAL I 6 43.27 -3.81 89.65
C VAL I 6 44.70 -3.39 89.83
N ILE I 7 45.60 -4.35 89.84
CA ILE I 7 46.98 -4.07 90.15
C ILE I 7 47.91 -4.44 89.03
N ASP I 8 48.79 -3.51 88.70
CA ASP I 8 49.77 -3.69 87.65
C ASP I 8 51.12 -4.01 88.26
N ILE I 9 51.69 -5.14 87.87
CA ILE I 9 52.97 -5.59 88.41
C ILE I 9 54.17 -5.07 87.61
N GLY I 10 53.96 -3.97 86.89
CA GLY I 10 54.96 -3.34 86.03
C GLY I 10 56.42 -3.58 86.42
N ASN I 11 57.21 -3.95 85.42
CA ASN I 11 58.61 -4.28 85.61
C ASN I 11 59.44 -3.09 86.01
N PHE I 12 58.99 -1.90 85.66
CA PHE I 12 59.63 -0.70 86.15
C PHE I 12 59.05 -0.32 87.48
N SER I 13 57.73 -0.30 87.55
CA SER I 13 57.04 0.03 88.77
C SER I 13 55.64 -0.51 88.76
N THR I 14 55.09 -0.72 89.93
CA THR I 14 53.75 -1.26 90.05
C THR I 14 52.79 -0.16 90.32
N LYS I 15 51.50 -0.48 90.23
CA LYS I 15 50.48 0.49 90.55
C LYS I 15 49.14 -0.14 90.81
N TYR I 16 48.28 0.59 91.50
CA TYR I 16 46.99 0.09 91.91
C TYR I 16 45.88 1.06 91.64
N ALA I 17 44.91 0.65 90.85
CA ALA I 17 43.75 1.47 90.58
C ALA I 17 42.87 1.58 91.81
N TYR I 18 43.17 2.54 92.66
CA TYR I 18 42.47 2.71 93.91
C TYR I 18 41.17 3.45 93.74
N LYS I 19 40.15 2.74 93.29
CA LYS I 19 38.83 3.32 93.02
C LYS I 19 38.41 4.31 94.08
N ASP I 20 38.64 3.98 95.35
CA ASP I 20 38.32 4.85 96.46
C ASP I 20 36.99 5.52 96.29
N LYS I 21 35.96 4.72 96.00
CA LYS I 21 34.62 5.25 95.82
C LYS I 21 34.58 6.35 94.77
N LYS I 22 34.79 7.59 95.20
CA LYS I 22 34.55 8.75 94.38
C LYS I 22 35.60 8.96 93.31
N GLN I 23 36.83 8.52 93.56
CA GLN I 23 37.89 8.81 92.62
C GLN I 23 39.02 7.81 92.65
N ILE I 24 39.44 7.36 91.49
CA ILE I 24 40.50 6.38 91.40
C ILE I 24 41.85 7.00 91.70
N LYS I 25 42.46 6.60 92.82
CA LYS I 25 43.83 7.00 93.15
C LYS I 25 44.77 5.92 92.66
N VAL I 26 46.07 6.17 92.72
CA VAL I 26 46.99 5.14 92.26
C VAL I 26 48.00 4.71 93.31
N GLY I 27 47.87 3.48 93.78
CA GLY I 27 48.84 2.92 94.71
C GLY I 27 50.06 2.40 93.98
N SER I 28 51.01 3.29 93.71
CA SER I 28 52.19 2.91 92.93
C SER I 28 53.47 2.94 93.74
N PHE I 29 54.47 2.21 93.24
CA PHE I 29 55.80 2.24 93.81
C PHE I 29 56.77 1.48 92.90
N PRO I 30 58.06 1.81 92.95
CA PRO I 30 59.17 1.21 92.24
C PRO I 30 59.18 -0.28 92.44
N SER I 31 59.24 -1.02 91.34
CA SER I 31 59.12 -2.47 91.43
C SER I 31 60.48 -3.13 91.49
N ILE I 32 61.52 -2.32 91.62
CA ILE I 32 62.85 -2.83 91.82
C ILE I 32 62.95 -3.44 93.20
N LEU I 33 63.56 -4.61 93.29
CA LEU I 33 63.64 -5.30 94.56
C LEU I 33 64.94 -6.07 94.70
N HIS I 34 65.24 -6.49 95.92
CA HIS I 34 66.48 -7.20 96.20
C HIS I 34 66.28 -8.21 97.30
N SER I 35 66.93 -9.35 97.18
CA SER I 35 66.78 -10.42 98.15
C SER I 35 67.50 -10.14 99.45
N TYR I 36 67.41 -11.10 100.37
CA TYR I 36 67.98 -11.05 101.72
C TYR I 36 67.38 -10.02 102.64
N LYS I 37 66.83 -10.52 103.74
CA LYS I 37 66.26 -9.72 104.80
C LYS I 37 67.32 -8.98 105.63
N PRO I 38 68.31 -9.70 106.19
CA PRO I 38 69.14 -9.33 107.31
C PRO I 38 70.23 -8.35 106.93
N LEU I 39 69.85 -7.10 106.74
CA LEU I 39 70.82 -6.06 106.47
C LEU I 39 71.32 -5.45 107.77
N GLU I 40 70.46 -4.67 108.44
CA GLU I 40 70.74 -4.03 109.75
C GLU I 40 70.32 -2.57 109.77
N ASP I 41 69.68 -2.14 110.88
CA ASP I 41 69.25 -0.74 111.11
C ASP I 41 69.11 0.04 109.83
N TYR I 42 68.05 -0.24 109.11
CA TYR I 42 67.98 0.14 107.74
C TYR I 42 66.97 1.24 107.42
N GLU I 43 65.69 0.88 107.29
CA GLU I 43 64.64 1.81 106.86
C GLU I 43 64.73 2.11 105.34
N GLY I 44 63.66 2.67 104.78
CA GLY I 44 63.57 2.89 103.33
C GLY I 44 62.83 1.74 102.62
N MET I 45 63.56 0.74 102.14
CA MET I 45 62.89 -0.46 101.67
C MET I 45 62.31 -1.20 102.82
N GLU I 46 61.40 -2.10 102.55
CA GLU I 46 60.84 -2.92 103.60
C GLU I 46 61.06 -4.38 103.34
N ARG I 47 61.28 -5.12 104.43
CA ARG I 47 61.53 -6.54 104.36
C ARG I 47 60.26 -7.28 104.12
N VAL I 48 60.18 -7.95 102.98
CA VAL I 48 59.00 -8.72 102.66
C VAL I 48 59.28 -10.19 102.71
N GLU I 49 58.52 -10.89 103.52
CA GLU I 49 58.67 -12.33 103.66
C GLU I 49 57.37 -13.05 103.30
N TYR I 50 57.40 -13.82 102.23
CA TYR I 50 56.19 -14.42 101.69
C TYR I 50 56.49 -15.63 100.83
N ASN I 51 55.73 -16.70 101.04
CA ASN I 51 55.92 -17.94 100.29
C ASN I 51 57.37 -18.42 100.32
N GLY I 52 58.05 -18.20 101.43
CA GLY I 52 59.43 -18.63 101.55
C GLY I 52 60.36 -17.75 100.74
N LEU I 53 59.88 -16.59 100.32
CA LEU I 53 60.68 -15.66 99.56
C LEU I 53 61.05 -14.46 100.40
N ASP I 54 62.23 -13.93 100.17
CA ASP I 54 62.81 -12.93 101.05
C ASP I 54 63.40 -11.77 100.28
N TYR I 55 62.66 -10.67 100.20
CA TYR I 55 63.11 -9.54 99.42
C TYR I 55 62.87 -8.20 100.11
N TYR I 56 63.76 -7.27 99.87
CA TYR I 56 63.53 -5.87 100.13
C TYR I 56 62.81 -5.21 98.97
N VAL I 57 61.89 -4.31 99.27
CA VAL I 57 61.26 -3.50 98.23
C VAL I 57 61.12 -2.06 98.66
N GLY I 58 61.19 -1.14 97.70
CA GLY I 58 61.02 0.28 97.98
C GLY I 58 62.13 1.12 97.35
N GLU I 59 61.88 2.43 97.25
CA GLU I 59 62.76 3.37 96.54
C GLU I 59 64.24 3.14 96.78
N THR I 60 64.62 2.95 98.04
CA THR I 60 66.01 2.88 98.43
C THR I 60 66.75 1.73 97.77
N VAL I 61 66.02 0.75 97.28
CA VAL I 61 66.60 -0.38 96.60
C VAL I 61 67.61 0.03 95.55
N LYS I 62 67.40 1.19 94.94
CA LYS I 62 68.30 1.68 93.94
C LYS I 62 69.68 1.82 94.53
N ASN I 63 69.72 2.28 95.77
CA ASN I 63 70.97 2.38 96.48
C ASN I 63 71.56 1.02 96.71
N PHE I 64 70.70 0.04 96.90
CA PHE I 64 71.16 -1.30 97.13
C PHE I 64 71.83 -1.87 95.89
N TYR I 65 71.45 -1.38 94.72
CA TYR I 65 72.08 -1.79 93.47
C TYR I 65 73.12 -0.83 92.99
N PHE I 66 73.55 0.10 93.82
CA PHE I 66 74.41 1.17 93.33
C PHE I 66 75.61 0.62 92.63
N GLY I 67 75.74 0.94 91.35
CA GLY I 67 76.84 0.47 90.54
C GLY I 67 76.38 -0.69 89.67
N ARG I 68 75.53 -1.53 90.22
CA ARG I 68 74.91 -2.60 89.46
C ARG I 68 73.70 -2.08 88.71
N GLU I 69 73.93 -1.11 87.84
CA GLU I 69 72.86 -0.39 87.18
C GLU I 69 72.29 -1.19 86.02
N GLU I 70 71.74 -2.34 86.35
CA GLU I 70 71.28 -3.27 85.35
C GLU I 70 70.38 -4.27 86.00
N GLN I 71 70.92 -4.96 87.00
CA GLN I 71 70.15 -5.86 87.82
C GLN I 71 68.92 -5.18 88.39
N MET I 72 68.95 -3.86 88.49
CA MET I 72 67.84 -3.10 89.01
C MET I 72 66.49 -3.57 88.45
N TYR I 73 66.45 -3.92 87.18
CA TYR I 73 65.17 -4.29 86.62
C TYR I 73 65.11 -5.74 86.26
N PHE I 74 63.96 -6.32 86.50
CA PHE I 74 63.67 -7.67 86.07
C PHE I 74 62.56 -7.63 85.03
N GLY I 75 62.96 -7.34 83.79
CA GLY I 75 62.01 -7.01 82.73
C GLY I 75 61.79 -8.18 81.78
N ASN I 76 61.15 -7.88 80.65
CA ASN I 76 60.81 -8.88 79.63
C ASN I 76 60.21 -10.12 80.22
N THR I 77 59.39 -9.92 81.22
CA THR I 77 58.74 -11.01 81.87
C THR I 77 57.55 -11.38 81.07
N ARG I 78 57.75 -12.23 80.08
CA ARG I 78 56.63 -12.76 79.31
C ARG I 78 55.91 -13.79 80.15
N LYS I 79 55.36 -13.34 81.27
CA LYS I 79 54.81 -14.16 82.34
C LYS I 79 54.99 -13.44 83.67
N GLY I 80 54.29 -13.90 84.69
CA GLY I 80 54.49 -13.40 86.03
C GLY I 80 55.64 -14.16 86.65
N HIS I 81 55.93 -13.87 87.91
CA HIS I 81 56.98 -14.59 88.63
C HIS I 81 58.36 -14.16 88.18
N MET I 82 59.34 -14.29 89.06
CA MET I 82 59.14 -14.80 90.41
C MET I 82 59.06 -13.65 91.34
N GLU I 83 59.90 -12.67 91.10
CA GLU I 83 59.92 -11.44 91.84
C GLU I 83 58.61 -10.71 91.72
N GLY I 84 57.90 -10.97 90.64
CA GLY I 84 56.57 -10.42 90.47
C GLY I 84 55.70 -10.73 91.66
N GLN I 85 55.85 -11.92 92.24
CA GLN I 85 55.06 -12.29 93.40
C GLN I 85 55.23 -11.25 94.45
N ILE I 86 56.47 -10.93 94.73
CA ILE I 86 56.79 -9.97 95.75
C ILE I 86 56.18 -8.64 95.41
N ARG I 87 56.26 -8.25 94.15
CA ARG I 87 55.70 -6.99 93.73
C ARG I 87 54.25 -6.92 94.11
N LEU I 88 53.52 -7.98 93.78
CA LEU I 88 52.13 -8.05 94.11
C LEU I 88 51.92 -8.02 95.60
N VAL I 89 52.69 -8.80 96.31
CA VAL I 89 52.57 -8.83 97.74
C VAL I 89 52.64 -7.45 98.32
N TYR I 90 53.72 -6.76 98.02
CA TYR I 90 53.96 -5.50 98.63
C TYR I 90 52.90 -4.52 98.25
N ALA I 91 52.40 -4.63 97.03
CA ALA I 91 51.30 -3.82 96.63
C ALA I 91 50.13 -4.08 97.53
N LEU I 92 49.77 -5.33 97.69
CA LEU I 92 48.62 -5.65 98.49
C LEU I 92 48.82 -5.11 99.88
N TYR I 93 50.02 -5.22 100.39
CA TYR I 93 50.35 -4.65 101.66
C TYR I 93 50.17 -3.16 101.66
N THR I 94 50.69 -2.52 100.63
CA THR I 94 50.61 -1.09 100.51
C THR I 94 49.19 -0.63 100.55
N ILE I 95 48.36 -1.24 99.75
CA ILE I 95 47.00 -0.78 99.64
C ILE I 95 46.24 -1.20 100.84
N PHE I 96 46.65 -2.30 101.45
CA PHE I 96 46.12 -2.69 102.73
C PHE I 96 46.31 -1.58 103.70
N LYS I 97 47.51 -1.06 103.77
CA LYS I 97 47.77 0.05 104.64
C LYS I 97 46.91 1.22 104.27
N GLU I 98 46.76 1.46 102.98
CA GLU I 98 46.00 2.60 102.50
C GLU I 98 44.55 2.51 102.87
N THR I 99 44.00 1.33 102.80
CA THR I 99 42.61 1.14 103.09
C THR I 99 42.39 0.70 104.50
N GLY I 100 43.34 -0.04 105.01
CA GLY I 100 43.19 -0.73 106.28
C GLY I 100 42.35 -2.00 106.10
N LYS I 101 42.37 -2.56 104.89
CA LYS I 101 41.48 -3.68 104.56
C LYS I 101 42.21 -4.92 104.05
N LYS I 102 41.52 -6.07 104.11
CA LYS I 102 42.10 -7.35 103.72
C LYS I 102 41.54 -7.84 102.40
N GLU I 103 40.71 -8.89 102.45
CA GLU I 103 40.24 -9.56 101.25
C GLU I 103 40.17 -8.64 100.08
N PHE I 104 40.93 -8.97 99.05
CA PHE I 104 41.04 -8.11 97.89
C PHE I 104 40.30 -8.71 96.71
N ASN I 105 39.74 -7.86 95.87
CA ASN I 105 39.20 -8.33 94.62
C ASN I 105 40.24 -8.23 93.52
N LEU I 106 41.15 -9.18 93.51
CA LEU I 106 42.36 -9.04 92.72
C LEU I 106 42.13 -9.18 91.23
N ILE I 107 42.54 -8.16 90.51
CA ILE I 107 42.55 -8.16 89.07
C ILE I 107 43.96 -7.85 88.56
N LEU I 108 44.56 -8.79 87.87
CA LEU I 108 45.94 -8.64 87.42
C LEU I 108 46.04 -8.53 85.93
N THR I 109 47.11 -7.91 85.47
CA THR I 109 47.33 -7.75 84.05
C THR I 109 48.67 -8.31 83.66
N CYS I 110 48.77 -8.78 82.42
CA CYS I 110 50.01 -9.35 81.94
C CYS I 110 49.96 -9.49 80.42
N PRO I 111 51.09 -9.69 79.76
CA PRO I 111 51.25 -9.95 78.35
C PRO I 111 50.25 -11.00 77.92
N TYR I 112 49.45 -10.66 76.92
CA TYR I 112 48.27 -11.44 76.63
C TYR I 112 48.54 -12.92 76.53
N GLU I 113 49.57 -13.28 75.79
CA GLU I 113 49.85 -14.68 75.52
C GLU I 113 50.25 -15.46 76.77
N SER I 114 50.60 -14.76 77.84
CA SER I 114 51.02 -15.41 79.06
C SER I 114 49.88 -15.57 80.04
N MET I 115 48.73 -14.99 79.73
CA MET I 115 47.64 -14.88 80.70
C MET I 115 47.27 -16.20 81.35
N VAL I 116 47.23 -17.25 80.56
CA VAL I 116 46.91 -18.56 81.10
C VAL I 116 47.95 -19.00 82.10
N THR I 117 49.21 -18.89 81.70
CA THR I 117 50.31 -19.25 82.57
C THR I 117 50.28 -18.44 83.83
N ASP I 118 50.03 -17.17 83.67
CA ASP I 118 50.03 -16.26 84.79
C ASP I 118 48.88 -16.53 85.72
N LYS I 119 47.74 -16.91 85.16
CA LYS I 119 46.66 -17.32 86.00
C LYS I 119 47.10 -18.46 86.86
N LYS I 120 47.73 -19.46 86.25
CA LYS I 120 48.24 -20.58 87.01
C LYS I 120 49.20 -20.10 88.08
N TYR I 121 50.10 -19.22 87.69
CA TYR I 121 51.12 -18.69 88.57
C TYR I 121 50.55 -18.09 89.81
N PHE I 122 49.71 -17.09 89.63
CA PHE I 122 49.26 -16.31 90.75
C PHE I 122 48.19 -17.02 91.51
N VAL I 123 47.38 -17.81 90.81
CA VAL I 123 46.40 -18.61 91.50
C VAL I 123 47.07 -19.52 92.49
N GLN I 124 48.09 -20.21 92.04
CA GLN I 124 48.82 -21.07 92.94
C GLN I 124 49.38 -20.29 94.12
N HIS I 125 49.94 -19.13 93.86
CA HIS I 125 50.67 -18.45 94.89
C HIS I 125 49.89 -17.36 95.61
N PHE I 126 48.65 -17.12 95.20
CA PHE I 126 47.87 -16.05 95.83
C PHE I 126 46.39 -16.35 95.99
N GLU I 127 45.86 -17.25 95.19
CA GLU I 127 44.42 -17.52 95.29
C GLU I 127 44.09 -18.10 96.65
N GLY I 128 43.16 -17.45 97.34
CA GLY I 128 42.70 -17.93 98.64
C GLY I 128 43.43 -17.24 99.78
N GLU I 129 43.36 -17.85 100.96
CA GLU I 129 43.96 -17.29 102.15
C GLU I 129 45.47 -17.27 102.06
N ARG I 130 46.06 -16.13 102.35
CA ARG I 130 47.51 -15.97 102.37
C ARG I 130 47.93 -15.01 103.48
N GLU I 131 49.20 -15.04 103.86
CA GLU I 131 49.66 -14.10 104.85
C GLU I 131 51.12 -13.75 104.63
N VAL I 132 51.48 -12.53 104.97
CA VAL I 132 52.81 -12.01 104.71
C VAL I 132 53.35 -11.28 105.91
N ILE I 133 54.64 -11.40 106.11
CA ILE I 133 55.28 -10.61 107.14
C ILE I 133 56.10 -9.52 106.52
N VAL I 134 55.78 -8.30 106.84
CA VAL I 134 56.52 -7.17 106.34
C VAL I 134 57.16 -6.42 107.47
N GLU I 135 58.48 -6.30 107.43
CA GLU I 135 59.22 -5.64 108.50
C GLU I 135 58.87 -6.18 109.87
N GLY I 136 58.60 -7.47 109.96
CA GLY I 136 58.29 -8.08 111.24
C GLY I 136 56.80 -8.02 111.57
N LYS I 137 56.04 -7.32 110.75
CA LYS I 137 54.61 -7.22 110.97
C LYS I 137 53.84 -8.18 110.09
N SER I 138 53.13 -9.10 110.71
CA SER I 138 52.36 -10.08 109.98
C SER I 138 51.15 -9.45 109.34
N PHE I 139 50.52 -10.19 108.44
CA PHE I 139 49.35 -9.70 107.75
C PHE I 139 48.65 -10.81 107.00
N LYS I 140 47.48 -11.18 107.48
CA LYS I 140 46.67 -12.19 106.83
C LYS I 140 45.70 -11.56 105.87
N PHE I 141 45.39 -12.26 104.79
CA PHE I 141 44.53 -11.72 103.76
C PHE I 141 44.08 -12.80 102.82
N THR I 142 43.24 -12.46 101.87
CA THR I 142 42.76 -13.46 100.94
C THR I 142 42.26 -12.88 99.63
N VAL I 143 42.28 -13.72 98.59
CA VAL I 143 41.67 -13.38 97.32
C VAL I 143 40.80 -14.52 96.83
N HIS I 144 39.58 -14.24 96.47
CA HIS I 144 38.69 -15.26 95.97
C HIS I 144 38.18 -14.93 94.58
N ASN I 145 39.00 -15.26 93.58
CA ASN I 145 38.76 -15.07 92.13
C ASN I 145 39.74 -14.08 91.54
N ILE I 146 40.97 -14.49 91.36
CA ILE I 146 41.93 -13.62 90.69
C ILE I 146 41.55 -13.46 89.23
N VAL I 147 41.27 -12.24 88.83
CA VAL I 147 40.88 -11.98 87.45
C VAL I 147 42.07 -11.52 86.65
N MET I 148 42.35 -12.22 85.57
CA MET I 148 43.48 -11.85 84.73
C MET I 148 43.01 -11.06 83.53
N ALA I 149 43.85 -10.14 83.08
CA ALA I 149 43.54 -9.34 81.90
C ALA I 149 44.80 -9.02 81.13
N ALA I 150 44.64 -8.46 79.93
CA ALA I 150 45.77 -8.16 79.08
C ALA I 150 46.42 -6.84 79.48
N GLU I 151 47.74 -6.87 79.63
CA GLU I 151 48.49 -5.69 80.02
C GLU I 151 48.32 -4.59 78.99
N GLY I 152 47.89 -3.42 79.44
CA GLY I 152 47.69 -2.28 78.57
C GLY I 152 46.23 -2.16 78.12
N LEU I 153 45.45 -3.20 78.35
CA LEU I 153 44.08 -3.25 77.89
C LEU I 153 43.30 -2.01 78.31
N GLY I 154 43.56 -1.53 79.51
CA GLY I 154 42.82 -0.43 80.08
C GLY I 154 42.80 0.82 79.22
N ALA I 155 43.80 0.98 78.36
CA ALA I 155 43.90 2.16 77.50
C ALA I 155 42.67 2.31 76.61
N LEU I 156 41.95 1.21 76.41
CA LEU I 156 40.76 1.18 75.59
C LEU I 156 39.77 2.28 75.98
N ASN I 157 39.75 2.67 77.25
CA ASN I 157 38.81 3.69 77.70
C ASN I 157 39.06 5.04 77.04
N PHE I 158 40.28 5.25 76.56
CA PHE I 158 40.59 6.48 75.85
C PHE I 158 40.66 6.22 74.36
N SER I 159 40.70 4.95 74.01
CA SER I 159 40.84 4.55 72.63
C SER I 159 39.50 4.63 71.90
N ASP I 160 39.20 5.82 71.40
CA ASP I 160 37.93 6.09 70.76
C ASP I 160 37.53 5.02 69.76
N SER I 161 36.48 4.27 70.10
CA SER I 161 35.88 3.29 69.20
C SER I 161 36.92 2.37 68.57
N LEU I 162 37.93 2.04 69.33
CA LEU I 162 39.03 1.28 68.79
C LEU I 162 38.59 -0.07 68.28
N ASN I 163 38.84 -0.30 67.00
CA ASN I 163 38.75 -1.63 66.45
C ASN I 163 40.12 -2.09 66.00
N CYS I 164 41.16 -1.45 66.55
CA CYS I 164 42.52 -1.80 66.21
C CYS I 164 43.45 -1.91 67.44
N VAL I 165 44.58 -1.22 67.40
CA VAL I 165 45.72 -1.63 68.19
C VAL I 165 46.13 -0.66 69.30
N ILE I 166 46.42 -1.24 70.48
CA ILE I 166 47.06 -0.53 71.57
C ILE I 166 48.53 -0.90 71.64
N VAL I 167 49.39 0.10 71.72
CA VAL I 167 50.82 -0.12 71.86
C VAL I 167 51.30 0.25 73.24
N ASP I 168 51.83 -0.72 73.98
CA ASP I 168 52.23 -0.52 75.37
C ASP I 168 53.74 -0.42 75.53
N ALA I 169 54.25 0.80 75.60
CA ALA I 169 55.68 1.03 75.68
C ALA I 169 56.18 1.00 77.11
N GLY I 170 56.39 -0.20 77.66
CA GLY I 170 56.81 -0.32 79.06
C GLY I 170 58.28 -0.68 79.23
N SER I 171 58.80 -0.45 80.45
CA SER I 171 60.13 -0.87 80.90
C SER I 171 60.89 -1.58 79.84
N LYS I 172 60.97 -2.88 79.97
CA LYS I 172 61.56 -3.69 78.93
C LYS I 172 60.52 -4.66 78.40
N THR I 173 59.31 -4.16 78.16
CA THR I 173 58.27 -4.97 77.53
C THR I 173 57.39 -4.13 76.62
N LEU I 174 57.14 -4.63 75.42
CA LEU I 174 56.27 -3.95 74.48
C LEU I 174 55.05 -4.79 74.14
N ASN I 175 53.88 -4.36 74.57
CA ASN I 175 52.67 -5.12 74.26
C ASN I 175 51.92 -4.55 73.07
N VAL I 176 51.49 -5.44 72.18
CA VAL I 176 50.64 -5.04 71.08
C VAL I 176 49.28 -5.70 71.18
N LEU I 177 48.27 -4.92 71.54
CA LEU I 177 46.93 -5.45 71.65
C LEU I 177 46.09 -5.06 70.47
N TYR I 178 45.91 -5.98 69.56
CA TYR I 178 45.06 -5.75 68.44
C TYR I 178 43.65 -6.09 68.85
N LEU I 179 42.98 -5.08 69.37
CA LEU I 179 41.61 -5.24 69.79
C LEU I 179 40.69 -5.03 68.64
N ILE I 180 39.62 -5.79 68.58
CA ILE I 180 38.63 -5.57 67.55
C ILE I 180 37.26 -5.54 68.16
N ASN I 181 36.53 -4.48 67.87
CA ASN I 181 35.20 -4.26 68.44
C ASN I 181 35.28 -4.01 69.94
N GLY I 182 35.71 -5.01 70.69
CA GLY I 182 35.95 -4.86 72.11
C GLY I 182 36.55 -6.14 72.68
N SER I 183 37.30 -6.86 71.87
CA SER I 183 37.94 -8.09 72.32
C SER I 183 39.35 -8.17 71.80
N ILE I 184 40.04 -9.24 72.17
CA ILE I 184 41.44 -9.38 71.85
C ILE I 184 41.67 -10.37 70.75
N SER I 185 42.28 -9.94 69.65
CA SER I 185 42.58 -10.86 68.58
C SER I 185 43.78 -11.69 68.90
N LYS I 186 43.56 -12.77 69.63
CA LYS I 186 44.63 -13.68 70.02
C LYS I 186 45.53 -14.05 68.87
N MET I 187 44.93 -14.35 67.75
CA MET I 187 45.66 -14.85 66.60
C MET I 187 46.53 -13.77 65.93
N ASP I 188 46.35 -12.52 66.34
CA ASP I 188 47.17 -11.45 65.78
C ASP I 188 48.03 -10.75 66.84
N SER I 189 47.46 -10.53 68.02
CA SER I 189 48.11 -9.78 69.08
C SER I 189 49.29 -10.54 69.64
N HIS I 190 50.28 -9.81 70.13
CA HIS I 190 51.46 -10.44 70.69
C HIS I 190 52.31 -9.45 71.45
N THR I 191 53.25 -9.97 72.24
CA THR I 191 54.14 -9.13 73.02
C THR I 191 55.56 -9.20 72.48
N ILE I 192 56.26 -8.08 72.55
CA ILE I 192 57.55 -7.91 71.90
C ILE I 192 58.64 -7.54 72.90
N ASN I 193 59.82 -8.12 72.73
CA ASN I 193 60.98 -7.73 73.51
C ASN I 193 61.86 -6.76 72.71
N GLY I 194 62.53 -5.81 73.37
CA GLY I 194 62.45 -5.58 74.80
C GLY I 194 61.48 -4.47 75.11
N GLY I 195 62.00 -3.31 75.47
CA GLY I 195 61.14 -2.17 75.76
C GLY I 195 61.92 -0.88 75.96
N THR I 196 61.32 0.04 76.70
CA THR I 196 61.79 1.39 76.85
C THR I 196 63.23 1.49 77.32
N ILE I 197 63.59 0.66 78.28
CA ILE I 197 64.86 0.82 78.94
C ILE I 197 66.03 0.40 78.08
N ASP I 198 65.90 -0.75 77.41
CA ASP I 198 67.03 -1.36 76.74
C ASP I 198 67.38 -0.72 75.39
N ASN I 199 66.47 0.06 74.82
CA ASN I 199 66.78 0.72 73.56
C ASN I 199 65.88 1.92 73.30
N SER I 200 66.08 2.58 72.17
CA SER I 200 65.42 3.84 71.90
C SER I 200 63.98 3.67 71.53
N ILE I 201 63.23 4.73 71.75
CA ILE I 201 61.84 4.77 71.33
C ILE I 201 61.74 4.50 69.86
N MET I 202 62.67 5.04 69.09
CA MET I 202 62.65 4.82 67.66
C MET I 202 62.94 3.37 67.35
N ASP I 203 63.84 2.77 68.13
CA ASP I 203 64.15 1.37 67.95
C ASP I 203 62.91 0.53 68.16
N LEU I 204 62.18 0.85 69.20
CA LEU I 204 60.95 0.17 69.48
C LEU I 204 59.95 0.40 68.39
N ALA I 205 59.84 1.65 67.97
CA ALA I 205 58.86 2.01 66.97
C ALA I 205 59.09 1.20 65.72
N LYS I 206 60.34 1.12 65.29
CA LYS I 206 60.67 0.40 64.11
C LYS I 206 60.48 -1.10 64.32
N THR I 207 60.81 -1.57 65.52
CA THR I 207 60.57 -2.95 65.88
C THR I 207 59.10 -3.27 65.76
N PHE I 208 58.28 -2.43 66.34
CA PHE I 208 56.85 -2.55 66.28
C PHE I 208 56.38 -2.67 64.86
N ALA I 209 56.85 -1.75 64.02
CA ALA I 209 56.45 -1.74 62.63
C ALA I 209 56.76 -3.05 61.96
N LYS I 210 57.95 -3.57 62.22
CA LYS I 210 58.34 -4.84 61.64
C LYS I 210 57.41 -5.94 62.09
N THR I 211 57.06 -5.93 63.37
CA THR I 211 56.26 -6.99 63.95
C THR I 211 54.81 -6.88 63.55
N CYS I 212 54.38 -5.70 63.15
CA CYS I 212 53.00 -5.52 62.79
C CYS I 212 52.85 -4.75 61.51
N SER I 213 53.47 -5.26 60.45
CA SER I 213 53.36 -4.65 59.14
C SER I 213 51.95 -4.79 58.59
N ASN I 214 51.20 -5.71 59.17
CA ASN I 214 49.80 -5.92 58.80
C ASN I 214 48.91 -4.78 59.25
N ILE I 215 49.44 -3.89 60.08
CA ILE I 215 48.68 -2.72 60.49
C ILE I 215 48.68 -1.67 59.42
N ASP I 216 47.50 -1.25 59.02
CA ASP I 216 47.35 -0.15 58.09
C ASP I 216 47.78 1.14 58.75
N TYR I 217 48.46 1.99 58.00
CA TYR I 217 48.98 3.24 58.54
C TYR I 217 47.87 4.13 59.09
N ASP I 218 46.65 3.92 58.63
CA ASP I 218 45.54 4.71 59.10
C ASP I 218 44.76 4.03 60.21
N TYR I 219 45.26 2.92 60.72
CA TYR I 219 44.66 2.34 61.90
C TYR I 219 44.72 3.32 63.02
N PRO I 220 43.75 3.30 63.91
CA PRO I 220 43.72 3.96 65.19
C PRO I 220 44.68 3.28 66.11
N ILE I 221 45.84 3.88 66.29
CA ILE I 221 46.86 3.36 67.17
C ILE I 221 46.91 4.13 68.44
N VAL I 222 46.68 3.46 69.53
CA VAL I 222 46.70 4.13 70.81
C VAL I 222 47.87 3.69 71.64
N CYS I 223 48.69 4.65 72.00
CA CYS I 223 49.92 4.35 72.70
C CYS I 223 49.79 4.64 74.18
N THR I 224 50.21 3.68 74.99
CA THR I 224 50.15 3.79 76.44
C THR I 224 51.41 3.30 77.08
N GLY I 225 51.59 3.66 78.34
CA GLY I 225 52.72 3.19 79.11
C GLY I 225 53.94 4.08 78.94
N GLY I 226 54.71 4.20 80.01
CA GLY I 226 56.00 4.88 79.96
C GLY I 226 56.00 6.09 79.07
N LYS I 227 56.83 6.06 78.04
CA LYS I 227 56.97 7.16 77.12
C LYS I 227 55.89 7.13 76.06
N ALA I 228 54.64 7.11 76.49
CA ALA I 228 53.53 6.95 75.59
C ALA I 228 53.48 8.08 74.60
N GLU I 229 53.66 9.30 75.09
CA GLU I 229 53.54 10.46 74.25
C GLU I 229 54.65 10.50 73.23
N GLU I 230 55.87 10.27 73.69
CA GLU I 230 57.01 10.33 72.81
C GLU I 230 56.94 9.22 71.80
N MET I 231 56.47 8.07 72.25
CA MET I 231 56.28 6.95 71.36
C MET I 231 55.31 7.28 70.28
N LYS I 232 54.17 7.84 70.67
CA LYS I 232 53.18 8.28 69.70
C LYS I 232 53.81 9.21 68.70
N GLU I 233 54.55 10.18 69.21
CA GLU I 233 55.21 11.15 68.36
C GLU I 233 56.13 10.47 67.35
N CYS I 234 56.92 9.52 67.83
CA CYS I 234 57.83 8.81 66.94
C CYS I 234 57.09 7.98 65.93
N LEU I 235 56.00 7.36 66.34
CA LEU I 235 55.22 6.54 65.43
C LEU I 235 54.68 7.37 64.28
N GLU I 236 54.31 8.60 64.58
CA GLU I 236 53.89 9.51 63.53
C GLU I 236 55.04 9.74 62.58
N ASN I 237 56.24 9.90 63.13
CA ASN I 237 57.40 10.09 62.30
C ASN I 237 57.72 8.85 61.51
N VAL I 238 57.40 7.68 62.07
CA VAL I 238 57.53 6.45 61.32
C VAL I 238 56.61 6.46 60.13
N GLY I 239 55.39 6.92 60.34
CA GLY I 239 54.47 7.14 59.24
C GLY I 239 53.05 6.69 59.54
N TYR I 240 52.73 6.54 60.81
CA TYR I 240 51.37 6.19 61.17
C TYR I 240 50.59 7.45 61.44
N SER I 241 49.38 7.50 60.92
CA SER I 241 48.62 8.73 60.94
C SER I 241 47.82 8.88 62.22
N THR I 242 46.75 8.14 62.33
CA THR I 242 45.85 8.24 63.47
C THR I 242 46.41 7.58 64.71
N VAL I 243 47.43 8.20 65.29
CA VAL I 243 48.05 7.67 66.49
C VAL I 243 47.83 8.62 67.64
N SER I 244 47.44 8.09 68.78
CA SER I 244 47.14 8.93 69.93
C SER I 244 47.65 8.34 71.22
N SER I 245 48.03 9.20 72.15
CA SER I 245 48.46 8.77 73.45
C SER I 245 47.29 8.75 74.41
N ALA I 246 47.25 7.75 75.28
CA ALA I 246 46.13 7.59 76.20
C ALA I 246 46.24 8.51 77.39
N GLU I 247 45.98 9.80 77.18
CA GLU I 247 46.04 10.75 78.28
C GLU I 247 45.11 10.36 79.41
N LEU I 248 45.68 10.19 80.60
CA LEU I 248 44.90 9.71 81.74
C LEU I 248 44.20 10.82 82.47
N GLY I 249 43.20 11.41 81.82
CA GLY I 249 42.35 12.43 82.43
C GLY I 249 43.14 13.41 83.31
N GLU I 250 43.18 13.12 84.61
CA GLU I 250 43.84 13.98 85.59
C GLU I 250 45.35 14.00 85.42
N ASP I 251 46.04 14.72 86.29
CA ASP I 251 47.49 14.75 86.24
C ASP I 251 48.07 13.43 86.69
N LYS I 252 47.96 12.45 85.81
CA LYS I 252 48.36 11.09 86.11
C LYS I 252 49.11 10.50 84.94
N PRO I 253 50.38 10.84 84.83
CA PRO I 253 51.25 10.67 83.69
C PRO I 253 51.18 9.28 83.07
N SER I 254 51.05 9.26 81.75
CA SER I 254 51.17 8.09 80.89
C SER I 254 51.15 6.79 81.62
N TYR I 255 52.31 6.38 82.10
CA TYR I 255 52.51 5.03 82.63
C TYR I 255 51.45 4.57 83.62
N TYR I 256 50.71 5.49 84.19
CA TYR I 256 49.68 5.14 85.12
C TYR I 256 48.50 4.41 84.49
N VAL I 257 48.19 4.72 83.23
CA VAL I 257 46.93 4.27 82.63
C VAL I 257 46.63 2.81 82.90
N ASN I 258 47.19 1.92 82.09
CA ASN I 258 47.01 0.48 82.23
C ASN I 258 45.87 0.10 83.16
N SER I 259 46.21 -0.14 84.42
CA SER I 259 45.26 -0.61 85.40
C SER I 259 44.16 0.38 85.67
N VAL I 260 44.52 1.65 85.71
CA VAL I 260 43.56 2.69 86.02
C VAL I 260 42.48 2.70 84.99
N GLY I 261 42.89 2.66 83.74
CA GLY I 261 41.96 2.64 82.63
C GLY I 261 41.12 1.40 82.68
N LEU I 262 41.74 0.28 82.98
CA LEU I 262 41.02 -0.98 82.99
C LEU I 262 39.87 -0.92 83.96
N LEU I 263 40.15 -0.41 85.15
CA LEU I 263 39.11 -0.17 86.11
C LEU I 263 38.09 0.79 85.58
N LEU I 264 38.57 1.92 85.08
CA LEU I 264 37.71 2.97 84.62
C LEU I 264 36.70 2.48 83.58
N LYS I 265 37.14 1.63 82.68
CA LYS I 265 36.24 1.15 81.64
C LYS I 265 35.45 -0.07 82.05
N TYR I 266 36.13 -1.09 82.51
CA TYR I 266 35.48 -2.36 82.71
C TYR I 266 34.84 -2.45 84.06
N GLY I 267 35.43 -1.77 85.04
CA GLY I 267 34.93 -1.75 86.43
C GLY I 267 33.74 -2.68 86.65
N ARG I 268 32.54 -2.15 86.52
CA ARG I 268 31.30 -2.91 86.68
C ARG I 268 31.41 -4.36 86.24
N LYS I 269 32.00 -4.59 85.06
CA LYS I 269 32.21 -5.94 84.56
C LYS I 269 32.85 -6.82 85.59
N PHE I 270 33.87 -6.30 86.25
CA PHE I 270 34.62 -7.05 87.20
C PHE I 270 33.91 -7.10 88.53
N GLU I 271 33.07 -6.10 88.78
CA GLU I 271 32.19 -6.14 89.95
C GLU I 271 31.28 -7.34 89.84
N GLU I 272 30.90 -7.67 88.61
CA GLU I 272 30.15 -8.87 88.33
C GLU I 272 31.04 -10.09 88.24
N MET I 273 32.21 -9.93 87.61
CA MET I 273 33.13 -11.05 87.38
C MET I 273 33.62 -11.65 88.68
N PHE I 274 34.14 -10.82 89.55
CA PHE I 274 34.72 -11.29 90.79
C PHE I 274 33.65 -11.79 91.72
N ALA I 275 32.56 -11.03 91.84
CA ALA I 275 31.48 -11.39 92.72
C ALA I 275 30.80 -12.65 92.23
#